data_9W1C
#
_entry.id   9W1C
#
_cell.length_a   1.00
_cell.length_b   1.00
_cell.length_c   1.00
_cell.angle_alpha   90.00
_cell.angle_beta   90.00
_cell.angle_gamma   90.00
#
_symmetry.space_group_name_H-M   'P 1'
#
loop_
_entity.id
_entity.type
_entity.pdbx_description
1 polymer 'Light-harvesting protein B:800-850 subunit beta'
2 polymer 'Light-harvesting protein B-800/850 alpha chain'
3 non-polymer 'BACTERIOCHLOROPHYLL A'
4 non-polymer Phytoene
5 water water
#
loop_
_entity_poly.entity_id
_entity_poly.type
_entity_poly.pdbx_seq_one_letter_code
_entity_poly.pdbx_strand_id
1 'polypeptide(L)' MYDNSISGLTEEQAKEFHEQFKTTFTVFMVLAAAAHFLVFLWRPFY A,D,G,J,M,P,S,V
2 'polypeptide(L)' MSEYRPSKPSNPRDDWKLWLVVNPGTWLMPILMAVLVVALVVHAFVYSNDNYNPLTFDASAEVAAEEAAE C,E,H,K,N,Q,T,W
#
loop_
_chem_comp.id
_chem_comp.type
_chem_comp.name
_chem_comp.formula
A1MBA non-polymer Phytoene 'C40 H64'
BCL non-polymer 'BACTERIOCHLOROPHYLL A' 'C55 H74 Mg N4 O6'
#
# COMPACT_ATOMS: atom_id res chain seq x y z
N ASN A 4 11.32 25.21 -18.76
CA ASN A 4 11.98 24.57 -17.63
C ASN A 4 11.06 24.49 -16.42
N SER A 5 9.80 24.12 -16.67
CA SER A 5 8.83 23.99 -15.58
C SER A 5 9.14 22.74 -14.76
N ILE A 6 8.65 22.75 -13.51
CA ILE A 6 8.89 21.62 -12.60
C ILE A 6 8.27 20.35 -13.15
N SER A 7 7.03 20.42 -13.61
CA SER A 7 6.35 19.27 -14.19
C SER A 7 6.90 18.91 -15.56
N GLY A 8 7.55 19.84 -16.25
CA GLY A 8 7.99 19.62 -17.61
C GLY A 8 7.00 20.06 -18.66
N LEU A 9 5.79 20.45 -18.28
CA LEU A 9 4.79 20.89 -19.23
C LEU A 9 5.08 22.30 -19.72
N THR A 10 4.76 22.55 -20.99
CA THR A 10 4.76 23.92 -21.49
C THR A 10 3.53 24.66 -20.97
N GLU A 11 3.54 25.99 -21.16
CA GLU A 11 2.40 26.80 -20.74
C GLU A 11 1.15 26.39 -21.51
N GLU A 12 1.27 26.16 -22.82
CA GLU A 12 0.13 25.76 -23.62
C GLU A 12 -0.44 24.43 -23.13
N GLN A 13 0.44 23.47 -22.84
CA GLN A 13 -0.03 22.17 -22.36
C GLN A 13 -0.75 22.30 -21.03
N ALA A 14 -0.19 23.08 -20.10
CA ALA A 14 -0.83 23.26 -18.81
C ALA A 14 -2.20 23.91 -18.96
N LYS A 15 -2.29 24.95 -19.80
CA LYS A 15 -3.56 25.62 -20.00
C LYS A 15 -4.59 24.71 -20.66
N GLU A 16 -4.17 23.95 -21.68
CA GLU A 16 -5.10 23.06 -22.38
C GLU A 16 -5.61 21.98 -21.43
N PHE A 17 -4.69 21.37 -20.66
CA PHE A 17 -5.10 20.37 -19.69
C PHE A 17 -6.05 20.97 -18.67
N HIS A 18 -5.74 22.17 -18.17
CA HIS A 18 -6.60 22.79 -17.17
C HIS A 18 -7.98 23.07 -17.73
N GLU A 19 -8.05 23.48 -18.99
CA GLU A 19 -9.35 23.78 -19.60
C GLU A 19 -10.20 22.52 -19.65
N GLN A 20 -9.62 21.39 -20.11
CA GLN A 20 -10.38 20.14 -20.07
C GLN A 20 -10.71 19.72 -18.64
N PHE A 21 -9.76 19.87 -17.72
CA PHE A 21 -9.99 19.45 -16.34
C PHE A 21 -11.14 20.23 -15.72
N LYS A 22 -11.16 21.54 -15.94
CA LYS A 22 -12.24 22.38 -15.42
C LYS A 22 -13.58 21.97 -16.01
N THR A 23 -13.61 21.71 -17.32
CA THR A 23 -14.88 21.33 -17.95
C THR A 23 -15.41 20.02 -17.37
N THR A 24 -14.53 19.03 -17.25
CA THR A 24 -14.93 17.73 -16.69
C THR A 24 -15.32 17.85 -15.23
N PHE A 25 -14.57 18.64 -14.46
CA PHE A 25 -14.88 18.87 -13.05
C PHE A 25 -16.24 19.52 -12.90
N THR A 26 -16.54 20.50 -13.76
CA THR A 26 -17.84 21.18 -13.71
C THR A 26 -18.97 20.20 -13.97
N VAL A 27 -18.82 19.34 -14.98
CA VAL A 27 -19.88 18.36 -15.23
C VAL A 27 -20.02 17.40 -14.06
N PHE A 28 -18.89 16.96 -13.49
CA PHE A 28 -18.95 16.05 -12.34
C PHE A 28 -19.68 16.72 -11.18
N MET A 29 -19.41 18.01 -10.96
CA MET A 29 -20.05 18.76 -9.89
C MET A 29 -21.53 18.94 -10.13
N VAL A 30 -21.93 19.25 -11.36
CA VAL A 30 -23.35 19.38 -11.69
C VAL A 30 -24.07 18.07 -11.46
N LEU A 31 -23.46 16.96 -11.89
CA LEU A 31 -24.04 15.64 -11.66
C LEU A 31 -24.12 15.33 -10.17
N ALA A 32 -23.10 15.72 -9.41
CA ALA A 32 -23.11 15.48 -7.97
C ALA A 32 -24.21 16.29 -7.29
N ALA A 33 -24.40 17.54 -7.71
CA ALA A 33 -25.47 18.36 -7.17
C ALA A 33 -26.84 17.77 -7.50
N ALA A 34 -27.01 17.27 -8.73
CA ALA A 34 -28.25 16.61 -9.11
C ALA A 34 -28.47 15.35 -8.27
N ALA A 35 -27.41 14.58 -8.04
CA ALA A 35 -27.51 13.39 -7.22
C ALA A 35 -27.90 13.73 -5.79
N HIS A 36 -27.32 14.81 -5.24
CA HIS A 36 -27.68 15.22 -3.87
C HIS A 36 -29.13 15.67 -3.82
N PHE A 37 -29.60 16.39 -4.83
CA PHE A 37 -31.01 16.79 -4.88
C PHE A 37 -31.92 15.57 -4.94
N LEU A 38 -31.57 14.60 -5.79
CA LEU A 38 -32.38 13.39 -5.92
C LEU A 38 -32.39 12.58 -4.62
N VAL A 39 -31.24 12.48 -3.96
CA VAL A 39 -31.17 11.70 -2.73
C VAL A 39 -31.92 12.41 -1.60
N PHE A 40 -31.94 13.75 -1.60
CA PHE A 40 -32.75 14.45 -0.62
C PHE A 40 -34.23 14.23 -0.88
N LEU A 41 -34.63 14.23 -2.15
CA LEU A 41 -36.02 13.93 -2.47
C LEU A 41 -36.40 12.52 -2.04
N TRP A 42 -35.52 11.55 -2.29
CA TRP A 42 -35.79 10.17 -1.94
C TRP A 42 -35.76 9.97 -0.43
N ARG A 43 -34.72 10.47 0.24
CA ARG A 43 -34.58 10.35 1.69
C ARG A 43 -33.97 11.65 2.21
N PRO A 44 -34.78 12.58 2.70
CA PRO A 44 -34.23 13.84 3.20
C PRO A 44 -33.30 13.61 4.38
N PHE A 45 -32.28 14.46 4.48
CA PHE A 45 -31.34 14.43 5.58
C PHE A 45 -31.38 15.77 6.31
N TYR A 46 -30.63 15.85 7.41
CA TYR A 46 -30.72 16.96 8.35
C TYR A 46 -32.14 17.12 8.88
N GLU B 3 15.25 39.97 -1.06
CA GLU B 3 15.59 39.63 -2.43
C GLU B 3 14.34 39.45 -3.30
N TYR B 4 14.23 38.29 -3.93
CA TYR B 4 13.08 37.99 -4.79
C TYR B 4 11.80 37.96 -3.97
N ARG B 5 10.78 38.68 -4.44
CA ARG B 5 9.51 38.74 -3.71
C ARG B 5 8.38 38.39 -4.66
N PRO B 6 7.84 37.17 -4.54
CA PRO B 6 6.80 36.72 -5.46
C PRO B 6 5.52 37.52 -5.30
N SER B 7 4.84 37.72 -6.42
CA SER B 7 3.58 38.45 -6.40
C SER B 7 2.45 37.58 -5.90
N LYS B 8 1.46 38.21 -5.31
CA LYS B 8 0.29 37.48 -4.81
C LYS B 8 -0.46 36.86 -5.99
N PRO B 9 -0.66 35.54 -6.00
CA PRO B 9 -1.37 34.91 -7.10
C PRO B 9 -2.86 35.27 -7.08
N SER B 10 -3.46 35.23 -8.26
CA SER B 10 -4.89 35.51 -8.42
C SER B 10 -5.60 34.23 -8.87
N ASN B 11 -6.45 33.73 -8.00
CA ASN B 11 -7.14 32.48 -8.23
C ASN B 11 -8.62 32.77 -8.43
N PRO B 12 -9.27 32.09 -9.37
CA PRO B 12 -8.78 30.91 -10.10
C PRO B 12 -8.09 31.22 -11.44
N ARG B 13 -7.72 32.47 -11.70
CA ARG B 13 -7.08 32.80 -12.98
C ARG B 13 -5.75 32.08 -13.14
N ASP B 14 -5.00 31.94 -12.05
CA ASP B 14 -3.72 31.25 -12.07
C ASP B 14 -3.82 29.78 -11.71
N ASP B 15 -5.00 29.17 -11.70
CA ASP B 15 -5.07 27.78 -11.28
C ASP B 15 -4.34 26.84 -12.26
N TRP B 16 -4.36 27.19 -13.55
CA TRP B 16 -3.68 26.37 -14.55
C TRP B 16 -2.20 26.16 -14.23
N LYS B 17 -1.61 27.03 -13.39
CA LYS B 17 -0.18 26.90 -13.14
C LYS B 17 0.13 25.66 -12.33
N LEU B 18 -0.89 25.09 -11.66
CA LEU B 18 -0.70 23.85 -10.92
C LEU B 18 -0.10 22.77 -11.81
N TRP B 19 -0.52 22.73 -13.06
CA TRP B 19 -0.02 21.69 -13.95
C TRP B 19 1.42 21.92 -14.36
N LEU B 20 1.90 23.16 -14.22
CA LEU B 20 3.32 23.40 -14.44
C LEU B 20 4.14 22.78 -13.32
N VAL B 21 3.53 22.66 -12.13
CA VAL B 21 4.19 22.00 -11.01
C VAL B 21 3.91 20.50 -11.02
N VAL B 22 2.65 20.12 -11.20
CA VAL B 22 2.20 18.75 -11.06
C VAL B 22 2.01 18.16 -12.46
N ASN B 23 2.76 17.09 -12.77
CA ASN B 23 2.68 16.52 -14.11
C ASN B 23 1.37 15.76 -14.20
N PRO B 24 0.48 16.07 -15.15
CA PRO B 24 -0.78 15.32 -15.14
C PRO B 24 -0.62 13.93 -15.72
N GLY B 25 0.38 13.73 -16.58
CA GLY B 25 0.80 12.39 -16.98
C GLY B 25 1.00 11.47 -15.81
N THR B 26 1.50 11.99 -14.69
CA THR B 26 1.83 11.13 -13.57
C THR B 26 0.73 11.05 -12.52
N TRP B 27 0.05 12.17 -12.28
CA TRP B 27 -0.85 12.33 -11.16
C TRP B 27 -2.33 12.41 -11.49
N LEU B 28 -2.72 12.60 -12.76
CA LEU B 28 -4.15 12.70 -13.06
C LEU B 28 -4.90 11.46 -12.59
N MET B 29 -4.37 10.27 -12.93
CA MET B 29 -5.02 9.02 -12.54
C MET B 29 -5.00 8.83 -11.03
N PRO B 30 -3.89 9.10 -10.30
CA PRO B 30 -3.98 9.11 -8.83
C PRO B 30 -4.99 10.08 -8.29
N ILE B 31 -5.12 11.26 -8.90
CA ILE B 31 -6.17 12.20 -8.48
C ILE B 31 -7.55 11.56 -8.58
N LEU B 32 -7.85 10.96 -9.73
CA LEU B 32 -9.17 10.38 -9.97
C LEU B 32 -9.43 9.18 -9.06
N MET B 33 -8.39 8.41 -8.80
CA MET B 33 -8.49 7.30 -7.85
C MET B 33 -8.74 7.80 -6.44
N ALA B 34 -8.14 8.93 -6.07
CA ALA B 34 -8.41 9.50 -4.76
C ALA B 34 -9.86 9.98 -4.64
N VAL B 35 -10.37 10.59 -5.71
CA VAL B 35 -11.77 10.99 -5.70
C VAL B 35 -12.68 9.77 -5.62
N LEU B 36 -12.27 8.68 -6.26
CA LEU B 36 -13.04 7.44 -6.22
C LEU B 36 -13.03 6.85 -4.82
N VAL B 37 -11.87 6.92 -4.15
CA VAL B 37 -11.77 6.43 -2.78
C VAL B 37 -12.68 7.23 -1.88
N VAL B 38 -12.72 8.54 -2.07
CA VAL B 38 -13.59 9.38 -1.25
C VAL B 38 -15.06 9.00 -1.44
N ALA B 39 -15.48 8.83 -2.71
CA ALA B 39 -16.86 8.45 -2.99
C ALA B 39 -17.18 7.10 -2.37
N LEU B 40 -16.27 6.13 -2.52
CA LEU B 40 -16.40 4.85 -1.82
C LEU B 40 -16.54 4.98 -0.30
N VAL B 41 -15.70 5.79 0.34
CA VAL B 41 -15.79 5.94 1.81
C VAL B 41 -17.11 6.56 2.21
N VAL B 42 -17.54 7.57 1.45
CA VAL B 42 -18.78 8.27 1.73
C VAL B 42 -19.99 7.36 1.54
N HIS B 43 -20.02 6.63 0.43
CA HIS B 43 -21.01 5.59 0.27
C HIS B 43 -20.94 4.60 1.43
N ALA B 44 -19.74 4.26 1.91
CA ALA B 44 -19.70 3.22 2.93
C ALA B 44 -20.36 3.66 4.22
N PHE B 45 -20.16 4.94 4.56
CA PHE B 45 -20.80 5.52 5.74
C PHE B 45 -22.30 5.76 5.54
N VAL B 46 -22.73 6.12 4.33
CA VAL B 46 -24.15 6.42 4.16
C VAL B 46 -24.97 5.14 3.90
N TYR B 47 -24.43 4.23 3.09
CA TYR B 47 -25.02 2.92 2.83
C TYR B 47 -25.21 2.14 4.13
N SER B 48 -24.23 2.20 5.04
CA SER B 48 -24.32 1.48 6.31
C SER B 48 -25.58 1.86 7.08
N ASN B 49 -26.13 3.04 6.81
CA ASN B 49 -27.42 3.43 7.35
C ASN B 49 -28.49 2.82 6.44
N ASP B 50 -29.14 1.76 6.95
CA ASP B 50 -30.28 1.09 6.33
C ASP B 50 -31.28 2.08 5.75
N ASN B 51 -31.55 3.20 6.42
CA ASN B 51 -32.59 4.10 5.93
C ASN B 51 -32.19 4.76 4.62
N TYR B 52 -30.90 4.97 4.39
CA TYR B 52 -30.37 5.56 3.17
C TYR B 52 -29.80 4.50 2.25
N ASN B 53 -30.43 3.33 2.24
CA ASN B 53 -29.94 2.15 1.55
C ASN B 53 -31.04 1.65 0.62
N PRO B 54 -30.75 1.43 -0.67
CA PRO B 54 -31.79 0.96 -1.58
C PRO B 54 -32.13 -0.51 -1.42
N LEU B 55 -31.47 -1.23 -0.53
CA LEU B 55 -31.68 -2.68 -0.41
C LEU B 55 -32.89 -2.89 0.49
N THR B 56 -34.06 -2.98 -0.13
CA THR B 56 -35.32 -3.00 0.59
C THR B 56 -36.03 -4.33 0.52
N PHE B 57 -35.40 -5.36 -0.04
CA PHE B 57 -35.99 -6.68 -0.07
C PHE B 57 -35.89 -7.34 1.30
N ASP B 58 -36.99 -7.88 1.78
CA ASP B 58 -37.05 -8.56 3.08
C ASP B 58 -37.68 -9.94 2.89
N ALA B 59 -37.00 -10.96 3.39
CA ALA B 59 -37.46 -12.34 3.32
C ALA B 59 -37.74 -12.77 1.88
N ASN C 4 21.73 24.25 -7.36
CA ASN C 4 22.02 22.89 -6.93
C ASN C 4 21.22 22.53 -5.67
N SER C 5 19.95 22.92 -5.65
CA SER C 5 19.10 22.61 -4.52
C SER C 5 18.74 21.12 -4.51
N ILE C 6 18.34 20.64 -3.33
CA ILE C 6 18.06 19.22 -3.15
C ILE C 6 16.88 18.78 -4.02
N SER C 7 15.78 19.53 -3.92
CA SER C 7 14.57 19.42 -4.74
C SER C 7 14.82 19.69 -6.23
N GLY C 8 15.81 20.50 -6.57
CA GLY C 8 16.03 20.93 -7.93
C GLY C 8 15.36 22.23 -8.30
N LEU C 9 14.52 22.78 -7.43
CA LEU C 9 13.84 24.03 -7.70
C LEU C 9 14.78 25.22 -7.55
N THR C 10 14.52 26.28 -8.32
CA THR C 10 15.27 27.49 -8.11
C THR C 10 14.65 28.25 -6.94
N GLU C 11 15.37 29.24 -6.42
CA GLU C 11 14.78 30.13 -5.41
C GLU C 11 13.44 30.76 -5.87
N GLU C 12 13.38 31.33 -7.09
CA GLU C 12 12.14 31.92 -7.58
C GLU C 12 11.01 30.89 -7.65
N GLN C 13 11.30 29.68 -8.16
CA GLN C 13 10.25 28.67 -8.24
C GLN C 13 9.74 28.30 -6.85
N ALA C 14 10.65 28.11 -5.89
CA ALA C 14 10.25 27.77 -4.54
C ALA C 14 9.42 28.88 -3.91
N LYS C 15 9.84 30.13 -4.08
CA LYS C 15 9.09 31.25 -3.53
C LYS C 15 7.69 31.36 -4.15
N GLU C 16 7.60 31.26 -5.47
CA GLU C 16 6.30 31.37 -6.13
C GLU C 16 5.37 30.24 -5.70
N PHE C 17 5.90 29.01 -5.68
CA PHE C 17 5.10 27.89 -5.21
C PHE C 17 4.65 28.11 -3.78
N HIS C 18 5.53 28.62 -2.92
CA HIS C 18 5.16 28.81 -1.52
C HIS C 18 4.04 29.85 -1.41
N GLU C 19 4.02 30.82 -2.30
CA GLU C 19 3.07 31.92 -2.15
C GLU C 19 1.64 31.48 -2.47
N GLN C 20 1.48 30.77 -3.57
CA GLN C 20 0.27 30.04 -3.89
C GLN C 20 -0.05 28.97 -2.84
N PHE C 21 0.95 28.17 -2.41
CA PHE C 21 0.63 27.19 -1.36
C PHE C 21 0.04 27.89 -0.14
N LYS C 22 0.67 28.97 0.35
CA LYS C 22 0.14 29.73 1.50
C LYS C 22 -1.27 30.23 1.27
N THR C 23 -1.48 30.88 0.12
CA THR C 23 -2.78 31.45 -0.21
C THR C 23 -3.88 30.39 -0.21
N THR C 24 -3.62 29.24 -0.83
CA THR C 24 -4.60 28.16 -0.85
C THR C 24 -4.81 27.58 0.54
N PHE C 25 -3.72 27.40 1.28
CA PHE C 25 -3.81 26.90 2.66
C PHE C 25 -4.65 27.82 3.53
N THR C 26 -4.41 29.14 3.45
CA THR C 26 -5.22 30.14 4.15
C THR C 26 -6.71 30.07 3.81
N VAL C 27 -7.06 29.91 2.53
CA VAL C 27 -8.48 29.78 2.19
C VAL C 27 -9.05 28.49 2.75
N PHE C 28 -8.28 27.40 2.67
CA PHE C 28 -8.73 26.12 3.22
C PHE C 28 -8.99 26.25 4.71
N MET C 29 -8.10 26.94 5.40
CA MET C 29 -8.22 27.16 6.83
C MET C 29 -9.44 28.02 7.18
N VAL C 30 -9.71 29.07 6.39
CA VAL C 30 -10.85 29.93 6.72
C VAL C 30 -12.13 29.14 6.50
N LEU C 31 -12.17 28.34 5.44
CA LEU C 31 -13.31 27.48 5.18
C LEU C 31 -13.48 26.44 6.28
N ALA C 32 -12.38 25.89 6.79
CA ALA C 32 -12.46 24.91 7.86
C ALA C 32 -12.96 25.55 9.15
N ALA C 33 -12.50 26.77 9.45
CA ALA C 33 -12.98 27.48 10.63
C ALA C 33 -14.46 27.78 10.51
N ALA C 34 -14.91 28.18 9.32
CA ALA C 34 -16.34 28.41 9.10
C ALA C 34 -17.13 27.12 9.27
N ALA C 35 -16.58 26.02 8.76
CA ALA C 35 -17.18 24.69 8.88
C ALA C 35 -17.39 24.30 10.35
N HIS C 36 -16.36 24.53 11.16
CA HIS C 36 -16.33 24.24 12.59
C HIS C 36 -17.33 25.12 13.32
N PHE C 37 -17.43 26.39 12.92
CA PHE C 37 -18.42 27.28 13.53
C PHE C 37 -19.83 26.81 13.21
N LEU C 38 -20.07 26.44 11.95
CA LEU C 38 -21.38 25.97 11.54
C LEU C 38 -21.74 24.65 12.22
N VAL C 39 -20.77 23.75 12.37
CA VAL C 39 -21.07 22.46 13.00
C VAL C 39 -21.30 22.63 14.49
N PHE C 40 -20.65 23.62 15.12
CA PHE C 40 -20.94 23.91 16.52
C PHE C 40 -22.34 24.48 16.66
N LEU C 41 -22.74 25.36 15.75
CA LEU C 41 -24.11 25.87 15.77
C LEU C 41 -25.12 24.74 15.58
N TRP C 42 -24.85 23.85 14.63
CA TRP C 42 -25.77 22.75 14.36
C TRP C 42 -25.82 21.77 15.53
N ARG C 43 -24.64 21.33 15.98
CA ARG C 43 -24.54 20.43 17.14
C ARG C 43 -23.31 20.82 17.95
N PRO C 44 -23.50 21.52 19.07
CA PRO C 44 -22.33 21.94 19.87
C PRO C 44 -21.62 20.73 20.45
N PHE C 45 -20.31 20.87 20.62
CA PHE C 45 -19.48 19.84 21.20
C PHE C 45 -18.77 20.41 22.44
N TYR C 46 -18.04 19.55 23.14
CA TYR C 46 -17.50 19.84 24.46
C TYR C 46 -18.62 20.20 25.43
N GLU D 3 32.89 22.36 11.52
CA GLU D 3 33.27 23.66 10.99
C GLU D 3 32.04 24.55 10.74
N TYR D 4 31.21 24.20 9.76
CA TYR D 4 29.99 24.95 9.45
C TYR D 4 29.09 24.96 10.70
N ARG D 5 28.38 26.08 10.90
CA ARG D 5 27.53 26.33 12.06
C ARG D 5 26.33 27.05 11.47
N PRO D 6 25.30 26.30 11.09
CA PRO D 6 24.12 26.92 10.49
C PRO D 6 23.47 27.95 11.41
N SER D 7 22.98 29.01 10.79
CA SER D 7 22.28 30.07 11.51
C SER D 7 20.90 29.59 11.92
N LYS D 8 20.35 30.27 12.92
CA LYS D 8 19.01 29.96 13.41
C LYS D 8 18.00 30.40 12.34
N PRO D 9 17.22 29.48 11.78
CA PRO D 9 16.20 29.89 10.80
C PRO D 9 15.09 30.70 11.46
N SER D 10 14.49 31.58 10.68
CA SER D 10 13.37 32.40 11.13
C SER D 10 12.12 31.97 10.39
N ASN D 11 11.14 31.45 11.14
CA ASN D 11 9.90 31.02 10.55
C ASN D 11 8.76 31.95 10.98
N PRO D 12 7.79 32.22 10.11
CA PRO D 12 7.61 31.65 8.78
C PRO D 12 8.38 32.30 7.65
N ARG D 13 9.43 33.08 7.90
CA ARG D 13 10.06 33.83 6.84
C ARG D 13 10.81 32.88 5.91
N ASP D 14 11.40 31.83 6.47
CA ASP D 14 12.15 30.88 5.67
C ASP D 14 11.34 29.64 5.29
N ASP D 15 10.01 29.71 5.41
CA ASP D 15 9.22 28.51 5.18
C ASP D 15 9.29 28.10 3.72
N TRP D 16 9.48 29.09 2.84
CA TRP D 16 9.57 28.80 1.41
C TRP D 16 10.73 27.88 1.10
N LYS D 17 11.73 27.80 1.99
CA LYS D 17 12.90 26.96 1.74
C LYS D 17 12.55 25.49 1.74
N LEU D 18 11.40 25.10 2.31
CA LEU D 18 10.97 23.71 2.29
C LEU D 18 10.88 23.20 0.86
N TRP D 19 10.43 24.04 -0.06
CA TRP D 19 10.32 23.61 -1.44
C TRP D 19 11.68 23.43 -2.09
N LEU D 20 12.72 24.03 -1.50
CA LEU D 20 14.05 23.79 -2.02
C LEU D 20 14.52 22.39 -1.61
N VAL D 21 13.99 21.88 -0.51
CA VAL D 21 14.26 20.50 -0.11
C VAL D 21 13.25 19.54 -0.75
N VAL D 22 11.96 19.86 -0.68
CA VAL D 22 10.91 18.94 -1.10
C VAL D 22 10.38 19.39 -2.46
N ASN D 23 10.53 18.52 -3.46
CA ASN D 23 10.07 18.90 -4.80
C ASN D 23 8.56 18.89 -4.84
N PRO D 24 7.89 20.02 -5.08
CA PRO D 24 6.42 20.01 -5.14
C PRO D 24 5.87 19.15 -6.27
N GLY D 25 6.59 19.03 -7.38
CA GLY D 25 6.13 18.19 -8.47
C GLY D 25 5.96 16.74 -8.06
N THR D 26 6.76 16.27 -7.11
CA THR D 26 6.66 14.90 -6.63
C THR D 26 5.71 14.77 -5.44
N TRP D 27 5.69 15.77 -4.54
CA TRP D 27 5.06 15.60 -3.24
C TRP D 27 3.80 16.42 -3.00
N LEU D 28 3.52 17.43 -3.82
CA LEU D 28 2.28 18.21 -3.67
C LEU D 28 1.05 17.30 -3.63
N MET D 29 0.91 16.41 -4.61
CA MET D 29 -0.25 15.51 -4.64
C MET D 29 -0.26 14.57 -3.43
N PRO D 30 0.84 13.92 -3.05
CA PRO D 30 0.83 13.14 -1.79
C PRO D 30 0.45 13.96 -0.57
N ILE D 31 0.90 15.21 -0.48
CA ILE D 31 0.49 16.09 0.62
C ILE D 31 -1.02 16.23 0.63
N LEU D 32 -1.61 16.41 -0.56
CA LEU D 32 -3.03 16.68 -0.66
C LEU D 32 -3.88 15.49 -0.29
N MET D 33 -3.52 14.33 -0.85
CA MET D 33 -4.01 13.01 -0.44
C MET D 33 -3.90 12.74 1.06
N ALA D 34 -2.77 13.09 1.70
CA ALA D 34 -2.65 12.87 3.14
C ALA D 34 -3.67 13.70 3.91
N VAL D 35 -3.82 14.96 3.51
CA VAL D 35 -4.77 15.87 4.14
C VAL D 35 -6.17 15.30 3.97
N LEU D 36 -6.45 14.81 2.75
CA LEU D 36 -7.73 14.16 2.48
C LEU D 36 -7.97 12.93 3.35
N VAL D 37 -6.93 12.10 3.52
CA VAL D 37 -7.03 10.92 4.37
C VAL D 37 -7.37 11.33 5.80
N VAL D 38 -6.72 12.39 6.27
CA VAL D 38 -7.02 12.90 7.61
C VAL D 38 -8.47 13.30 7.71
N ALA D 39 -8.97 14.05 6.73
CA ALA D 39 -10.36 14.50 6.79
C ALA D 39 -11.31 13.31 6.76
N LEU D 40 -10.99 12.29 5.96
CA LEU D 40 -11.81 11.08 5.91
C LEU D 40 -11.83 10.36 7.26
N VAL D 41 -10.66 10.18 7.89
CA VAL D 41 -10.56 9.56 9.21
C VAL D 41 -11.33 10.37 10.27
N VAL D 42 -11.16 11.70 10.26
CA VAL D 42 -11.88 12.54 11.21
C VAL D 42 -13.38 12.42 11.00
N HIS D 43 -13.82 12.51 9.74
CA HIS D 43 -15.23 12.30 9.42
C HIS D 43 -15.68 10.94 9.90
N ALA D 44 -14.80 9.93 9.80
CA ALA D 44 -15.19 8.57 10.12
C ALA D 44 -15.50 8.48 11.60
N PHE D 45 -14.67 9.13 12.42
CA PHE D 45 -14.89 9.10 13.86
C PHE D 45 -16.03 10.01 14.29
N VAL D 46 -16.31 11.08 13.57
CA VAL D 46 -17.40 11.95 14.02
C VAL D 46 -18.73 11.44 13.48
N TYR D 47 -18.72 10.95 12.23
CA TYR D 47 -19.92 10.44 11.57
C TYR D 47 -20.46 9.24 12.32
N SER D 48 -19.55 8.39 12.82
CA SER D 48 -19.92 7.20 13.59
C SER D 48 -20.81 7.51 14.78
N ASN D 49 -20.65 8.70 15.36
CA ASN D 49 -21.56 9.17 16.38
C ASN D 49 -22.82 9.69 15.70
N ASP D 50 -23.93 9.02 15.95
CA ASP D 50 -25.20 9.35 15.32
C ASP D 50 -25.66 10.77 15.67
N ASN D 51 -25.16 11.37 16.77
CA ASN D 51 -25.74 12.68 17.10
C ASN D 51 -25.09 13.73 16.22
N TYR D 52 -23.89 13.47 15.75
CA TYR D 52 -23.19 14.36 14.83
C TYR D 52 -23.29 13.86 13.40
N ASN D 53 -24.42 13.22 13.09
CA ASN D 53 -24.65 12.61 11.80
C ASN D 53 -25.87 13.19 11.12
N PRO D 54 -25.76 13.68 9.88
CA PRO D 54 -26.92 14.28 9.21
C PRO D 54 -28.00 13.28 8.78
N LEU D 55 -27.68 11.99 8.67
CA LEU D 55 -28.65 10.93 8.34
C LEU D 55 -29.71 10.81 9.42
N THR D 56 -30.83 11.51 9.24
CA THR D 56 -31.90 11.58 10.22
C THR D 56 -33.15 10.81 9.82
N PHE D 57 -33.24 10.30 8.60
CA PHE D 57 -34.44 9.60 8.15
C PHE D 57 -34.61 8.29 8.90
N ASP D 58 -35.84 8.03 9.36
CA ASP D 58 -36.18 6.77 10.02
C ASP D 58 -37.39 6.18 9.32
N ALA D 59 -37.26 4.94 8.84
CA ALA D 59 -38.35 4.27 8.15
C ALA D 59 -39.28 3.59 9.14
N ASN E 4 30.90 12.96 -1.50
CA ASN E 4 30.31 11.69 -1.90
C ASN E 4 29.48 11.07 -0.78
N SER E 5 28.65 11.87 -0.12
CA SER E 5 27.72 11.36 0.87
C SER E 5 26.69 10.39 0.27
N ILE E 6 26.13 9.56 1.15
CA ILE E 6 25.14 8.57 0.74
C ILE E 6 23.89 9.23 0.18
N SER E 7 23.32 10.19 0.91
CA SER E 7 22.14 10.92 0.42
C SER E 7 22.46 11.89 -0.71
N GLY E 8 23.72 12.25 -0.90
CA GLY E 8 24.08 13.26 -1.87
C GLY E 8 24.15 14.68 -1.34
N LEU E 9 23.77 14.89 -0.07
CA LEU E 9 23.82 16.23 0.52
C LEU E 9 25.26 16.57 0.91
N THR E 10 25.64 17.82 0.68
CA THR E 10 26.81 18.43 1.29
C THR E 10 26.64 18.58 2.79
N GLU E 11 27.76 18.87 3.47
CA GLU E 11 27.72 19.05 4.92
C GLU E 11 26.88 20.26 5.29
N GLU E 12 27.03 21.34 4.53
CA GLU E 12 26.26 22.55 4.78
C GLU E 12 24.77 22.28 4.64
N GLN E 13 24.38 21.55 3.59
CA GLN E 13 22.97 21.25 3.39
C GLN E 13 22.41 20.43 4.54
N ALA E 14 23.12 19.35 4.92
CA ALA E 14 22.67 18.53 6.03
C ALA E 14 22.53 19.34 7.31
N LYS E 15 23.52 20.18 7.60
CA LYS E 15 23.45 21.00 8.80
C LYS E 15 22.31 22.01 8.74
N GLU E 16 22.11 22.65 7.58
CA GLU E 16 21.04 23.64 7.50
C GLU E 16 19.69 22.96 7.70
N PHE E 17 19.55 21.76 7.14
CA PHE E 17 18.25 21.12 7.15
C PHE E 17 17.97 20.66 8.56
N HIS E 18 19.02 20.17 9.21
CA HIS E 18 18.90 19.71 10.58
C HIS E 18 18.54 20.85 11.51
N GLU E 19 19.13 22.04 11.27
CA GLU E 19 18.83 23.17 12.14
C GLU E 19 17.32 23.45 12.11
N GLN E 20 16.74 23.42 10.91
CA GLN E 20 15.33 23.75 10.72
C GLN E 20 14.47 22.63 11.24
N PHE E 21 14.88 21.40 10.97
CA PHE E 21 14.15 20.25 11.46
C PHE E 21 14.09 20.30 12.98
N LYS E 22 15.22 20.58 13.63
CA LYS E 22 15.23 20.68 15.09
C LYS E 22 14.31 21.78 15.57
N THR E 23 14.41 22.98 14.99
CA THR E 23 13.53 24.07 15.35
C THR E 23 12.05 23.71 15.22
N THR E 24 11.62 23.27 14.03
CA THR E 24 10.27 22.73 13.85
C THR E 24 9.92 21.64 14.84
N PHE E 25 10.81 20.67 15.08
CA PHE E 25 10.49 19.57 15.98
C PHE E 25 10.22 20.09 17.38
N THR E 26 11.08 21.01 17.84
CA THR E 26 10.93 21.64 19.14
C THR E 26 9.58 22.32 19.29
N VAL E 27 9.18 23.11 18.28
CA VAL E 27 7.87 23.76 18.38
C VAL E 27 6.76 22.72 18.41
N PHE E 28 6.87 21.67 17.60
CA PHE E 28 5.85 20.62 17.60
C PHE E 28 5.77 19.98 18.98
N MET E 29 6.92 19.79 19.61
CA MET E 29 6.98 19.15 20.93
C MET E 29 6.37 20.04 22.01
N VAL E 30 6.71 21.34 21.99
CA VAL E 30 6.11 22.26 22.95
C VAL E 30 4.59 22.31 22.75
N LEU E 31 4.16 22.28 21.49
CA LEU E 31 2.71 22.27 21.22
C LEU E 31 2.05 21.01 21.76
N ALA E 32 2.68 19.86 21.52
CA ALA E 32 2.20 18.58 22.03
C ALA E 32 2.16 18.56 23.56
N ALA E 33 3.19 19.10 24.21
CA ALA E 33 3.19 19.15 25.68
C ALA E 33 2.06 20.04 26.18
N ALA E 34 1.83 21.17 25.52
CA ALA E 34 0.72 22.02 25.89
C ALA E 34 -0.62 21.31 25.69
N ALA E 35 -0.74 20.56 24.60
CA ALA E 35 -1.98 19.83 24.33
C ALA E 35 -2.20 18.74 25.38
N HIS E 36 -1.12 18.07 25.81
CA HIS E 36 -1.27 17.04 26.83
C HIS E 36 -1.69 17.67 28.16
N PHE E 37 -1.10 18.83 28.49
CA PHE E 37 -1.51 19.55 29.70
C PHE E 37 -2.98 19.94 29.63
N LEU E 38 -3.42 20.45 28.49
CA LEU E 38 -4.82 20.88 28.34
C LEU E 38 -5.77 19.69 28.44
N VAL E 39 -5.41 18.54 27.85
CA VAL E 39 -6.29 17.37 27.88
C VAL E 39 -6.30 16.75 29.27
N PHE E 40 -5.20 16.86 30.01
CA PHE E 40 -5.24 16.40 31.39
C PHE E 40 -6.15 17.29 32.22
N LEU E 41 -6.09 18.60 31.98
CA LEU E 41 -7.02 19.53 32.64
C LEU E 41 -8.47 19.20 32.27
N TRP E 42 -8.74 18.94 31.00
CA TRP E 42 -10.11 18.68 30.56
C TRP E 42 -10.57 17.31 31.06
N ARG E 43 -9.77 16.28 30.83
CA ARG E 43 -10.07 14.91 31.25
C ARG E 43 -8.79 14.27 31.79
N PRO E 44 -8.59 14.26 33.10
CA PRO E 44 -7.38 13.65 33.65
C PRO E 44 -7.31 12.17 33.33
N PHE E 45 -6.09 11.67 33.14
CA PHE E 45 -5.84 10.26 32.90
C PHE E 45 -4.90 9.72 33.97
N TYR E 46 -4.67 8.41 33.93
CA TYR E 46 -3.99 7.69 35.01
C TYR E 46 -4.73 7.87 36.33
N GLU F 3 41.17 -3.47 11.22
CA GLU F 3 41.45 -2.41 10.25
C GLU F 3 40.81 -1.09 10.68
N TYR F 4 39.92 -0.57 9.83
CA TYR F 4 39.25 0.69 10.12
C TYR F 4 38.40 0.58 11.37
N ARG F 5 38.57 1.54 12.28
CA ARG F 5 37.80 1.52 13.52
C ARG F 5 37.05 2.83 13.70
N PRO F 6 35.73 2.81 13.49
CA PRO F 6 34.93 4.03 13.57
C PRO F 6 34.89 4.59 14.98
N SER F 7 34.85 5.92 15.06
CA SER F 7 34.83 6.58 16.35
C SER F 7 33.43 6.68 16.93
N LYS F 8 33.37 6.61 18.25
CA LYS F 8 32.10 6.58 18.96
C LYS F 8 31.39 7.89 18.71
N PRO F 9 30.20 7.90 18.09
CA PRO F 9 29.54 9.17 17.79
C PRO F 9 28.97 9.83 19.04
N SER F 10 28.97 11.16 19.02
CA SER F 10 28.44 11.96 20.11
C SER F 10 27.09 12.53 19.69
N ASN F 11 26.03 12.10 20.35
CA ASN F 11 24.71 12.62 20.06
C ASN F 11 24.22 13.51 21.19
N PRO F 12 23.46 14.57 20.89
CA PRO F 12 22.91 14.96 19.59
C PRO F 12 23.84 15.79 18.71
N ARG F 13 25.12 15.90 19.04
CA ARG F 13 26.00 16.78 18.27
C ARG F 13 26.16 16.30 16.83
N ASP F 14 26.19 14.98 16.62
CA ASP F 14 26.34 14.39 15.30
C ASP F 14 25.02 14.00 14.66
N ASP F 15 23.90 14.44 15.24
CA ASP F 15 22.58 14.11 14.70
C ASP F 15 22.38 14.62 13.28
N TRP F 16 22.97 15.76 12.92
CA TRP F 16 22.84 16.27 11.56
C TRP F 16 23.39 15.31 10.51
N LYS F 17 24.29 14.40 10.91
CA LYS F 17 24.84 13.46 9.94
C LYS F 17 23.77 12.54 9.36
N LEU F 18 22.60 12.48 10.00
CA LEU F 18 21.55 11.59 9.50
C LEU F 18 21.15 12.02 8.09
N TRP F 19 21.19 13.32 7.84
CA TRP F 19 20.81 13.82 6.53
C TRP F 19 21.87 13.51 5.48
N LEU F 20 23.11 13.24 5.89
CA LEU F 20 24.10 12.75 4.94
C LEU F 20 23.76 11.35 4.46
N VAL F 21 23.06 10.57 5.29
CA VAL F 21 22.63 9.25 4.85
C VAL F 21 21.25 9.31 4.24
N VAL F 22 20.30 9.96 4.91
CA VAL F 22 18.91 9.99 4.49
C VAL F 22 18.67 11.29 3.74
N ASN F 23 18.30 11.20 2.47
CA ASN F 23 18.03 12.41 1.69
C ASN F 23 16.71 13.02 2.13
N PRO F 24 16.70 14.24 2.66
CA PRO F 24 15.42 14.85 3.07
C PRO F 24 14.46 15.08 1.91
N GLY F 25 14.98 15.37 0.71
CA GLY F 25 14.11 15.54 -0.44
C GLY F 25 13.26 14.32 -0.73
N THR F 26 13.77 13.13 -0.41
CA THR F 26 13.01 11.90 -0.61
C THR F 26 12.18 11.53 0.61
N TRP F 27 12.70 11.74 1.82
CA TRP F 27 12.12 11.12 2.99
C TRP F 27 11.46 12.07 3.98
N LEU F 28 11.63 13.39 3.84
CA LEU F 28 11.00 14.29 4.80
C LEU F 28 9.50 14.16 4.78
N MET F 29 8.90 14.19 3.58
CA MET F 29 7.47 14.00 3.47
C MET F 29 7.01 12.66 4.03
N PRO F 30 7.66 11.53 3.75
CA PRO F 30 7.15 10.28 4.35
C PRO F 30 7.36 10.27 5.86
N ILE F 31 8.39 10.97 6.37
CA ILE F 31 8.55 11.12 7.81
C ILE F 31 7.34 11.82 8.41
N LEU F 32 6.95 12.96 7.82
CA LEU F 32 5.81 13.72 8.32
C LEU F 32 4.53 12.91 8.23
N MET F 33 4.36 12.16 7.13
CA MET F 33 3.18 11.30 6.97
C MET F 33 3.16 10.20 8.01
N ALA F 34 4.33 9.70 8.39
CA ALA F 34 4.41 8.68 9.45
C ALA F 34 3.95 9.24 10.77
N VAL F 35 4.43 10.45 11.08
CA VAL F 35 4.04 11.12 12.32
C VAL F 35 2.55 11.42 12.33
N LEU F 36 2.00 11.78 11.18
CA LEU F 36 0.55 11.97 11.04
C LEU F 36 -0.20 10.67 11.26
N VAL F 37 0.31 9.56 10.73
CA VAL F 37 -0.34 8.27 10.92
C VAL F 37 -0.36 7.91 12.41
N VAL F 38 0.76 8.16 13.09
CA VAL F 38 0.81 7.89 14.53
C VAL F 38 -0.25 8.71 15.25
N ALA F 39 -0.36 10.00 14.90
CA ALA F 39 -1.33 10.86 15.56
C ALA F 39 -2.76 10.39 15.30
N LEU F 40 -3.04 9.96 14.05
CA LEU F 40 -4.34 9.36 13.72
C LEU F 40 -4.61 8.12 14.57
N VAL F 41 -3.60 7.27 14.74
CA VAL F 41 -3.81 6.01 15.43
C VAL F 41 -4.03 6.23 16.92
N VAL F 42 -3.24 7.12 17.53
CA VAL F 42 -3.42 7.52 18.91
C VAL F 42 -4.79 8.16 19.11
N HIS F 43 -5.18 9.08 18.22
CA HIS F 43 -6.50 9.69 18.30
C HIS F 43 -7.58 8.63 18.19
N ALA F 44 -7.42 7.68 17.28
CA ALA F 44 -8.41 6.61 17.14
C ALA F 44 -8.60 5.88 18.46
N PHE F 45 -7.50 5.51 19.11
CA PHE F 45 -7.62 4.78 20.37
C PHE F 45 -8.16 5.65 21.49
N VAL F 46 -7.83 6.95 21.51
CA VAL F 46 -8.32 7.76 22.63
C VAL F 46 -9.77 8.19 22.40
N TYR F 47 -10.10 8.57 21.17
CA TYR F 47 -11.42 9.04 20.77
C TYR F 47 -12.42 7.90 20.94
N SER F 48 -12.00 6.67 20.60
CA SER F 48 -12.90 5.53 20.79
C SER F 48 -13.45 5.49 22.21
N ASN F 49 -12.72 6.03 23.19
CA ASN F 49 -13.22 6.09 24.55
C ASN F 49 -14.14 7.30 24.62
N ASP F 50 -15.42 7.08 24.95
CA ASP F 50 -16.40 8.16 24.92
C ASP F 50 -16.06 9.26 25.91
N ASN F 51 -15.36 8.93 26.99
CA ASN F 51 -14.99 9.92 27.99
C ASN F 51 -13.89 10.86 27.53
N TYR F 52 -13.26 10.62 26.37
CA TYR F 52 -12.10 11.41 25.95
C TYR F 52 -12.28 12.02 24.55
N ASN F 53 -13.51 12.21 24.10
CA ASN F 53 -13.81 12.94 22.88
C ASN F 53 -14.83 14.04 23.14
N PRO F 54 -14.81 15.11 22.35
CA PRO F 54 -15.73 16.22 22.59
C PRO F 54 -17.15 15.98 22.13
N LEU F 55 -17.47 14.81 21.60
CA LEU F 55 -18.81 14.55 21.04
C LEU F 55 -19.77 14.31 22.20
N THR F 56 -20.40 15.39 22.67
CA THR F 56 -21.23 15.36 23.85
C THR F 56 -22.72 15.57 23.56
N PHE F 57 -23.08 15.89 22.32
CA PHE F 57 -24.49 16.13 22.01
C PHE F 57 -25.27 14.83 22.09
N ASP F 58 -26.48 14.91 22.66
CA ASP F 58 -27.39 13.78 22.74
C ASP F 58 -28.75 14.21 22.23
N ALA F 59 -29.35 13.38 21.37
CA ALA F 59 -30.66 13.66 20.81
C ALA F 59 -31.74 13.61 21.88
N ASN G 4 32.99 -1.84 -4.89
CA ASN G 4 31.92 -2.44 -5.68
C ASN G 4 30.96 -3.22 -4.80
N SER G 5 30.61 -2.63 -3.66
CA SER G 5 29.67 -3.27 -2.76
C SER G 5 28.26 -3.23 -3.34
N ILE G 6 27.41 -4.15 -2.85
CA ILE G 6 26.05 -4.26 -3.35
C ILE G 6 25.28 -2.97 -3.09
N SER G 7 25.34 -2.44 -1.87
CA SER G 7 24.65 -1.19 -1.54
C SER G 7 25.39 0.05 -2.02
N GLY G 8 26.56 -0.10 -2.63
CA GLY G 8 27.35 1.04 -3.01
C GLY G 8 28.12 1.73 -1.90
N LEU G 9 27.99 1.29 -0.65
CA LEU G 9 28.71 1.96 0.43
C LEU G 9 30.16 1.49 0.49
N THR G 10 31.03 2.38 0.95
CA THR G 10 32.41 1.99 1.21
C THR G 10 32.50 1.28 2.56
N GLU G 11 33.70 0.77 2.91
CA GLU G 11 33.79 0.06 4.17
C GLU G 11 33.63 0.99 5.36
N GLU G 12 34.21 2.18 5.24
CA GLU G 12 34.25 3.19 6.27
C GLU G 12 32.85 3.76 6.49
N GLN G 13 32.14 4.06 5.40
CA GLN G 13 30.74 4.47 5.47
C GLN G 13 29.89 3.43 6.20
N ALA G 14 30.01 2.16 5.84
CA ALA G 14 29.22 1.13 6.50
C ALA G 14 29.57 1.03 7.98
N LYS G 15 30.86 1.09 8.30
CA LYS G 15 31.28 0.99 9.70
C LYS G 15 30.74 2.15 10.54
N GLU G 16 30.95 3.40 10.09
CA GLU G 16 30.39 4.61 10.75
C GLU G 16 28.87 4.55 10.88
N PHE G 17 28.15 4.16 9.82
CA PHE G 17 26.72 4.05 9.96
C PHE G 17 26.35 3.01 11.00
N HIS G 18 27.03 1.86 10.98
CA HIS G 18 26.73 0.81 11.95
C HIS G 18 27.03 1.29 13.36
N GLU G 19 28.10 2.05 13.54
CA GLU G 19 28.43 2.53 14.87
C GLU G 19 27.30 3.43 15.40
N GLN G 20 26.81 4.34 14.55
CA GLN G 20 25.72 5.20 15.00
C GLN G 20 24.43 4.39 15.21
N PHE G 21 24.18 3.42 14.34
CA PHE G 21 22.96 2.62 14.47
C PHE G 21 22.99 1.81 15.75
N LYS G 22 24.14 1.23 16.08
CA LYS G 22 24.28 0.50 17.33
C LYS G 22 24.02 1.41 18.52
N THR G 23 24.64 2.59 18.53
CA THR G 23 24.46 3.51 19.66
C THR G 23 22.99 3.89 19.84
N THR G 24 22.32 4.29 18.76
CA THR G 24 20.91 4.66 18.83
C THR G 24 20.05 3.47 19.23
N PHE G 25 20.41 2.27 18.76
CA PHE G 25 19.63 1.08 19.07
C PHE G 25 19.76 0.76 20.55
N THR G 26 20.95 0.98 21.10
CA THR G 26 21.19 0.70 22.50
C THR G 26 20.38 1.62 23.38
N VAL G 27 20.34 2.92 23.04
CA VAL G 27 19.53 3.85 23.81
C VAL G 27 18.05 3.51 23.68
N PHE G 28 17.63 3.12 22.47
CA PHE G 28 16.24 2.73 22.29
C PHE G 28 15.91 1.53 23.18
N MET G 29 16.80 0.53 23.15
CA MET G 29 16.71 -0.63 24.03
C MET G 29 16.58 -0.28 25.51
N VAL G 30 17.45 0.60 26.00
CA VAL G 30 17.49 0.97 27.41
C VAL G 30 16.21 1.68 27.83
N LEU G 31 15.76 2.62 27.01
CA LEU G 31 14.46 3.27 27.22
C LEU G 31 13.32 2.25 27.20
N ALA G 32 13.37 1.26 26.30
CA ALA G 32 12.29 0.28 26.22
C ALA G 32 12.27 -0.61 27.45
N ALA G 33 13.44 -1.03 27.94
CA ALA G 33 13.51 -1.79 29.18
C ALA G 33 13.01 -0.97 30.36
N ALA G 34 13.20 0.35 30.27
CA ALA G 34 12.81 1.18 31.40
C ALA G 34 11.31 1.37 31.37
N ALA G 35 10.77 1.50 30.16
CA ALA G 35 9.33 1.56 29.98
C ALA G 35 8.66 0.28 30.45
N HIS G 36 9.37 -0.86 30.37
CA HIS G 36 8.74 -2.16 30.65
C HIS G 36 8.61 -2.49 32.19
N PHE G 37 9.70 -2.66 32.94
CA PHE G 37 9.70 -2.37 34.39
C PHE G 37 8.63 -1.34 34.79
N LEU G 38 8.70 -0.11 34.18
CA LEU G 38 7.78 0.96 34.60
C LEU G 38 6.33 0.57 34.40
N VAL G 39 6.01 -0.06 33.28
CA VAL G 39 4.65 -0.52 33.07
C VAL G 39 4.35 -1.71 33.95
N PHE G 40 5.38 -2.46 34.36
CA PHE G 40 5.07 -3.55 35.28
C PHE G 40 4.85 -3.03 36.68
N LEU G 41 5.58 -2.00 37.09
CA LEU G 41 5.25 -1.32 38.34
C LEU G 41 3.82 -0.79 38.32
N TRP G 42 3.41 -0.14 37.22
CA TRP G 42 2.07 0.44 37.17
C TRP G 42 0.99 -0.64 37.10
N ARG G 43 1.14 -1.59 36.18
CA ARG G 43 0.21 -2.71 36.04
C ARG G 43 1.01 -3.97 35.76
N PRO G 44 1.27 -4.81 36.76
CA PRO G 44 2.03 -6.04 36.52
C PRO G 44 1.32 -6.95 35.54
N PHE G 45 2.11 -7.68 34.75
CA PHE G 45 1.57 -8.66 33.80
C PHE G 45 2.13 -10.03 34.15
N TYR G 46 1.65 -11.04 33.43
CA TYR G 46 1.90 -12.45 33.75
C TYR G 46 1.39 -12.77 35.16
N GLU H 3 32.99 -23.91 -6.06
CA GLU H 3 34.43 -23.68 -5.89
C GLU H 3 34.68 -22.79 -4.68
N TYR H 4 34.20 -21.54 -4.75
CA TYR H 4 34.37 -20.61 -3.65
C TYR H 4 33.66 -21.12 -2.41
N ARG H 5 34.35 -21.08 -1.28
CA ARG H 5 33.79 -21.52 0.01
C ARG H 5 33.84 -20.35 0.99
N PRO H 6 32.71 -19.64 1.16
CA PRO H 6 32.66 -18.52 2.11
C PRO H 6 33.04 -18.92 3.52
N SER H 7 33.73 -18.03 4.21
CA SER H 7 34.06 -18.31 5.60
C SER H 7 32.84 -18.10 6.50
N LYS H 8 32.87 -18.75 7.65
CA LYS H 8 31.78 -18.60 8.60
C LYS H 8 31.83 -17.22 9.22
N PRO H 9 30.76 -16.43 9.14
CA PRO H 9 30.81 -15.08 9.70
C PRO H 9 30.70 -15.08 11.21
N SER H 10 31.38 -14.12 11.83
CA SER H 10 31.38 -13.95 13.28
C SER H 10 30.53 -12.74 13.63
N ASN H 11 29.41 -12.98 14.30
CA ASN H 11 28.52 -11.92 14.70
C ASN H 11 28.60 -11.72 16.22
N PRO H 12 28.47 -10.48 16.71
CA PRO H 12 28.14 -9.24 15.99
C PRO H 12 29.32 -8.51 15.35
N ARG H 13 30.50 -9.12 15.27
CA ARG H 13 31.67 -8.39 14.79
C ARG H 13 31.53 -7.99 13.32
N ASP H 14 30.87 -8.81 12.52
CA ASP H 14 30.65 -8.55 11.11
C ASP H 14 29.25 -8.01 10.83
N ASP H 15 28.58 -7.48 11.85
CA ASP H 15 27.23 -6.97 11.63
C ASP H 15 27.23 -5.74 10.75
N TRP H 16 28.32 -4.96 10.81
CA TRP H 16 28.44 -3.77 9.97
C TRP H 16 28.35 -4.10 8.49
N LYS H 17 28.64 -5.35 8.10
CA LYS H 17 28.62 -5.72 6.70
C LYS H 17 27.22 -5.66 6.10
N LEU H 18 26.18 -5.66 6.95
CA LEU H 18 24.81 -5.54 6.46
C LEU H 18 24.64 -4.27 5.64
N TRP H 19 25.30 -3.19 6.05
CA TRP H 19 25.18 -1.93 5.32
C TRP H 19 25.89 -2.00 3.98
N LEU H 20 26.84 -2.91 3.84
CA LEU H 20 27.43 -3.15 2.52
C LEU H 20 26.40 -3.75 1.58
N VAL H 21 25.45 -4.50 2.13
CA VAL H 21 24.39 -5.10 1.33
C VAL H 21 23.18 -4.17 1.20
N VAL H 22 22.74 -3.60 2.31
CA VAL H 22 21.53 -2.80 2.40
C VAL H 22 21.94 -1.34 2.47
N ASN H 23 21.55 -0.55 1.49
CA ASN H 23 21.89 0.87 1.49
C ASN H 23 21.07 1.59 2.55
N PRO H 24 21.70 2.18 3.57
CA PRO H 24 20.93 2.89 4.59
C PRO H 24 20.18 4.09 4.05
N GLY H 25 20.70 4.76 3.02
CA GLY H 25 19.99 5.88 2.43
C GLY H 25 18.62 5.51 1.90
N THR H 26 18.46 4.27 1.44
CA THR H 26 17.18 3.80 0.93
C THR H 26 16.33 3.17 2.02
N TRP H 27 16.94 2.42 2.94
CA TRP H 27 16.17 1.55 3.82
C TRP H 27 16.12 1.97 5.28
N LEU H 28 16.93 2.94 5.73
CA LEU H 28 16.90 3.31 7.14
C LEU H 28 15.53 3.83 7.54
N MET H 29 14.95 4.70 6.72
CA MET H 29 13.61 5.20 7.04
C MET H 29 12.57 4.08 7.05
N PRO H 30 12.43 3.27 5.97
CA PRO H 30 11.60 2.05 6.07
C PRO H 30 11.82 1.23 7.32
N ILE H 31 13.08 1.05 7.75
CA ILE H 31 13.35 0.30 8.99
C ILE H 31 12.66 0.96 10.18
N LEU H 32 12.89 2.27 10.36
CA LEU H 32 12.28 3.02 11.47
C LEU H 32 10.75 2.95 11.43
N MET H 33 10.17 3.17 10.25
CA MET H 33 8.73 3.02 10.03
C MET H 33 8.21 1.64 10.41
N ALA H 34 8.96 0.58 10.05
CA ALA H 34 8.53 -0.76 10.45
C ALA H 34 8.55 -0.91 11.97
N VAL H 35 9.60 -0.43 12.62
CA VAL H 35 9.66 -0.49 14.08
C VAL H 35 8.47 0.25 14.68
N LEU H 36 8.16 1.42 14.12
CA LEU H 36 7.01 2.20 14.57
C LEU H 36 5.72 1.44 14.35
N VAL H 37 5.64 0.66 13.28
CA VAL H 37 4.39 -0.02 13.00
C VAL H 37 4.23 -1.14 14.02
N VAL H 38 5.35 -1.75 14.39
CA VAL H 38 5.31 -2.78 15.43
C VAL H 38 4.81 -2.18 16.73
N ALA H 39 5.35 -1.01 17.08
CA ALA H 39 5.05 -0.32 18.33
C ALA H 39 3.57 0.04 18.37
N LEU H 40 3.05 0.55 17.24
CA LEU H 40 1.63 0.82 17.13
C LEU H 40 0.78 -0.43 17.28
N VAL H 41 1.18 -1.54 16.65
CA VAL H 41 0.40 -2.78 16.75
C VAL H 41 0.40 -3.30 18.18
N VAL H 42 1.56 -3.22 18.83
CA VAL H 42 1.67 -3.70 20.20
C VAL H 42 0.85 -2.83 21.15
N HIS H 43 0.94 -1.51 21.01
CA HIS H 43 0.07 -0.62 21.74
C HIS H 43 -1.40 -0.93 21.48
N ALA H 44 -1.78 -1.17 20.22
CA ALA H 44 -3.18 -1.46 19.92
C ALA H 44 -3.64 -2.72 20.65
N PHE H 45 -2.76 -3.70 20.79
CA PHE H 45 -3.24 -4.90 21.48
C PHE H 45 -3.25 -4.73 22.99
N VAL H 46 -2.33 -3.94 23.51
CA VAL H 46 -2.30 -3.75 24.96
C VAL H 46 -3.31 -2.70 25.41
N TYR H 47 -3.38 -1.58 24.68
CA TYR H 47 -4.35 -0.52 24.95
C TYR H 47 -5.78 -1.05 24.87
N SER H 48 -6.07 -1.93 23.90
CA SER H 48 -7.41 -2.51 23.84
C SER H 48 -7.84 -3.11 25.19
N ASN H 49 -6.88 -3.65 25.95
CA ASN H 49 -7.19 -4.11 27.29
C ASN H 49 -7.39 -2.88 28.18
N ASP H 50 -8.59 -2.72 28.72
CA ASP H 50 -8.93 -1.56 29.53
C ASP H 50 -8.12 -1.45 30.80
N ASN H 51 -7.45 -2.53 31.19
CA ASN H 51 -6.65 -2.54 32.40
C ASN H 51 -5.22 -2.10 32.15
N TYR H 52 -4.87 -1.78 30.91
CA TYR H 52 -3.50 -1.44 30.57
C TYR H 52 -3.43 -0.17 29.73
N ASN H 53 -4.40 0.72 29.88
CA ASN H 53 -4.37 2.05 29.30
C ASN H 53 -4.70 3.10 30.36
N PRO H 54 -4.18 4.32 30.20
CA PRO H 54 -4.40 5.34 31.22
C PRO H 54 -5.76 6.02 31.16
N LEU H 55 -6.64 5.62 30.26
CA LEU H 55 -7.93 6.27 30.08
C LEU H 55 -8.85 5.85 31.21
N THR H 56 -8.83 6.62 32.30
CA THR H 56 -9.52 6.24 33.54
C THR H 56 -10.59 7.25 33.95
N PHE H 57 -10.91 8.23 33.11
CA PHE H 57 -11.91 9.22 33.49
C PHE H 57 -13.28 8.57 33.57
N ASP H 58 -13.99 8.81 34.68
CA ASP H 58 -15.27 8.20 34.95
C ASP H 58 -16.40 9.13 34.56
N ALA H 59 -17.34 8.63 33.76
CA ALA H 59 -18.52 9.39 33.33
C ALA H 59 -18.14 10.72 32.68
N ASN I 4 27.24 -11.72 -15.32
CA ASN I 4 25.96 -11.34 -15.94
C ASN I 4 24.79 -12.01 -15.21
N SER I 5 24.87 -12.09 -13.89
CA SER I 5 23.78 -12.68 -13.11
C SER I 5 22.58 -11.73 -13.14
N ILE I 6 21.39 -12.30 -12.93
CA ILE I 6 20.15 -11.53 -12.96
C ILE I 6 20.14 -10.48 -11.86
N SER I 7 20.51 -10.86 -10.65
CA SER I 7 20.58 -9.92 -9.52
C SER I 7 21.73 -8.94 -9.65
N GLY I 8 22.75 -9.24 -10.43
CA GLY I 8 23.94 -8.42 -10.46
C GLY I 8 25.06 -8.90 -9.57
N LEU I 9 24.78 -9.82 -8.65
CA LEU I 9 25.79 -10.28 -7.70
C LEU I 9 26.76 -11.24 -8.35
N THR I 10 28.01 -11.18 -7.91
CA THR I 10 28.97 -12.21 -8.28
C THR I 10 28.71 -13.47 -7.46
N GLU I 11 29.39 -14.57 -7.84
CA GLU I 11 29.23 -15.81 -7.11
C GLU I 11 29.71 -15.66 -5.66
N GLU I 12 30.84 -14.99 -5.47
CA GLU I 12 31.39 -14.80 -4.12
C GLU I 12 30.42 -14.01 -3.25
N GLN I 13 29.90 -12.90 -3.78
CA GLN I 13 28.88 -12.13 -3.08
C GLN I 13 27.67 -12.97 -2.69
N ALA I 14 27.11 -13.72 -3.64
CA ALA I 14 25.93 -14.53 -3.32
C ALA I 14 26.24 -15.54 -2.25
N LYS I 15 27.41 -16.20 -2.34
CA LYS I 15 27.77 -17.21 -1.34
C LYS I 15 28.00 -16.58 0.03
N GLU I 16 28.67 -15.43 0.07
CA GLU I 16 28.95 -14.77 1.35
C GLU I 16 27.65 -14.32 2.00
N PHE I 17 26.76 -13.69 1.21
CA PHE I 17 25.47 -13.29 1.74
C PHE I 17 24.69 -14.49 2.23
N HIS I 18 24.67 -15.58 1.46
CA HIS I 18 23.93 -16.76 1.88
C HIS I 18 24.49 -17.33 3.17
N GLU I 19 25.81 -17.29 3.34
CA GLU I 19 26.39 -17.83 4.56
C GLU I 19 25.90 -17.05 5.78
N GLN I 20 25.98 -15.72 5.71
CA GLN I 20 25.44 -14.91 6.82
C GLN I 20 23.93 -15.12 6.97
N PHE I 21 23.21 -15.22 5.83
CA PHE I 21 21.76 -15.37 5.90
C PHE I 21 21.44 -16.65 6.67
N LYS I 22 22.10 -17.74 6.29
CA LYS I 22 21.85 -19.02 6.91
C LYS I 22 22.15 -18.99 8.41
N THR I 23 23.28 -18.39 8.79
CA THR I 23 23.67 -18.31 10.21
C THR I 23 22.61 -17.58 11.04
N THR I 24 22.13 -16.45 10.52
CA THR I 24 21.17 -15.57 11.18
C THR I 24 19.82 -16.26 11.24
N PHE I 25 19.44 -16.94 10.15
CA PHE I 25 18.20 -17.69 10.10
C PHE I 25 18.22 -18.83 11.12
N THR I 26 19.37 -19.50 11.24
CA THR I 26 19.51 -20.59 12.21
C THR I 26 19.32 -20.07 13.63
N VAL I 27 19.97 -18.94 13.96
CA VAL I 27 19.80 -18.39 15.30
C VAL I 27 18.34 -17.98 15.55
N PHE I 28 17.72 -17.38 14.54
CA PHE I 28 16.31 -16.96 14.64
C PHE I 28 15.42 -18.17 14.91
N MET I 29 15.72 -19.28 14.24
CA MET I 29 14.93 -20.50 14.39
C MET I 29 15.16 -21.14 15.75
N VAL I 30 16.41 -21.20 16.21
CA VAL I 30 16.70 -21.72 17.54
C VAL I 30 15.95 -20.91 18.59
N LEU I 31 15.98 -19.58 18.45
CA LEU I 31 15.25 -18.72 19.39
C LEU I 31 13.75 -18.94 19.30
N ALA I 32 13.23 -19.15 18.08
CA ALA I 32 11.81 -19.41 17.93
C ALA I 32 11.41 -20.75 18.56
N ALA I 33 12.27 -21.76 18.41
CA ALA I 33 12.02 -23.06 19.04
C ALA I 33 12.05 -22.95 20.56
N ALA I 34 12.98 -22.15 21.08
CA ALA I 34 13.03 -21.86 22.51
C ALA I 34 11.75 -21.23 23.00
N ALA I 35 11.27 -20.23 22.25
CA ALA I 35 10.09 -19.47 22.59
C ALA I 35 8.86 -20.34 22.54
N HIS I 36 8.78 -21.23 21.54
CA HIS I 36 7.66 -22.15 21.48
C HIS I 36 7.68 -23.08 22.69
N PHE I 37 8.86 -23.58 23.07
CA PHE I 37 8.97 -24.42 24.27
C PHE I 37 8.54 -23.67 25.51
N LEU I 38 9.01 -22.43 25.67
CA LEU I 38 8.63 -21.64 26.84
C LEU I 38 7.14 -21.35 26.87
N VAL I 39 6.54 -21.06 25.70
CA VAL I 39 5.12 -20.75 25.67
C VAL I 39 4.28 -22.00 25.92
N PHE I 40 4.78 -23.17 25.52
CA PHE I 40 4.07 -24.40 25.86
C PHE I 40 4.15 -24.67 27.35
N LEU I 41 5.31 -24.40 27.97
CA LEU I 41 5.41 -24.55 29.41
C LEU I 41 4.47 -23.59 30.14
N TRP I 42 4.39 -22.33 29.67
CA TRP I 42 3.55 -21.34 30.30
C TRP I 42 2.07 -21.63 30.04
N ARG I 43 1.70 -21.89 28.79
CA ARG I 43 0.33 -22.19 28.41
C ARG I 43 0.36 -23.29 27.35
N PRO I 44 0.16 -24.54 27.75
CA PRO I 44 0.20 -25.63 26.76
C PRO I 44 -0.93 -25.47 25.74
N PHE I 45 -0.64 -25.89 24.52
CA PHE I 45 -1.62 -25.88 23.44
C PHE I 45 -1.79 -27.30 22.90
N TYR I 46 -2.75 -27.45 21.99
CA TYR I 46 -3.22 -28.77 21.54
C TYR I 46 -3.73 -29.60 22.71
N GLU J 3 16.50 -28.93 -26.88
CA GLU J 3 17.66 -28.05 -26.82
C GLU J 3 18.32 -28.09 -25.44
N TYR J 4 18.46 -26.90 -24.83
CA TYR J 4 19.05 -26.79 -23.50
C TYR J 4 18.24 -27.59 -22.50
N ARG J 5 18.87 -28.50 -21.77
CA ARG J 5 18.15 -29.15 -20.67
C ARG J 5 18.83 -28.88 -19.34
N PRO J 6 18.20 -28.10 -18.45
CA PRO J 6 18.85 -27.79 -17.17
C PRO J 6 18.96 -29.01 -16.29
N SER J 7 20.04 -29.04 -15.50
CA SER J 7 20.26 -30.13 -14.57
C SER J 7 19.35 -29.98 -13.35
N LYS J 8 19.08 -31.10 -12.69
CA LYS J 8 18.30 -31.10 -11.45
C LYS J 8 19.08 -30.40 -10.34
N PRO J 9 18.56 -29.31 -9.76
CA PRO J 9 19.30 -28.67 -8.67
C PRO J 9 19.34 -29.52 -7.43
N SER J 10 20.43 -29.40 -6.69
CA SER J 10 20.57 -30.06 -5.40
C SER J 10 20.42 -29.03 -4.29
N ASN J 11 19.37 -29.18 -3.50
CA ASN J 11 19.14 -28.27 -2.38
C ASN J 11 19.39 -29.01 -1.06
N PRO J 12 19.93 -28.33 -0.04
CA PRO J 12 20.23 -26.90 0.05
C PRO J 12 21.59 -26.48 -0.51
N ARG J 13 22.34 -27.39 -1.14
CA ARG J 13 23.67 -27.03 -1.62
C ARG J 13 23.59 -25.91 -2.66
N ASP J 14 22.50 -25.86 -3.41
CA ASP J 14 22.40 -24.80 -4.42
C ASP J 14 21.57 -23.61 -3.99
N ASP J 15 21.25 -23.50 -2.71
CA ASP J 15 20.37 -22.43 -2.23
C ASP J 15 20.99 -21.05 -2.39
N TRP J 16 22.32 -20.95 -2.30
CA TRP J 16 22.98 -19.66 -2.47
C TRP J 16 22.70 -19.05 -3.83
N LYS J 17 22.33 -19.86 -4.82
CA LYS J 17 22.01 -19.34 -6.15
C LYS J 17 20.82 -18.39 -6.15
N LEU J 18 19.95 -18.46 -5.14
CA LEU J 18 18.83 -17.51 -5.05
C LEU J 18 19.33 -16.08 -5.10
N TRP J 19 20.44 -15.80 -4.43
CA TRP J 19 20.96 -14.44 -4.44
C TRP J 19 21.48 -14.02 -5.79
N LEU J 20 21.77 -14.98 -6.68
CA LEU J 20 22.15 -14.61 -8.04
C LEU J 20 20.93 -14.11 -8.80
N VAL J 21 19.74 -14.55 -8.39
CA VAL J 21 18.51 -14.04 -9.01
C VAL J 21 17.99 -12.85 -8.23
N VAL J 22 17.88 -12.98 -6.91
CA VAL J 22 17.24 -11.98 -6.07
C VAL J 22 18.33 -11.12 -5.46
N ASN J 23 18.34 -9.84 -5.78
CA ASN J 23 19.36 -8.95 -5.24
C ASN J 23 19.07 -8.69 -3.77
N PRO J 24 19.95 -9.09 -2.85
CA PRO J 24 19.68 -8.82 -1.44
C PRO J 24 19.62 -7.35 -1.09
N GLY J 25 20.41 -6.52 -1.78
CA GLY J 25 20.33 -5.08 -1.58
C GLY J 25 18.94 -4.52 -1.75
N THR J 26 18.14 -5.11 -2.62
CA THR J 26 16.77 -4.67 -2.85
C THR J 26 15.78 -5.40 -1.95
N TRP J 27 15.94 -6.71 -1.75
CA TRP J 27 14.88 -7.55 -1.19
C TRP J 27 15.11 -8.02 0.24
N LEU J 28 16.31 -7.84 0.82
CA LEU J 28 16.56 -8.34 2.16
C LEU J 28 15.65 -7.63 3.14
N MET J 29 15.55 -6.30 3.03
CA MET J 29 14.66 -5.59 3.94
C MET J 29 13.20 -5.97 3.73
N PRO J 30 12.66 -6.02 2.51
CA PRO J 30 11.31 -6.56 2.32
C PRO J 30 11.11 -7.95 2.89
N ILE J 31 12.11 -8.83 2.79
CA ILE J 31 12.01 -10.16 3.38
C ILE J 31 11.84 -10.03 4.90
N LEU J 32 12.67 -9.18 5.52
CA LEU J 32 12.62 -9.07 6.98
C LEU J 32 11.27 -8.55 7.42
N MET J 33 10.81 -7.48 6.74
CA MET J 33 9.50 -6.90 7.02
C MET J 33 8.39 -7.92 6.82
N ALA J 34 8.50 -8.80 5.81
CA ALA J 34 7.45 -9.81 5.62
C ALA J 34 7.42 -10.78 6.79
N VAL J 35 8.59 -11.22 7.24
CA VAL J 35 8.66 -12.09 8.41
C VAL J 35 8.07 -11.38 9.62
N LEU J 36 8.27 -10.08 9.70
CA LEU J 36 7.78 -9.28 10.82
C LEU J 36 6.26 -9.20 10.77
N VAL J 37 5.72 -9.07 9.56
CA VAL J 37 4.29 -9.03 9.36
C VAL J 37 3.66 -10.36 9.73
N VAL J 38 4.32 -11.46 9.37
CA VAL J 38 3.85 -12.77 9.79
C VAL J 38 3.81 -12.85 11.31
N ALA J 39 4.90 -12.44 11.98
CA ALA J 39 4.92 -12.59 13.44
C ALA J 39 3.83 -11.75 14.10
N LEU J 40 3.58 -10.57 13.54
CA LEU J 40 2.55 -9.67 14.06
C LEU J 40 1.15 -10.25 13.86
N VAL J 41 0.85 -10.79 12.67
CA VAL J 41 -0.40 -11.50 12.44
C VAL J 41 -0.54 -12.69 13.39
N VAL J 42 0.56 -13.41 13.64
CA VAL J 42 0.44 -14.64 14.44
C VAL J 42 0.19 -14.24 15.88
N HIS J 43 0.89 -13.19 16.30
CA HIS J 43 0.66 -12.64 17.63
C HIS J 43 -0.77 -12.11 17.75
N ALA J 44 -1.28 -11.44 16.72
CA ALA J 44 -2.65 -10.95 16.75
C ALA J 44 -3.64 -12.07 16.98
N PHE J 45 -3.46 -13.19 16.29
CA PHE J 45 -4.40 -14.30 16.47
C PHE J 45 -4.24 -14.98 17.82
N VAL J 46 -3.01 -15.11 18.33
CA VAL J 46 -2.84 -15.80 19.59
C VAL J 46 -3.16 -14.88 20.78
N TYR J 47 -2.77 -13.62 20.70
CA TYR J 47 -2.95 -12.66 21.77
C TYR J 47 -4.43 -12.43 22.03
N SER J 48 -5.20 -12.45 20.94
CA SER J 48 -6.66 -12.20 20.96
C SER J 48 -7.44 -13.16 21.87
N ASN J 49 -6.85 -14.32 22.08
CA ASN J 49 -7.24 -15.37 23.00
C ASN J 49 -6.71 -15.02 24.37
N ASP J 50 -7.63 -14.77 25.30
CA ASP J 50 -7.25 -14.22 26.59
C ASP J 50 -6.34 -15.16 27.37
N ASN J 51 -6.45 -16.46 27.14
CA ASN J 51 -5.65 -17.44 27.85
C ASN J 51 -4.26 -17.61 27.27
N TYR J 52 -3.81 -16.72 26.39
CA TYR J 52 -2.48 -16.82 25.82
C TYR J 52 -1.79 -15.47 25.69
N ASN J 53 -2.23 -14.46 26.43
CA ASN J 53 -1.52 -13.20 26.53
C ASN J 53 -1.23 -12.89 27.99
N PRO J 54 -0.18 -12.11 28.27
CA PRO J 54 0.21 -11.85 29.67
C PRO J 54 -0.62 -10.77 30.37
N LEU J 55 -1.63 -10.21 29.72
CA LEU J 55 -2.41 -9.12 30.31
C LEU J 55 -3.36 -9.72 31.35
N THR J 56 -2.89 -9.82 32.59
CA THR J 56 -3.60 -10.50 33.65
C THR J 56 -4.12 -9.56 34.73
N PHE J 57 -3.86 -8.26 34.62
CA PHE J 57 -4.31 -7.33 35.64
C PHE J 57 -5.82 -7.16 35.59
N ASP J 58 -6.47 -7.23 36.75
CA ASP J 58 -7.91 -7.03 36.88
C ASP J 58 -8.14 -5.85 37.82
N ALA J 59 -8.68 -4.76 37.28
CA ALA J 59 -8.95 -3.57 38.07
C ALA J 59 -10.31 -3.68 38.74
N ASN K 4 16.85 -10.97 -26.79
CA ASN K 4 16.04 -9.78 -26.59
C ASN K 4 14.70 -10.07 -25.93
N SER K 5 14.74 -10.86 -24.87
CA SER K 5 13.52 -11.30 -24.22
C SER K 5 12.91 -10.15 -23.42
N ILE K 6 11.61 -10.25 -23.16
CA ILE K 6 10.92 -9.19 -22.43
C ILE K 6 11.52 -9.00 -21.05
N SER K 7 11.79 -10.11 -20.37
CA SER K 7 12.33 -10.04 -19.03
C SER K 7 13.83 -9.76 -18.99
N GLY K 8 14.53 -9.93 -20.13
CA GLY K 8 15.96 -9.80 -20.19
C GLY K 8 16.71 -11.09 -19.95
N LEU K 9 16.03 -12.15 -19.52
CA LEU K 9 16.70 -13.41 -19.24
C LEU K 9 17.02 -14.15 -20.54
N THR K 10 18.14 -14.85 -20.53
CA THR K 10 18.44 -15.77 -21.61
C THR K 10 17.59 -17.05 -21.45
N GLU K 11 17.58 -17.87 -22.50
CA GLU K 11 16.87 -19.13 -22.43
C GLU K 11 17.43 -20.03 -21.33
N GLU K 12 18.75 -20.04 -21.17
CA GLU K 12 19.34 -20.96 -20.21
C GLU K 12 19.02 -20.49 -18.78
N GLN K 13 19.14 -19.19 -18.53
CA GLN K 13 18.70 -18.62 -17.26
C GLN K 13 17.23 -18.93 -16.95
N ALA K 14 16.32 -18.70 -17.90
CA ALA K 14 14.92 -19.01 -17.65
C ALA K 14 14.75 -20.49 -17.35
N LYS K 15 15.48 -21.35 -18.06
CA LYS K 15 15.31 -22.79 -17.89
C LYS K 15 15.82 -23.27 -16.53
N GLU K 16 17.00 -22.81 -16.12
CA GLU K 16 17.57 -23.12 -14.82
C GLU K 16 16.67 -22.58 -13.70
N PHE K 17 16.20 -21.33 -13.81
CA PHE K 17 15.32 -20.80 -12.79
C PHE K 17 14.04 -21.61 -12.69
N HIS K 18 13.44 -21.95 -13.84
CA HIS K 18 12.23 -22.76 -13.85
C HIS K 18 12.46 -24.09 -13.16
N GLU K 19 13.62 -24.71 -13.42
CA GLU K 19 13.89 -26.03 -12.85
C GLU K 19 13.94 -25.94 -11.33
N GLN K 20 14.65 -24.94 -10.81
CA GLN K 20 14.67 -24.75 -9.35
C GLN K 20 13.29 -24.40 -8.81
N PHE K 21 12.56 -23.53 -9.52
CA PHE K 21 11.23 -23.14 -9.05
C PHE K 21 10.32 -24.36 -8.99
N LYS K 22 10.41 -25.24 -9.98
CA LYS K 22 9.52 -26.39 -10.02
C LYS K 22 9.85 -27.32 -8.87
N THR K 23 11.16 -27.58 -8.67
CA THR K 23 11.60 -28.39 -7.53
C THR K 23 11.09 -27.84 -6.19
N THR K 24 11.35 -26.56 -5.91
CA THR K 24 10.87 -25.96 -4.66
C THR K 24 9.36 -26.01 -4.51
N PHE K 25 8.63 -25.71 -5.60
CA PHE K 25 7.17 -25.76 -5.62
C PHE K 25 6.69 -27.15 -5.27
N THR K 26 7.36 -28.17 -5.84
CA THR K 26 6.97 -29.55 -5.60
C THR K 26 7.16 -29.94 -4.15
N VAL K 27 8.26 -29.47 -3.53
CA VAL K 27 8.45 -29.78 -2.12
C VAL K 27 7.39 -29.10 -1.28
N PHE K 28 7.16 -27.81 -1.54
CA PHE K 28 6.11 -27.04 -0.87
C PHE K 28 4.76 -27.74 -1.00
N MET K 29 4.45 -28.27 -2.18
CA MET K 29 3.16 -28.92 -2.40
C MET K 29 3.03 -30.23 -1.63
N VAL K 30 4.07 -31.06 -1.67
CA VAL K 30 4.08 -32.28 -0.86
C VAL K 30 3.86 -31.95 0.61
N LEU K 31 4.52 -30.89 1.07
CA LEU K 31 4.49 -30.56 2.49
C LEU K 31 3.11 -30.05 2.84
N ALA K 32 2.52 -29.29 1.92
CA ALA K 32 1.15 -28.81 2.11
C ALA K 32 0.17 -29.97 2.16
N ALA K 33 0.34 -30.96 1.29
CA ALA K 33 -0.53 -32.14 1.27
C ALA K 33 -0.40 -32.96 2.55
N ALA K 34 0.84 -33.22 2.99
CA ALA K 34 1.10 -33.75 4.32
C ALA K 34 0.34 -33.00 5.38
N ALA K 35 0.37 -31.67 5.27
CA ALA K 35 -0.11 -30.85 6.38
C ALA K 35 -1.61 -30.96 6.42
N HIS K 36 -2.18 -31.15 5.25
CA HIS K 36 -3.62 -31.23 5.13
C HIS K 36 -4.10 -32.57 5.68
N PHE K 37 -3.75 -33.71 5.02
CA PHE K 37 -3.91 -35.06 5.64
C PHE K 37 -3.80 -34.93 7.19
N LEU K 38 -2.69 -34.32 7.71
CA LEU K 38 -2.43 -34.21 9.18
C LEU K 38 -3.51 -33.40 9.93
N VAL K 39 -3.89 -32.22 9.42
CA VAL K 39 -5.01 -31.48 10.03
C VAL K 39 -6.34 -32.23 9.88
N PHE K 40 -6.50 -33.04 8.83
CA PHE K 40 -7.72 -33.84 8.74
C PHE K 40 -7.73 -34.91 9.81
N LEU K 41 -6.58 -35.53 10.07
CA LEU K 41 -6.49 -36.49 11.17
C LEU K 41 -6.78 -35.82 12.51
N TRP K 42 -6.22 -34.63 12.72
CA TRP K 42 -6.43 -33.93 13.99
C TRP K 42 -7.88 -33.46 14.13
N ARG K 43 -8.40 -32.79 13.12
CA ARG K 43 -9.79 -32.35 13.11
C ARG K 43 -10.33 -32.49 11.70
N PRO K 44 -11.11 -33.54 11.43
CA PRO K 44 -11.65 -33.73 10.07
C PRO K 44 -12.56 -32.59 9.67
N PHE K 45 -12.58 -32.29 8.38
CA PHE K 45 -13.46 -31.28 7.83
C PHE K 45 -14.37 -31.92 6.79
N TYR K 46 -15.30 -31.12 6.26
CA TYR K 46 -16.40 -31.61 5.42
C TYR K 46 -17.23 -32.65 6.18
N GLU L 3 -0.96 -11.12 -39.59
CA GLU L 3 -0.12 -11.94 -40.46
C GLU L 3 0.51 -13.09 -39.66
N TYR L 4 1.30 -12.73 -38.64
CA TYR L 4 1.92 -13.74 -37.80
C TYR L 4 0.87 -14.57 -37.09
N ARG L 5 1.05 -15.89 -37.10
CA ARG L 5 0.15 -16.83 -36.45
C ARG L 5 0.90 -17.59 -35.38
N PRO L 6 0.74 -17.26 -34.11
CA PRO L 6 1.53 -17.92 -33.06
C PRO L 6 1.11 -19.38 -32.90
N SER L 7 2.08 -20.22 -32.61
CA SER L 7 1.82 -21.65 -32.43
C SER L 7 1.14 -21.87 -31.09
N LYS L 8 0.33 -22.92 -31.03
CA LYS L 8 -0.33 -23.26 -29.77
C LYS L 8 0.68 -23.77 -28.76
N PRO L 9 0.81 -23.16 -27.59
CA PRO L 9 1.81 -23.61 -26.62
C PRO L 9 1.43 -24.96 -26.01
N SER L 10 2.45 -25.72 -25.63
CA SER L 10 2.26 -26.98 -24.92
C SER L 10 2.71 -26.77 -23.48
N ASN L 11 1.79 -26.97 -22.55
CA ASN L 11 2.11 -26.86 -21.14
C ASN L 11 1.98 -28.22 -20.46
N PRO L 12 2.84 -28.51 -19.46
CA PRO L 12 3.83 -27.65 -18.82
C PRO L 12 5.18 -27.58 -19.53
N ARG L 13 5.31 -28.10 -20.74
CA ARG L 13 6.61 -28.12 -21.40
C ARG L 13 7.16 -26.72 -21.63
N ASP L 14 6.30 -25.78 -22.00
CA ASP L 14 6.71 -24.41 -22.29
C ASP L 14 6.55 -23.50 -21.08
N ASP L 15 6.35 -24.05 -19.89
CA ASP L 15 6.14 -23.22 -18.71
C ASP L 15 7.36 -22.36 -18.41
N TRP L 16 8.57 -22.83 -18.73
CA TRP L 16 9.73 -22.04 -18.40
C TRP L 16 9.78 -20.71 -19.15
N LYS L 17 8.99 -20.58 -20.22
CA LYS L 17 8.97 -19.35 -21.00
C LYS L 17 8.43 -18.16 -20.21
N LEU L 18 7.76 -18.44 -19.09
CA LEU L 18 7.17 -17.39 -18.26
C LEU L 18 8.31 -16.53 -17.73
N TRP L 19 9.45 -17.14 -17.48
CA TRP L 19 10.58 -16.37 -16.97
C TRP L 19 11.19 -15.50 -18.07
N LEU L 20 10.95 -15.84 -19.33
CA LEU L 20 11.36 -14.96 -20.41
C LEU L 20 10.52 -13.69 -20.44
N VAL L 21 9.29 -13.76 -19.92
CA VAL L 21 8.46 -12.58 -19.82
C VAL L 21 8.64 -11.89 -18.47
N VAL L 22 8.64 -12.66 -17.40
CA VAL L 22 8.56 -12.16 -16.04
C VAL L 22 9.95 -12.29 -15.43
N ASN L 23 10.57 -11.17 -15.14
CA ASN L 23 11.92 -11.22 -14.60
C ASN L 23 11.85 -11.74 -13.17
N PRO L 24 12.49 -12.88 -12.87
CA PRO L 24 12.39 -13.42 -11.52
C PRO L 24 13.13 -12.57 -10.50
N GLY L 25 14.18 -11.86 -10.92
CA GLY L 25 14.87 -10.97 -10.01
C GLY L 25 13.96 -9.90 -9.41
N THR L 26 12.85 -9.62 -10.07
CA THR L 26 12.00 -8.48 -9.72
C THR L 26 10.67 -8.94 -9.16
N TRP L 27 10.30 -10.18 -9.49
CA TRP L 27 9.00 -10.69 -9.10
C TRP L 27 9.00 -11.96 -8.27
N LEU L 28 10.14 -12.66 -8.14
CA LEU L 28 10.12 -13.87 -7.33
C LEU L 28 9.72 -13.57 -5.91
N MET L 29 10.29 -12.52 -5.32
CA MET L 29 9.94 -12.18 -3.94
C MET L 29 8.49 -11.73 -3.82
N PRO L 30 7.98 -10.77 -4.63
CA PRO L 30 6.53 -10.54 -4.68
C PRO L 30 5.69 -11.81 -4.80
N ILE L 31 6.10 -12.77 -5.63
CA ILE L 31 5.34 -14.02 -5.77
C ILE L 31 5.23 -14.71 -4.41
N LEU L 32 6.37 -14.86 -3.73
CA LEU L 32 6.43 -15.62 -2.49
C LEU L 32 5.68 -14.87 -1.39
N MET L 33 5.75 -13.55 -1.42
CA MET L 33 5.00 -12.73 -0.48
C MET L 33 3.50 -12.87 -0.71
N ALA L 34 3.09 -12.97 -1.98
CA ALA L 34 1.68 -13.20 -2.28
C ALA L 34 1.23 -14.54 -1.74
N VAL L 35 2.02 -15.60 -1.96
CA VAL L 35 1.67 -16.92 -1.45
C VAL L 35 1.51 -16.89 0.07
N LEU L 36 2.40 -16.15 0.74
CA LEU L 36 2.41 -16.01 2.20
C LEU L 36 1.15 -15.29 2.64
N VAL L 37 0.77 -14.24 1.91
CA VAL L 37 -0.46 -13.52 2.20
C VAL L 37 -1.64 -14.47 2.10
N VAL L 38 -1.64 -15.30 1.06
CA VAL L 38 -2.72 -16.28 0.94
C VAL L 38 -2.73 -17.19 2.16
N ALA L 39 -1.56 -17.67 2.58
CA ALA L 39 -1.55 -18.59 3.69
C ALA L 39 -1.99 -17.92 4.99
N LEU L 40 -1.62 -16.66 5.18
CA LEU L 40 -2.08 -15.89 6.34
C LEU L 40 -3.60 -15.74 6.34
N VAL L 41 -4.17 -15.50 5.16
CA VAL L 41 -5.60 -15.22 5.00
C VAL L 41 -6.35 -16.51 5.26
N VAL L 42 -5.81 -17.63 4.74
CA VAL L 42 -6.48 -18.92 4.95
C VAL L 42 -6.44 -19.30 6.41
N HIS L 43 -5.29 -19.11 7.05
CA HIS L 43 -5.10 -19.39 8.46
C HIS L 43 -6.07 -18.52 9.24
N ALA L 44 -6.25 -17.29 8.79
CA ALA L 44 -7.07 -16.35 9.52
C ALA L 44 -8.54 -16.77 9.52
N PHE L 45 -9.03 -17.28 8.39
CA PHE L 45 -10.39 -17.81 8.35
C PHE L 45 -10.52 -19.15 9.08
N VAL L 46 -9.51 -20.01 9.04
CA VAL L 46 -9.63 -21.31 9.71
C VAL L 46 -9.38 -21.20 11.21
N TYR L 47 -8.33 -20.47 11.61
CA TYR L 47 -8.02 -20.23 13.02
C TYR L 47 -9.19 -19.60 13.74
N SER L 48 -9.90 -18.69 13.06
CA SER L 48 -11.00 -17.99 13.72
C SER L 48 -12.09 -18.96 14.18
N ASN L 49 -12.16 -20.13 13.57
CA ASN L 49 -13.00 -21.21 14.06
C ASN L 49 -12.29 -21.85 15.24
N ASP L 50 -12.88 -21.72 16.44
CA ASP L 50 -12.24 -22.21 17.65
C ASP L 50 -11.95 -23.70 17.58
N ASN L 51 -12.74 -24.44 16.81
CA ASN L 51 -12.53 -25.87 16.67
C ASN L 51 -11.33 -26.23 15.80
N TYR L 52 -10.70 -25.27 15.14
CA TYR L 52 -9.60 -25.57 14.22
C TYR L 52 -8.34 -24.80 14.57
N ASN L 53 -8.15 -24.45 15.83
CA ASN L 53 -6.90 -23.86 16.28
C ASN L 53 -6.41 -24.59 17.52
N PRO L 54 -5.10 -24.59 17.77
CA PRO L 54 -4.56 -25.34 18.91
C PRO L 54 -4.70 -24.64 20.25
N LEU L 55 -5.30 -23.46 20.30
CA LEU L 55 -5.39 -22.69 21.54
C LEU L 55 -6.47 -23.30 22.42
N THR L 56 -6.06 -24.23 23.27
CA THR L 56 -6.98 -25.04 24.06
C THR L 56 -6.88 -24.80 25.56
N PHE L 57 -6.03 -23.86 26.00
CA PHE L 57 -5.89 -23.61 27.43
C PHE L 57 -7.16 -22.95 27.95
N ASP L 58 -7.71 -23.51 29.03
CA ASP L 58 -9.06 -23.15 29.49
C ASP L 58 -9.04 -22.01 30.51
N ALA L 59 -8.19 -22.11 31.54
CA ALA L 59 -8.17 -21.17 32.65
C ALA L 59 -9.54 -21.07 33.33
N ASN M 4 8.47 0.47 -31.47
CA ASN M 4 7.74 1.72 -31.39
C ASN M 4 6.40 1.53 -30.65
N SER M 5 6.06 0.29 -30.29
CA SER M 5 4.85 0.09 -29.51
C SER M 5 5.00 0.71 -28.11
N ILE M 6 3.85 1.00 -27.51
CA ILE M 6 3.82 1.60 -26.18
C ILE M 6 4.47 0.68 -25.15
N SER M 7 4.12 -0.60 -25.18
CA SER M 7 4.71 -1.56 -24.25
C SER M 7 6.14 -1.94 -24.61
N GLY M 8 6.55 -1.72 -25.85
CA GLY M 8 7.86 -2.13 -26.31
C GLY M 8 7.91 -3.51 -26.94
N LEU M 9 6.81 -4.26 -26.88
CA LEU M 9 6.77 -5.61 -27.43
C LEU M 9 6.62 -5.55 -28.94
N THR M 10 7.26 -6.51 -29.62
CA THR M 10 7.00 -6.68 -31.04
C THR M 10 5.64 -7.36 -31.23
N GLU M 11 5.20 -7.41 -32.49
CA GLU M 11 3.94 -8.06 -32.79
C GLU M 11 4.01 -9.55 -32.48
N GLU M 12 5.14 -10.18 -32.81
CA GLU M 12 5.27 -11.61 -32.56
C GLU M 12 5.26 -11.91 -31.07
N GLN M 13 5.95 -11.10 -30.28
CA GLN M 13 5.96 -11.32 -28.84
C GLN M 13 4.56 -11.15 -28.24
N ALA M 14 3.85 -10.09 -28.67
CA ALA M 14 2.51 -9.86 -28.16
C ALA M 14 1.58 -11.01 -28.53
N LYS M 15 1.65 -11.48 -29.77
CA LYS M 15 0.81 -12.60 -30.20
C LYS M 15 1.12 -13.87 -29.44
N GLU M 16 2.41 -14.17 -29.27
CA GLU M 16 2.81 -15.40 -28.57
C GLU M 16 2.38 -15.36 -27.10
N PHE M 17 2.59 -14.21 -26.45
CA PHE M 17 2.14 -14.00 -25.08
C PHE M 17 0.63 -14.16 -24.99
N HIS M 18 -0.11 -13.56 -25.92
CA HIS M 18 -1.57 -13.65 -25.88
C HIS M 18 -2.04 -15.08 -26.03
N GLU M 19 -1.38 -15.86 -26.87
CA GLU M 19 -1.76 -17.25 -27.10
C GLU M 19 -1.57 -18.09 -25.84
N GLN M 20 -0.43 -17.89 -25.16
CA GLN M 20 -0.26 -18.58 -23.88
C GLN M 20 -1.25 -18.07 -22.81
N PHE M 21 -1.49 -16.76 -22.76
CA PHE M 21 -2.43 -16.21 -21.79
C PHE M 21 -3.83 -16.77 -22.01
N LYS M 22 -4.28 -16.82 -23.27
CA LYS M 22 -5.59 -17.37 -23.59
C LYS M 22 -5.70 -18.83 -23.18
N THR M 23 -4.69 -19.63 -23.54
CA THR M 23 -4.70 -21.04 -23.14
C THR M 23 -4.81 -21.17 -21.63
N THR M 24 -4.04 -20.37 -20.89
CA THR M 24 -4.01 -20.47 -19.44
C THR M 24 -5.31 -20.03 -18.79
N PHE M 25 -5.84 -18.89 -19.25
CA PHE M 25 -7.15 -18.39 -18.85
C PHE M 25 -8.24 -19.42 -19.13
N THR M 26 -8.19 -20.08 -20.29
CA THR M 26 -9.22 -21.06 -20.63
C THR M 26 -9.21 -22.22 -19.65
N VAL M 27 -8.02 -22.77 -19.35
CA VAL M 27 -7.94 -23.82 -18.35
C VAL M 27 -8.42 -23.31 -16.98
N PHE M 28 -8.04 -22.09 -16.60
CA PHE M 28 -8.48 -21.56 -15.31
C PHE M 28 -10.00 -21.45 -15.26
N MET M 29 -10.62 -21.02 -16.37
CA MET M 29 -12.06 -20.87 -16.45
C MET M 29 -12.76 -22.23 -16.39
N VAL M 30 -12.24 -23.22 -17.11
CA VAL M 30 -12.80 -24.56 -17.06
C VAL M 30 -12.74 -25.10 -15.63
N LEU M 31 -11.60 -24.88 -14.97
CA LEU M 31 -11.45 -25.35 -13.58
C LEU M 31 -12.41 -24.63 -12.65
N ALA M 32 -12.61 -23.33 -12.87
CA ALA M 32 -13.55 -22.57 -12.04
C ALA M 32 -14.99 -23.02 -12.28
N ALA M 33 -15.30 -23.41 -13.51
CA ALA M 33 -16.65 -23.87 -13.80
C ALA M 33 -16.90 -25.21 -13.14
N ALA M 34 -15.88 -26.07 -13.18
CA ALA M 34 -15.94 -27.34 -12.48
C ALA M 34 -16.06 -27.12 -10.98
N ALA M 35 -15.32 -26.15 -10.44
CA ALA M 35 -15.41 -25.86 -9.01
C ALA M 35 -16.81 -25.38 -8.66
N HIS M 36 -17.49 -24.67 -9.58
CA HIS M 36 -18.80 -24.11 -9.25
C HIS M 36 -19.99 -25.11 -9.33
N PHE M 37 -20.37 -25.71 -10.48
CA PHE M 37 -21.07 -27.03 -10.38
C PHE M 37 -20.60 -27.85 -9.13
N LEU M 38 -19.25 -28.10 -8.87
CA LEU M 38 -18.96 -28.95 -7.65
C LEU M 38 -19.52 -28.39 -6.35
N VAL M 39 -19.34 -27.09 -6.11
CA VAL M 39 -19.82 -26.45 -4.90
C VAL M 39 -21.34 -26.37 -4.89
N PHE M 40 -21.97 -26.32 -6.06
CA PHE M 40 -23.42 -26.38 -6.12
C PHE M 40 -23.92 -27.76 -5.73
N LEU M 41 -23.21 -28.81 -6.17
CA LEU M 41 -23.58 -30.15 -5.74
C LEU M 41 -23.43 -30.31 -4.23
N TRP M 42 -22.35 -29.78 -3.67
CA TRP M 42 -22.11 -29.89 -2.23
C TRP M 42 -23.10 -29.03 -1.44
N ARG M 43 -23.24 -27.76 -1.82
CA ARG M 43 -24.15 -26.83 -1.16
C ARG M 43 -24.80 -25.95 -2.22
N PRO M 44 -26.01 -26.27 -2.66
CA PRO M 44 -26.65 -25.46 -3.70
C PRO M 44 -26.90 -24.04 -3.21
N PHE M 45 -26.85 -23.10 -4.14
CA PHE M 45 -27.12 -21.70 -3.86
C PHE M 45 -28.27 -21.23 -4.75
N TYR M 46 -28.70 -19.99 -4.53
CA TYR M 46 -29.93 -19.45 -5.12
C TYR M 46 -31.13 -20.30 -4.72
N GLU N 3 -9.48 14.48 -39.12
CA GLU N 3 -8.17 13.98 -39.48
C GLU N 3 -8.11 12.46 -39.41
N TYR N 4 -7.19 11.95 -38.59
CA TYR N 4 -7.03 10.50 -38.45
C TYR N 4 -8.28 9.90 -37.82
N ARG N 5 -8.81 8.86 -38.45
CA ARG N 5 -10.02 8.18 -37.96
C ARG N 5 -9.69 6.72 -37.71
N PRO N 6 -9.62 6.27 -36.46
CA PRO N 6 -9.25 4.87 -36.21
C PRO N 6 -10.36 3.93 -36.63
N SER N 7 -9.95 2.75 -37.11
CA SER N 7 -10.91 1.74 -37.50
C SER N 7 -11.53 1.10 -36.26
N LYS N 8 -12.75 0.60 -36.42
CA LYS N 8 -13.43 -0.09 -35.33
C LYS N 8 -12.72 -1.41 -35.07
N PRO N 9 -12.24 -1.67 -33.85
CA PRO N 9 -11.56 -2.93 -33.58
C PRO N 9 -12.53 -4.09 -33.58
N SER N 10 -12.02 -5.27 -33.93
CA SER N 10 -12.78 -6.51 -33.93
C SER N 10 -12.25 -7.39 -32.81
N ASN N 11 -13.06 -7.58 -31.79
CA ASN N 11 -12.69 -8.41 -30.68
C ASN N 11 -13.45 -9.74 -30.73
N PRO N 12 -12.81 -10.85 -30.32
CA PRO N 12 -11.49 -10.98 -29.66
C PRO N 12 -10.30 -11.08 -30.61
N ARG N 13 -10.48 -10.86 -31.92
CA ARG N 13 -9.39 -11.08 -32.86
C ARG N 13 -8.25 -10.07 -32.69
N ASP N 14 -8.54 -8.88 -32.15
CA ASP N 14 -7.54 -7.85 -31.91
C ASP N 14 -7.15 -7.79 -30.44
N ASP N 15 -7.60 -8.75 -29.65
CA ASP N 15 -7.28 -8.82 -28.23
C ASP N 15 -5.78 -8.86 -27.94
N TRP N 16 -4.99 -9.51 -28.79
CA TRP N 16 -3.55 -9.55 -28.56
C TRP N 16 -2.91 -8.18 -28.58
N LYS N 17 -3.56 -7.18 -29.18
CA LYS N 17 -2.98 -5.85 -29.23
C LYS N 17 -2.82 -5.25 -27.84
N LEU N 18 -3.53 -5.77 -26.84
CA LEU N 18 -3.41 -5.26 -25.48
C LEU N 18 -1.97 -5.32 -25.01
N TRP N 19 -1.26 -6.39 -25.39
CA TRP N 19 0.12 -6.54 -24.97
C TRP N 19 1.05 -5.55 -25.65
N LEU N 20 0.65 -5.00 -26.79
CA LEU N 20 1.39 -3.90 -27.40
C LEU N 20 1.29 -2.64 -26.56
N VAL N 21 0.17 -2.45 -25.85
CA VAL N 21 0.08 -1.36 -24.91
C VAL N 21 0.64 -1.74 -23.54
N VAL N 22 0.20 -2.87 -22.99
CA VAL N 22 0.51 -3.25 -21.63
C VAL N 22 1.67 -4.25 -21.67
N ASN N 23 2.80 -3.87 -21.08
CA ASN N 23 3.96 -4.76 -21.09
C ASN N 23 3.70 -5.92 -20.13
N PRO N 24 3.64 -7.16 -20.61
CA PRO N 24 3.42 -8.28 -19.70
C PRO N 24 4.53 -8.46 -18.68
N GLY N 25 5.77 -8.13 -19.03
CA GLY N 25 6.85 -8.23 -18.07
C GLY N 25 6.62 -7.38 -16.83
N THR N 26 5.93 -6.27 -16.97
CA THR N 26 5.62 -5.42 -15.83
C THR N 26 4.32 -5.80 -15.15
N TRP N 27 3.29 -6.14 -15.92
CA TRP N 27 1.94 -6.22 -15.39
C TRP N 27 1.37 -7.62 -15.25
N LEU N 28 2.06 -8.67 -15.71
CA LEU N 28 1.45 -9.98 -15.66
C LEU N 28 1.35 -10.43 -14.21
N MET N 29 2.39 -10.19 -13.42
CA MET N 29 2.29 -10.56 -12.01
C MET N 29 1.25 -9.72 -11.31
N PRO N 30 1.17 -8.38 -11.53
CA PRO N 30 0.08 -7.62 -10.90
C PRO N 30 -1.31 -8.11 -11.28
N ILE N 31 -1.49 -8.57 -12.52
CA ILE N 31 -2.77 -9.12 -12.96
C ILE N 31 -3.12 -10.37 -12.16
N LEU N 32 -2.16 -11.28 -12.07
CA LEU N 32 -2.37 -12.53 -11.36
C LEU N 32 -2.68 -12.29 -9.87
N MET N 33 -1.92 -11.40 -9.24
CA MET N 33 -2.18 -10.98 -7.85
C MET N 33 -3.56 -10.36 -7.69
N ALA N 34 -3.98 -9.52 -8.64
CA ALA N 34 -5.34 -8.96 -8.58
C ALA N 34 -6.39 -10.06 -8.63
N VAL N 35 -6.22 -11.04 -9.52
CA VAL N 35 -7.15 -12.16 -9.60
C VAL N 35 -7.16 -12.93 -8.29
N LEU N 36 -5.98 -13.12 -7.71
CA LEU N 36 -5.85 -13.79 -6.42
C LEU N 36 -6.59 -13.00 -5.34
N VAL N 37 -6.51 -11.68 -5.39
CA VAL N 37 -7.14 -10.88 -4.35
C VAL N 37 -8.65 -11.02 -4.49
N VAL N 38 -9.13 -11.06 -5.73
CA VAL N 38 -10.55 -11.27 -5.96
C VAL N 38 -11.00 -12.61 -5.38
N ALA N 39 -10.25 -13.68 -5.66
CA ALA N 39 -10.58 -14.99 -5.10
C ALA N 39 -10.63 -14.93 -3.59
N LEU N 40 -9.73 -14.14 -3.00
CA LEU N 40 -9.62 -14.16 -1.55
C LEU N 40 -10.78 -13.41 -0.94
N VAL N 41 -11.20 -12.33 -1.59
CA VAL N 41 -12.36 -11.58 -1.16
C VAL N 41 -13.64 -12.39 -1.33
N VAL N 42 -13.79 -13.09 -2.46
CA VAL N 42 -14.95 -13.94 -2.68
C VAL N 42 -14.99 -15.08 -1.67
N HIS N 43 -13.84 -15.74 -1.46
CA HIS N 43 -13.80 -16.76 -0.41
C HIS N 43 -14.18 -16.16 0.94
N ALA N 44 -13.64 -14.99 1.29
CA ALA N 44 -13.95 -14.38 2.58
C ALA N 44 -15.43 -14.10 2.75
N PHE N 45 -16.12 -13.75 1.66
CA PHE N 45 -17.56 -13.52 1.81
C PHE N 45 -18.34 -14.82 1.85
N VAL N 46 -17.85 -15.86 1.19
CA VAL N 46 -18.61 -17.10 1.16
C VAL N 46 -18.27 -18.01 2.36
N TYR N 47 -17.02 -18.04 2.75
CA TYR N 47 -16.54 -18.74 3.92
C TYR N 47 -17.24 -18.25 5.19
N SER N 48 -17.50 -16.97 5.19
CA SER N 48 -18.01 -16.35 6.37
C SER N 48 -19.38 -16.92 6.62
N ASN N 49 -20.04 -17.43 5.57
CA ASN N 49 -21.29 -18.15 5.75
C ASN N 49 -20.96 -19.55 6.25
N ASP N 50 -21.39 -19.88 7.48
CA ASP N 50 -21.05 -21.16 8.07
C ASP N 50 -21.56 -22.33 7.23
N ASN N 51 -22.64 -22.12 6.49
CA ASN N 51 -23.21 -23.17 5.65
C ASN N 51 -22.38 -23.45 4.40
N TYR N 52 -21.39 -22.63 4.08
CA TYR N 52 -20.64 -22.79 2.84
C TYR N 52 -19.13 -22.94 3.07
N ASN N 53 -18.73 -23.39 4.26
CA ASN N 53 -17.33 -23.71 4.50
C ASN N 53 -17.22 -25.10 5.09
N PRO N 54 -16.10 -25.79 4.87
CA PRO N 54 -15.98 -27.19 5.32
C PRO N 54 -15.64 -27.35 6.79
N LEU N 55 -15.59 -26.28 7.57
CA LEU N 55 -15.22 -26.37 8.99
C LEU N 55 -16.42 -26.90 9.76
N THR N 56 -16.52 -28.22 9.84
CA THR N 56 -17.69 -28.89 10.41
C THR N 56 -17.40 -29.56 11.75
N PHE N 57 -16.19 -29.47 12.26
CA PHE N 57 -15.88 -30.12 13.53
C PHE N 57 -16.53 -29.37 14.69
N ASP N 58 -17.17 -30.10 15.58
CA ASP N 58 -17.79 -29.55 16.79
C ASP N 58 -17.12 -30.20 17.99
N ALA N 59 -16.40 -29.39 18.76
CA ALA N 59 -15.72 -29.90 19.96
C ALA N 59 -16.65 -29.87 21.16
N ASN O 4 6.13 14.87 -28.62
CA ASN O 4 6.26 15.90 -27.60
C ASN O 4 5.10 15.83 -26.62
N SER O 5 4.30 14.77 -26.77
CA SER O 5 3.09 14.65 -25.96
C SER O 5 3.48 14.20 -24.56
N ILE O 6 2.66 14.58 -23.58
CA ILE O 6 3.00 14.32 -22.19
C ILE O 6 3.13 12.81 -21.96
N SER O 7 2.17 12.03 -22.43
CA SER O 7 2.23 10.59 -22.30
C SER O 7 3.31 9.95 -23.17
N GLY O 8 3.74 10.64 -24.22
CA GLY O 8 4.62 10.05 -25.20
C GLY O 8 3.92 9.39 -26.36
N LEU O 9 2.60 9.25 -26.30
CA LEU O 9 1.85 8.63 -27.38
C LEU O 9 1.70 9.57 -28.55
N THR O 10 1.67 8.98 -29.75
CA THR O 10 1.31 9.73 -30.93
C THR O 10 -0.21 9.85 -31.04
N GLU O 11 -0.64 10.77 -31.90
CA GLU O 11 -2.07 11.02 -32.07
C GLU O 11 -2.78 9.75 -32.53
N GLU O 12 -2.17 9.03 -33.48
CA GLU O 12 -2.73 7.76 -33.96
C GLU O 12 -2.83 6.70 -32.87
N GLN O 13 -1.78 6.55 -32.06
CA GLN O 13 -1.81 5.59 -30.98
C GLN O 13 -2.90 5.93 -29.97
N ALA O 14 -3.02 7.21 -29.62
CA ALA O 14 -4.05 7.65 -28.67
C ALA O 14 -5.45 7.39 -29.22
N LYS O 15 -5.69 7.80 -30.46
CA LYS O 15 -7.00 7.55 -31.09
C LYS O 15 -7.32 6.07 -31.09
N GLU O 16 -6.32 5.25 -31.29
CA GLU O 16 -6.72 3.91 -31.58
C GLU O 16 -6.85 3.11 -30.27
N PHE O 17 -6.03 3.48 -29.27
CA PHE O 17 -6.30 3.01 -27.91
C PHE O 17 -7.68 3.46 -27.44
N HIS O 18 -8.05 4.72 -27.71
CA HIS O 18 -9.36 5.21 -27.28
C HIS O 18 -10.49 4.46 -27.95
N GLU O 19 -10.32 4.11 -29.23
CA GLU O 19 -11.37 3.38 -29.94
C GLU O 19 -11.58 2.01 -29.32
N GLN O 20 -10.48 1.32 -28.98
CA GLN O 20 -10.65 0.04 -28.30
C GLN O 20 -11.20 0.19 -26.86
N PHE O 21 -10.77 1.24 -26.15
CA PHE O 21 -11.23 1.45 -24.78
C PHE O 21 -12.74 1.72 -24.74
N LYS O 22 -13.22 2.66 -25.56
CA LYS O 22 -14.66 2.85 -25.77
C LYS O 22 -15.37 1.55 -26.14
N THR O 23 -14.83 0.76 -27.05
CA THR O 23 -15.54 -0.47 -27.44
C THR O 23 -15.77 -1.39 -26.23
N THR O 24 -14.69 -1.60 -25.50
CA THR O 24 -14.70 -2.48 -24.32
C THR O 24 -15.51 -1.89 -23.18
N PHE O 25 -15.45 -0.58 -23.00
CA PHE O 25 -16.26 0.09 -22.00
C PHE O 25 -17.75 -0.04 -22.31
N THR O 26 -18.13 0.09 -23.57
CA THR O 26 -19.51 -0.06 -23.99
C THR O 26 -20.02 -1.47 -23.70
N VAL O 27 -19.23 -2.49 -24.04
CA VAL O 27 -19.66 -3.86 -23.75
C VAL O 27 -19.76 -4.09 -22.24
N PHE O 28 -18.79 -3.56 -21.48
CA PHE O 28 -18.85 -3.69 -20.02
C PHE O 28 -20.12 -3.04 -19.49
N MET O 29 -20.50 -1.90 -20.06
CA MET O 29 -21.66 -1.14 -19.58
C MET O 29 -22.96 -1.85 -19.93
N VAL O 30 -23.07 -2.36 -21.16
CA VAL O 30 -24.21 -3.18 -21.55
C VAL O 30 -24.33 -4.39 -20.63
N LEU O 31 -23.21 -5.06 -20.35
CA LEU O 31 -23.25 -6.22 -19.46
C LEU O 31 -23.68 -5.85 -18.04
N ALA O 32 -23.15 -4.75 -17.51
CA ALA O 32 -23.57 -4.23 -16.21
C ALA O 32 -25.05 -3.87 -16.17
N ALA O 33 -25.57 -3.27 -17.25
CA ALA O 33 -26.99 -2.94 -17.29
C ALA O 33 -27.84 -4.20 -17.30
N ALA O 34 -27.42 -5.20 -18.07
CA ALA O 34 -28.09 -6.50 -18.04
C ALA O 34 -28.05 -7.10 -16.65
N ALA O 35 -26.90 -6.99 -15.97
CA ALA O 35 -26.78 -7.52 -14.63
C ALA O 35 -27.71 -6.79 -13.66
N HIS O 36 -27.84 -5.46 -13.80
CA HIS O 36 -28.72 -4.74 -12.88
C HIS O 36 -30.15 -5.16 -13.15
N PHE O 37 -30.52 -5.31 -14.43
CA PHE O 37 -31.88 -5.76 -14.75
C PHE O 37 -32.15 -7.14 -14.16
N LEU O 38 -31.20 -8.07 -14.31
CA LEU O 38 -31.39 -9.41 -13.78
C LEU O 38 -31.46 -9.41 -12.25
N VAL O 39 -30.65 -8.59 -11.59
CA VAL O 39 -30.67 -8.56 -10.13
C VAL O 39 -31.95 -7.90 -9.63
N PHE O 40 -32.51 -6.95 -10.39
CA PHE O 40 -33.80 -6.39 -10.01
C PHE O 40 -34.91 -7.41 -10.17
N LEU O 41 -34.85 -8.20 -11.24
CA LEU O 41 -35.82 -9.29 -11.40
C LEU O 41 -35.71 -10.29 -10.26
N TRP O 42 -34.48 -10.66 -9.89
CA TRP O 42 -34.27 -11.64 -8.83
C TRP O 42 -34.68 -11.07 -7.48
N ARG O 43 -34.19 -9.89 -7.14
CA ARG O 43 -34.56 -9.22 -5.89
C ARG O 43 -34.67 -7.73 -6.16
N PRO O 44 -35.88 -7.20 -6.30
CA PRO O 44 -36.04 -5.77 -6.58
C PRO O 44 -35.50 -4.92 -5.44
N PHE O 45 -34.99 -3.74 -5.79
CA PHE O 45 -34.51 -2.78 -4.81
C PHE O 45 -35.30 -1.48 -4.95
N TYR O 46 -35.03 -0.54 -4.05
CA TYR O 46 -35.84 0.66 -3.88
C TYR O 46 -37.29 0.32 -3.59
N GLU P 3 -1.33 35.08 -22.01
CA GLU P 3 -1.26 35.20 -23.46
C GLU P 3 -2.08 34.12 -24.14
N TYR P 4 -1.58 32.88 -24.07
CA TYR P 4 -2.27 31.74 -24.67
C TYR P 4 -3.64 31.56 -24.07
N ARG P 5 -4.66 31.37 -24.91
CA ARG P 5 -5.98 31.13 -24.32
C ARG P 5 -6.58 29.91 -24.99
N PRO P 6 -6.65 28.81 -24.23
CA PRO P 6 -7.03 27.51 -24.78
C PRO P 6 -8.48 27.50 -25.20
N SER P 7 -8.74 26.76 -26.26
CA SER P 7 -10.09 26.62 -26.75
C SER P 7 -10.90 25.72 -25.84
N LYS P 8 -12.21 25.95 -25.82
CA LYS P 8 -13.12 25.12 -25.06
C LYS P 8 -13.18 23.73 -25.68
N PRO P 9 -12.81 22.68 -24.94
CA PRO P 9 -12.85 21.32 -25.49
C PRO P 9 -14.28 20.87 -25.74
N SER P 10 -14.42 19.97 -26.71
CA SER P 10 -15.70 19.37 -27.05
C SER P 10 -15.65 17.90 -26.70
N ASN P 11 -16.44 17.50 -25.74
CA ASN P 11 -16.48 16.10 -25.35
C ASN P 11 -17.81 15.47 -25.75
N PRO P 12 -17.82 14.18 -26.11
CA PRO P 12 -16.72 13.21 -26.06
C PRO P 12 -15.80 13.20 -27.29
N ARG P 13 -15.91 14.20 -28.17
CA ARG P 13 -15.11 14.19 -29.39
C ARG P 13 -13.61 14.23 -29.09
N ASP P 14 -13.22 14.98 -28.07
CA ASP P 14 -11.82 15.14 -27.70
C ASP P 14 -11.40 14.21 -26.56
N ASP P 15 -12.22 13.21 -26.25
CA ASP P 15 -11.90 12.32 -25.12
C ASP P 15 -10.64 11.51 -25.39
N TRP P 16 -10.29 11.32 -26.65
CA TRP P 16 -9.11 10.54 -26.99
C TRP P 16 -7.83 11.27 -26.60
N LYS P 17 -7.91 12.57 -26.38
CA LYS P 17 -6.74 13.33 -25.97
C LYS P 17 -6.26 12.94 -24.58
N LEU P 18 -7.11 12.29 -23.76
CA LEU P 18 -6.67 11.84 -22.45
C LEU P 18 -5.45 10.93 -22.55
N TRP P 19 -5.39 10.11 -23.59
CA TRP P 19 -4.28 9.18 -23.74
C TRP P 19 -3.01 9.91 -24.16
N LEU P 20 -3.16 11.06 -24.81
CA LEU P 20 -2.03 11.97 -24.92
C LEU P 20 -1.51 12.40 -23.56
N VAL P 21 -2.36 12.44 -22.53
CA VAL P 21 -1.82 12.94 -21.27
C VAL P 21 -1.38 11.75 -20.42
N VAL P 22 -2.24 10.75 -20.32
CA VAL P 22 -2.01 9.59 -19.48
C VAL P 22 -1.57 8.48 -20.42
N ASN P 23 -0.38 7.97 -20.25
CA ASN P 23 0.07 6.79 -20.98
C ASN P 23 -0.65 5.51 -20.53
N PRO P 24 -1.41 4.88 -21.44
CA PRO P 24 -2.14 3.64 -21.14
C PRO P 24 -1.25 2.50 -20.76
N GLY P 25 0.04 2.60 -21.10
CA GLY P 25 0.93 1.49 -20.87
C GLY P 25 1.27 1.41 -19.41
N THR P 26 1.26 2.55 -18.75
CA THR P 26 1.47 2.65 -17.32
C THR P 26 0.17 2.56 -16.53
N TRP P 27 -0.92 3.10 -17.07
CA TRP P 27 -2.09 3.31 -16.25
C TRP P 27 -3.31 2.48 -16.62
N LEU P 28 -3.33 1.79 -17.77
CA LEU P 28 -4.51 1.01 -18.10
C LEU P 28 -4.77 -0.07 -17.05
N MET P 29 -3.71 -0.78 -16.64
CA MET P 29 -3.89 -1.81 -15.62
C MET P 29 -4.33 -1.22 -14.28
N PRO P 30 -3.67 -0.19 -13.73
CA PRO P 30 -4.28 0.57 -12.61
C PRO P 30 -5.74 0.97 -12.78
N ILE P 31 -6.14 1.45 -13.94
CA ILE P 31 -7.55 1.77 -14.14
C ILE P 31 -8.41 0.54 -13.90
N LEU P 32 -8.10 -0.55 -14.60
CA LEU P 32 -8.88 -1.78 -14.50
C LEU P 32 -8.93 -2.27 -13.06
N MET P 33 -7.80 -2.17 -12.36
CA MET P 33 -7.74 -2.63 -10.98
C MET P 33 -8.62 -1.78 -10.06
N ALA P 34 -8.64 -0.46 -10.29
CA ALA P 34 -9.54 0.42 -9.54
C ALA P 34 -11.01 0.07 -9.79
N VAL P 35 -11.37 -0.15 -11.06
CA VAL P 35 -12.74 -0.57 -11.36
C VAL P 35 -13.07 -1.87 -10.62
N LEU P 36 -12.12 -2.80 -10.61
CA LEU P 36 -12.30 -4.07 -9.91
C LEU P 36 -12.48 -3.84 -8.41
N VAL P 37 -11.67 -2.96 -7.83
CA VAL P 37 -11.82 -2.62 -6.41
C VAL P 37 -13.21 -2.08 -6.17
N VAL P 38 -13.74 -1.33 -7.13
CA VAL P 38 -15.02 -0.68 -6.89
C VAL P 38 -16.09 -1.76 -6.89
N ALA P 39 -15.99 -2.69 -7.84
CA ALA P 39 -16.94 -3.79 -7.90
C ALA P 39 -16.90 -4.64 -6.64
N LEU P 40 -15.70 -4.88 -6.12
CA LEU P 40 -15.47 -5.63 -4.89
C LEU P 40 -16.12 -4.95 -3.70
N VAL P 41 -15.91 -3.64 -3.53
CA VAL P 41 -16.54 -2.90 -2.42
C VAL P 41 -18.06 -2.88 -2.57
N VAL P 42 -18.56 -2.64 -3.79
CA VAL P 42 -20.01 -2.62 -4.02
C VAL P 42 -20.61 -3.98 -3.68
N HIS P 43 -20.00 -5.06 -4.17
CA HIS P 43 -20.44 -6.39 -3.81
C HIS P 43 -20.36 -6.60 -2.31
N ALA P 44 -19.22 -6.27 -1.67
CA ALA P 44 -19.17 -6.30 -0.20
C ALA P 44 -20.44 -5.72 0.42
N PHE P 45 -20.82 -4.50 0.05
CA PHE P 45 -21.94 -3.86 0.74
C PHE P 45 -23.29 -4.51 0.39
N VAL P 46 -23.45 -5.01 -0.83
CA VAL P 46 -24.73 -5.65 -1.19
C VAL P 46 -24.75 -7.10 -0.71
N TYR P 47 -23.63 -7.82 -0.81
CA TYR P 47 -23.54 -9.16 -0.27
C TYR P 47 -23.78 -9.18 1.23
N SER P 48 -23.26 -8.19 1.96
CA SER P 48 -23.47 -8.16 3.41
C SER P 48 -24.94 -8.20 3.78
N ASN P 49 -25.83 -7.73 2.89
CA ASN P 49 -27.26 -7.87 3.09
C ASN P 49 -27.66 -9.28 2.71
N ASP P 50 -28.16 -10.05 3.69
CA ASP P 50 -28.47 -11.46 3.46
C ASP P 50 -29.53 -11.63 2.37
N ASN P 51 -30.40 -10.64 2.21
CA ASN P 51 -31.44 -10.73 1.20
C ASN P 51 -30.92 -10.54 -0.22
N TYR P 52 -29.66 -10.16 -0.42
CA TYR P 52 -29.15 -9.88 -1.75
C TYR P 52 -27.91 -10.70 -2.09
N ASN P 53 -27.77 -11.87 -1.48
CA ASN P 53 -26.72 -12.80 -1.88
C ASN P 53 -27.32 -14.18 -2.09
N PRO P 54 -26.71 -15.00 -2.94
CA PRO P 54 -27.30 -16.31 -3.26
C PRO P 54 -27.05 -17.39 -2.22
N LEU P 55 -26.40 -17.08 -1.11
CA LEU P 55 -26.08 -18.10 -0.10
C LEU P 55 -27.35 -18.41 0.68
N THR P 56 -28.09 -19.40 0.20
CA THR P 56 -29.40 -19.74 0.74
C THR P 56 -29.47 -21.10 1.41
N PHE P 57 -28.36 -21.84 1.46
CA PHE P 57 -28.39 -23.15 2.08
C PHE P 57 -28.52 -23.03 3.58
N ASP P 58 -29.38 -23.87 4.16
CA ASP P 58 -29.58 -23.93 5.60
C ASP P 58 -29.21 -25.33 6.09
N ALA P 59 -28.32 -25.39 7.07
CA ALA P 59 -27.89 -26.66 7.64
C ALA P 59 -28.70 -27.01 8.88
MG BCL Q . -22.53 14.50 -0.23
CHA BCL Q . -20.47 13.04 -2.61
CHB BCL Q . -20.32 17.09 -0.08
CHC BCL Q . -24.00 15.59 2.62
CHD BCL Q . -24.10 11.42 0.22
NA BCL Q . -20.63 14.94 -1.17
C1A BCL Q . -20.05 14.29 -2.26
C2A BCL Q . -19.12 15.19 -3.01
C3A BCL Q . -18.99 16.41 -2.09
C4A BCL Q . -20.04 16.19 -1.07
CMA BCL Q . -17.63 16.46 -1.41
CAA BCL Q . -19.64 15.56 -4.41
CBA BCL Q . -18.96 16.87 -4.91
CGA BCL Q . -17.46 16.88 -4.95
O1A BCL Q . -16.79 15.96 -5.16
O2A BCL Q . -16.96 18.10 -4.77
NB BCL Q . -22.24 16.13 1.04
C1B BCL Q . -21.20 17.03 0.99
C2B BCL Q . -21.21 17.89 2.11
C3B BCL Q . -22.27 17.49 2.93
C4B BCL Q . -22.89 16.37 2.23
CMB BCL Q . -20.23 19.02 2.30
CAB BCL Q . -22.76 18.00 4.19
OBB BCL Q . -23.95 17.93 4.47
CBB BCL Q . -21.87 18.64 5.24
NC BCL Q . -23.78 13.60 1.25
C1C BCL Q . -24.41 14.32 2.23
C2C BCL Q . -25.73 13.77 2.59
C3C BCL Q . -25.69 12.37 1.97
C4C BCL Q . -24.44 12.41 1.13
CMC BCL Q . -25.88 13.78 4.10
CAC BCL Q . -26.95 12.02 1.17
CBC BCL Q . -27.90 11.22 2.02
ND BCL Q . -22.39 12.62 -1.03
C1D BCL Q . -23.06 11.43 -0.75
C2D BCL Q . -22.51 10.36 -1.49
C3D BCL Q . -21.48 10.92 -2.26
C4D BCL Q . -21.45 12.28 -1.97
CMD BCL Q . -23.01 8.93 -1.44
CAD BCL Q . -20.49 10.69 -3.27
OBD BCL Q . -20.18 9.66 -3.87
CBD BCL Q . -19.76 12.03 -3.54
CGD BCL Q . -18.31 11.94 -3.32
O1D BCL Q . -17.75 11.63 -2.28
O2D BCL Q . -17.61 12.23 -4.40
CED BCL Q . -16.17 12.15 -4.29
C1 BCL Q . -15.54 18.33 -4.80
C2 BCL Q . -15.29 19.82 -4.87
C3 BCL Q . -14.31 20.34 -4.15
C4 BCL Q . -13.42 19.55 -3.23
C5 BCL Q . -13.98 21.83 -4.16
C6 BCL Q . -12.53 22.23 -4.49
C7 BCL Q . -12.18 21.92 -5.93
C8 BCL Q . -10.69 22.08 -6.19
C9 BCL Q . -10.30 23.56 -6.31
C10 BCL Q . -10.32 21.34 -7.47
C11 BCL Q . -8.82 21.14 -7.52
C12 BCL Q . -8.43 19.68 -7.67
C13 BCL Q . -6.91 19.50 -7.72
C14 BCL Q . -6.44 18.62 -8.87
C15 BCL Q . -6.46 18.87 -6.39
C16 BCL Q . -7.07 17.53 -6.05
C17 BCL Q . -6.56 16.98 -4.71
C18 BCL Q . -7.21 15.67 -4.32
C19 BCL Q . -6.33 15.09 -3.21
C20 BCL Q . -7.30 14.68 -5.49
C1 A1MBA R . -17.65 10.78 5.22
C5 A1MBA R . -13.31 14.12 3.72
C4 A1MBA R . -15.97 12.31 4.10
C3 A1MBA R . -17.29 11.94 4.69
C2 A1MBA R . -16.70 9.62 5.32
C6 A1MBA R . -19.01 10.52 5.77
C8 A1MBA R . -15.84 13.82 3.87
C9 A1MBA R . -14.64 14.19 3.03
C10 A1MBA R . -14.79 14.55 1.76
C11 A1MBA R . -13.71 14.95 0.79
C12 A1MBA R . -14.25 15.87 -0.32
C13 A1MBA R . -13.22 16.09 -1.41
C14 A1MBA R . -13.42 15.62 -2.64
C15 A1MBA R . -12.52 15.75 -3.82
C16 A1MBA R . -13.31 15.71 -5.15
C17 A1MBA R . -12.56 16.27 -6.33
C18 A1MBA R . -12.91 15.93 -7.58
C19 A1MBA R . -12.31 16.34 -8.81
C20 A1MBA R . -12.68 15.86 -10.02
C21 A1MBA R . -12.09 16.27 -11.26
C22 A1MBA R . -12.36 15.82 -12.50
C23 A1MBA R . -11.67 16.33 -13.73
C24 A1MBA R . -10.99 15.25 -14.62
C25 A1MBA R . -10.19 15.89 -15.71
C26 A1MBA R . -9.66 15.29 -16.79
C27 A1MBA R . -8.88 16.09 -17.80
C28 A1MBA R . -8.25 15.31 -18.98
C29 A1MBA R . -7.39 16.23 -19.80
C30 A1MBA R . -7.22 16.25 -21.11
C31 A1MBA R . -6.44 17.36 -21.77
C32 A1MBA R . -5.48 16.95 -22.91
C33 A1MBA R . -4.30 17.86 -22.97
C34 A1MBA R . -3.34 17.91 -23.88
C35 A1MBA R . -3.29 16.98 -25.06
C37 A1MBA R . -12.00 16.86 -1.00
C38 A1MBA R . -11.43 17.19 -5.99
C39 A1MBA R . -13.42 14.78 -12.73
C40 A1MBA R . -9.78 13.83 -17.07
C41 A1MBA R . -7.75 15.19 -22.04
C42 A1MBA R . -2.20 18.88 -23.82
MG BCL S . -8.77 26.61 -8.11
CHA BCL S . -11.35 24.87 -9.66
CHB BCL S . -11.06 28.81 -6.95
CHC BCL S . -6.62 27.47 -5.60
CHD BCL S . -6.54 24.16 -9.14
NA BCL S . -10.91 26.80 -8.33
C1A BCL S . -11.80 25.98 -8.99
C2A BCL S . -13.22 26.33 -8.67
C3A BCL S . -13.08 27.71 -8.01
C4A BCL S . -11.64 27.81 -7.70
CMA BCL S . -13.47 28.86 -8.93
CAA BCL S . -13.89 25.31 -7.76
CBA BCL S . -15.35 25.58 -7.45
CGA BCL S . -15.79 24.58 -6.44
O1A BCL S . -15.45 23.47 -6.49
O2A BCL S . -16.58 24.99 -5.42
NB BCL S . -8.83 27.92 -6.50
C1B BCL S . -9.86 28.83 -6.25
C2B BCL S . -9.49 29.72 -5.22
C3B BCL S . -8.21 29.36 -4.79
C4B BCL S . -7.81 28.22 -5.62
CMB BCL S . -10.41 30.83 -4.74
CAB BCL S . -7.35 29.95 -3.76
OBB BCL S . -6.51 29.26 -3.15
CBB BCL S . -7.41 31.40 -3.34
NC BCL S . -6.88 25.89 -7.45
C1C BCL S . -6.13 26.47 -6.46
C2C BCL S . -4.71 26.02 -6.48
C3C BCL S . -4.82 24.73 -7.31
C4C BCL S . -6.09 24.97 -8.11
CMC BCL S . -3.83 27.10 -7.10
CAC BCL S . -4.89 23.40 -6.47
CBC BCL S . -6.05 23.35 -5.49
ND BCL S . -8.89 24.84 -9.13
C1D BCL S . -7.90 23.99 -9.60
C2D BCL S . -8.43 23.04 -10.52
C3D BCL S . -9.80 23.33 -10.60
C4D BCL S . -10.03 24.40 -9.74
CMD BCL S . -7.63 21.97 -11.24
CAD BCL S . -11.05 22.99 -11.20
OBD BCL S . -11.35 22.08 -12.01
CBD BCL S . -12.12 24.00 -10.66
CGD BCL S . -12.75 24.82 -11.70
O1D BCL S . -12.28 25.83 -12.20
O2D BCL S . -13.93 24.37 -12.09
CED BCL S . -14.61 25.16 -13.08
C1 BCL S . -16.93 23.98 -4.40
C2 BCL S . -18.40 23.51 -4.56
C3 BCL S . -18.67 22.48 -3.73
C4 BCL S . -17.65 21.84 -2.74
C5 BCL S . -20.03 21.79 -3.66
C6 BCL S . -20.01 20.44 -2.92
C7 BCL S . -21.33 19.69 -3.02
C8 BCL S . -22.38 20.01 -1.96
C9 BCL S . -21.72 20.60 -0.69
C10 BCL S . -23.14 18.73 -1.63
C11 BCL S . -23.79 18.80 -0.28
C12 BCL S . -25.29 19.04 -0.38
C13 BCL S . -25.94 19.15 1.01
C14 BCL S . -27.41 19.54 0.92
C15 BCL S . -25.19 20.24 1.77
C16 BCL S . -25.72 20.40 3.16
C17 BCL S . -26.14 21.83 3.54
C18 BCL S . -25.17 22.51 4.51
C19 BCL S . -24.23 23.39 3.69
C20 BCL S . -24.37 21.51 5.36
MG BCL T . -24.25 6.69 -4.98
CHA BCL T . -22.75 9.46 -6.39
CHB BCL T . -22.77 4.77 -7.38
CHC BCL T . -26.20 4.07 -4.06
CHD BCL T . -26.34 8.83 -3.14
NA BCL T . -22.93 7.09 -6.64
C1A BCL T . -22.43 8.31 -7.07
C2A BCL T . -21.38 8.13 -8.11
C3A BCL T . -21.58 6.66 -8.56
C4A BCL T . -22.44 6.10 -7.48
CMA BCL T . -22.26 6.55 -9.92
CAA BCL T . -20.00 8.38 -7.53
CBA BCL T . -19.02 8.58 -8.67
CGA BCL T . -17.63 8.55 -8.17
O1A BCL T . -17.16 7.66 -7.65
O2A BCL T . -17.00 9.67 -8.40
NB BCL T . -24.52 4.75 -5.67
C1B BCL T . -23.65 4.09 -6.54
C2B BCL T . -23.78 2.69 -6.42
C3B BCL T . -24.78 2.44 -5.48
C4B BCL T . -25.22 3.76 -5.02
CMB BCL T . -22.92 1.72 -7.22
CAB BCL T . -25.37 1.20 -4.98
OBB BCL T . -26.54 1.16 -4.60
CBB BCL T . -24.59 -0.08 -4.87
NC BCL T . -26.03 6.50 -3.82
C1C BCL T . -26.59 5.30 -3.47
C2C BCL T . -27.73 5.43 -2.54
C3C BCL T . -27.50 6.84 -1.98
C4C BCL T . -26.65 7.47 -3.07
CMC BCL T . -29.04 5.28 -3.28
CAC BCL T . -26.82 6.87 -0.57
CBC BCL T . -25.52 6.08 -0.49
ND BCL T . -24.58 8.71 -4.85
C1D BCL T . -25.33 9.47 -3.93
C2D BCL T . -24.92 10.82 -3.94
C3D BCL T . -23.90 10.90 -4.90
C4D BCL T . -23.74 9.62 -5.42
CMD BCL T . -25.49 11.92 -3.09
CAD BCL T . -22.95 11.74 -5.55
OBD BCL T . -22.70 12.95 -5.42
CBD BCL T . -22.17 10.87 -6.57
CGD BCL T . -22.31 11.38 -7.94
O1D BCL T . -23.29 11.21 -8.66
O2D BCL T . -21.26 12.07 -8.36
CED BCL T . -21.33 12.62 -9.69
C1 BCL T . -15.63 9.80 -7.93
C2 BCL T . -14.74 9.10 -8.94
C3 BCL T . -14.13 9.74 -9.92
C4 BCL T . -14.22 11.23 -10.20
C5 BCL T . -13.23 9.01 -10.90
C6 BCL T . -13.56 9.19 -12.38
C7 BCL T . -14.84 8.45 -12.77
C8 BCL T . -15.37 8.95 -14.10
C9 BCL T . -14.21 9.24 -15.08
C10 BCL T . -16.13 10.23 -13.84
C11 BCL T . -16.43 10.92 -15.14
C12 BCL T . -16.58 12.43 -14.95
C13 BCL T . -17.16 13.13 -16.19
C14 BCL T . -17.83 14.44 -15.81
C15 BCL T . -18.21 12.23 -16.80
C16 BCL T . -18.72 12.71 -18.13
C17 BCL T . -19.63 11.70 -18.83
C18 BCL T . -21.02 11.74 -18.24
C19 BCL T . -21.84 10.62 -18.93
C20 BCL T . -21.69 13.09 -18.47
MG BCL U . -12.08 19.63 13.63
CHA BCL U . -11.15 19.06 10.33
CHB BCL U . -8.86 20.56 14.26
CHC BCL U . -12.65 19.39 16.97
CHD BCL U . -15.00 17.79 13.06
NA BCL U . -10.26 19.72 12.45
C1A BCL U . -10.13 19.60 11.08
C2A BCL U . -8.89 20.28 10.58
C3A BCL U . -8.12 20.58 11.87
C4A BCL U . -9.11 20.33 12.93
CMA BCL U . -6.93 19.66 12.06
CAA BCL U . -9.17 21.54 9.75
CBA BCL U . -7.95 22.50 9.78
CGA BCL U . -6.66 21.95 9.25
O1A BCL U . -6.56 21.15 8.44
O2A BCL U . -5.60 22.54 9.81
NB BCL U . -10.96 19.98 15.35
C1B BCL U . -9.60 20.26 15.40
C2B BCL U . -9.13 20.27 16.73
C3B BCL U . -10.20 19.93 17.55
C4B BCL U . -11.34 19.75 16.65
CMB BCL U . -7.71 20.62 17.10
CAB BCL U . -10.31 19.78 18.99
OBB BCL U . -11.37 20.02 19.58
CBB BCL U . -9.17 19.32 19.87
NC BCL U . -13.55 18.64 14.83
C1C BCL U . -13.68 18.88 16.17
C2C BCL U . -15.08 18.81 16.64
C3C BCL U . -15.78 18.11 15.47
C4C BCL U . -14.74 18.13 14.38
CMC BCL U . -15.15 18.06 17.95
CAC BCL U . -17.09 18.78 15.06
CBC BCL U . -18.26 18.05 15.64
ND BCL U . -12.94 18.65 12.05
C1D BCL U . -14.13 17.91 11.94
C2D BCL U . -14.24 17.33 10.64
C3D BCL U . -13.09 17.73 9.95
C4D BCL U . -12.36 18.54 10.82
CMD BCL U . -15.39 16.47 10.19
CAD BCL U . -12.40 17.73 8.71
OBD BCL U . -12.68 17.19 7.62
CBD BCL U . -11.09 18.57 8.88
CGD BCL U . -9.87 17.81 8.57
O1D BCL U . -9.49 16.78 9.11
O2D BCL U . -9.17 18.34 7.59
CED BCL U . -7.95 17.68 7.20
C1 BCL U . -4.26 22.18 9.42
C2 BCL U . -3.30 23.21 9.97
C3 BCL U . -2.16 22.80 10.52
C4 BCL U . -1.76 21.35 10.66
C5 BCL U . -1.13 23.77 11.09
C6 BCL U . 0.30 23.69 10.53
C7 BCL U . 0.34 24.11 9.07
C8 BCL U . 1.67 23.72 8.42
C9 BCL U . 2.80 24.65 8.88
C10 BCL U . 1.52 23.81 6.89
C11 BCL U . 2.70 23.13 6.23
C12 BCL U . 2.36 21.77 5.65
C13 BCL U . 3.58 21.13 4.99
C14 BCL U . 3.48 21.05 3.46
C15 BCL U . 3.70 19.71 5.56
C16 BCL U . 2.50 18.82 5.45
C17 BCL U . 2.69 17.49 6.18
C18 BCL U . 1.52 16.55 6.02
C19 BCL U . 2.08 15.17 6.40
C20 BCL U . 0.98 16.52 4.59
C1 A1MBA V . -9.55 11.99 14.90
C5 A1MBA V . -4.18 13.43 13.80
C4 A1MBA V . -7.34 13.00 14.19
C3 A1MBA V . -8.64 12.95 14.94
C2 A1MBA V . -9.39 10.77 14.05
C6 A1MBA V . -10.82 12.05 15.68
C8 A1MBA V . -6.46 14.18 14.65
C9 A1MBA V . -5.31 14.43 13.71
C10 A1MBA V . -5.31 15.46 12.88
C11 A1MBA V . -4.26 15.84 11.88
C12 A1MBA V . -4.10 17.36 11.74
C13 A1MBA V . -3.18 17.72 10.60
C14 A1MBA V . -3.66 18.11 9.43
C15 A1MBA V . -2.89 18.49 8.20
C16 A1MBA V . -3.69 19.47 7.33
C17 A1MBA V . -2.84 20.31 6.41
C18 A1MBA V . -3.39 20.89 5.33
C19 A1MBA V . -2.77 21.70 4.33
C20 A1MBA V . -3.41 22.12 3.22
C21 A1MBA V . -2.80 22.93 2.20
C22 A1MBA V . -3.35 23.37 1.07
C23 A1MBA V . -2.60 24.20 0.07
C24 A1MBA V . -2.41 23.52 -1.29
C25 A1MBA V . -1.65 24.38 -2.25
C26 A1MBA V . -1.53 24.23 -3.56
C27 A1MBA V . -0.73 25.22 -4.38
C28 A1MBA V . -0.51 24.84 -5.86
C29 A1MBA V . 0.74 25.49 -6.37
C30 A1MBA V . 0.89 26.24 -7.47
C31 A1MBA V . 2.16 27.01 -7.69
C32 A1MBA V . 2.61 27.25 -9.14
C33 A1MBA V . 4.06 27.59 -9.16
C34 A1MBA V . 4.88 27.70 -10.21
C35 A1MBA V . 4.41 27.50 -11.62
C37 A1MBA V . -1.71 17.57 10.90
C38 A1MBA V . -1.39 20.43 6.79
C39 A1MBA V . -4.78 23.06 0.70
C40 A1MBA V . -2.14 23.11 -4.34
C41 A1MBA V . -0.15 26.38 -8.53
C42 A1MBA V . 6.33 28.04 -10.07
MG BCL W . 5.56 27.33 8.42
CHA BCL W . 2.41 27.97 7.14
CHB BCL W . 4.79 29.23 11.10
CHC BCL W . 7.93 25.66 10.22
CHD BCL W . 6.21 25.28 5.71
NA BCL W . 3.83 28.48 8.99
C1A BCL W . 2.60 28.57 8.36
C2A BCL W . 1.58 29.20 9.24
C3A BCL W . 2.42 29.78 10.39
C4A BCL W . 3.75 29.14 10.20
CMA BCL W . 2.59 31.29 10.29
CAA BCL W . 0.54 28.18 9.72
CBA BCL W . -0.55 28.78 10.60
CGA BCL W . -1.42 27.69 11.10
O1A BCL W . -1.85 26.86 10.41
O2A BCL W . -1.67 27.68 12.41
NB BCL W . 6.24 27.40 10.37
C1B BCL W . 5.85 28.34 11.33
C2B BCL W . 6.65 28.26 12.47
C3B BCL W . 7.58 27.22 12.27
C4B BCL W . 7.30 26.72 10.92
CMB BCL W . 6.46 29.17 13.66
CAB BCL W . 8.63 26.69 13.13
OBB BCL W . 8.98 25.50 13.05
CBB BCL W . 9.38 27.53 14.13
NC BCL W . 6.84 25.67 8.03
C1C BCL W . 7.83 25.23 8.88
C2C BCL W . 8.83 24.39 8.20
C3C BCL W . 8.05 23.96 6.94
C4C BCL W . 7.05 25.08 6.80
CMC BCL W . 10.11 25.19 7.92
CAC BCL W . 7.36 22.56 7.03
CBC BCL W . 6.36 22.42 8.17
ND BCL W . 4.52 26.68 6.78
C1D BCL W . 4.93 25.94 5.67
C2D BCL W . 3.96 25.99 4.64
C3D BCL W . 2.91 26.78 5.15
C4D BCL W . 3.29 27.15 6.43
CMD BCL W . 4.08 25.30 3.30
CAD BCL W . 1.63 27.37 4.91
OBD BCL W . 0.88 27.29 3.91
CBD BCL W . 1.24 28.22 6.16
CGD BCL W . 1.08 29.65 5.88
O1D BCL W . 1.96 30.48 5.80
O2D BCL W . -0.18 30.01 5.74
CED BCL W . -0.42 31.41 5.50
C1 BCL W . -2.47 26.58 12.96
C2 BCL W . -3.91 27.05 13.18
C3 BCL W . -4.81 26.05 13.33
C4 BCL W . -4.49 24.56 13.31
C5 BCL W . -6.28 26.34 13.55
C6 BCL W . -7.10 25.19 14.13
C7 BCL W . -8.58 25.53 14.21
C8 BCL W . -9.29 24.91 15.40
C9 BCL W . -8.28 24.31 16.41
C10 BCL W . -10.24 23.81 14.92
C11 BCL W . -10.96 23.19 16.10
C12 BCL W . -12.20 23.98 16.51
C13 BCL W . -12.71 23.62 17.90
C14 BCL W . -13.71 24.64 18.42
C15 BCL W . -11.48 23.64 18.80
C16 BCL W . -11.81 23.22 20.20
C17 BCL W . -11.44 24.26 21.28
C18 BCL W . -10.19 23.88 22.07
C19 BCL W . -9.00 24.65 21.49
C20 BCL W . -9.91 22.37 22.08
MG BCL X . -17.73 17.33 6.61
CHA BCL X . -15.09 19.53 6.28
CHB BCL X . -17.51 16.68 3.29
CHC BCL X . -20.71 15.73 6.76
CHD BCL X . -18.34 18.62 9.82
NA BCL X . -16.44 18.02 5.03
C1A BCL X . -15.40 18.94 5.10
C2A BCL X . -14.64 18.97 3.82
C3A BCL X . -15.57 18.24 2.82
C4A BCL X . -16.55 17.57 3.71
CMA BCL X . -16.26 19.19 1.86
CAA BCL X . -13.29 18.28 3.97
CBA BCL X . -12.45 18.58 2.74
CGA BCL X . -11.21 17.77 2.77
O1A BCL X . -11.16 16.63 2.68
O2A BCL X . -10.14 18.50 2.94
NB BCL X . -18.97 16.43 5.22
C1B BCL X . -18.59 16.07 3.93
C2B BCL X . -19.39 15.04 3.41
C3B BCL X . -20.34 14.73 4.40
C4B BCL X . -20.04 15.62 5.52
CMB BCL X . -19.18 14.44 2.04
CAB BCL X . -21.44 13.77 4.41
OBB BCL X . -22.47 13.99 5.06
CBB BCL X . -21.41 12.46 3.67
NC BCL X . -19.34 17.29 8.02
C1C BCL X . -20.38 16.41 7.94
C2C BCL X . -21.28 16.45 9.13
C3C BCL X . -20.34 17.07 10.18
C4C BCL X . -19.30 17.77 9.33
CMC BCL X . -22.51 17.27 8.84
CAC BCL X . -19.71 16.03 11.16
CBC BCL X . -18.92 14.93 10.47
ND BCL X . -16.97 18.82 7.79
C1D BCL X . -17.19 19.16 9.14
C2D BCL X . -16.17 20.02 9.64
C3D BCL X . -15.31 20.21 8.56
C4D BCL X . -15.81 19.48 7.48
CMD BCL X . -16.09 20.57 11.03
CAD BCL X . -14.09 20.78 8.14
OBD BCL X . -13.25 21.44 8.80
CBD BCL X . -13.88 20.43 6.63
CGD BCL X . -13.81 21.60 5.73
O1D BCL X . -14.76 22.23 5.30
O2D BCL X . -12.57 21.93 5.41
CED BCL X . -12.41 23.08 4.56
C1 BCL X . -8.85 17.83 3.00
C2 BCL X . -8.42 17.52 1.58
C3 BCL X . -7.62 18.30 0.87
C4 BCL X . -7.02 19.60 1.34
C5 BCL X . -7.22 17.94 -0.55
C6 BCL X . -7.48 19.00 -1.60
C7 BCL X . -8.96 19.18 -1.88
C8 BCL X . -9.23 20.49 -2.60
C9 BCL X . -8.12 20.78 -3.64
C10 BCL X . -9.26 21.61 -1.57
C11 BCL X . -9.19 22.95 -2.25
C12 BCL X . -8.67 24.01 -1.30
C13 BCL X . -8.84 25.43 -1.86
C14 BCL X . -8.79 26.46 -0.75
C15 BCL X . -10.22 25.51 -2.49
C16 BCL X . -10.45 26.80 -3.25
C17 BCL X . -11.78 26.82 -4.00
C18 BCL X . -12.93 27.09 -3.06
C19 BCL X . -14.23 27.00 -3.88
C20 BCL X . -12.81 28.47 -2.41
MG BCL Y . 0.10 11.41 24.23
CHA BCL Y . 0.48 12.49 20.95
CHB BCL Y . 3.37 10.44 24.17
CHC BCL Y . -0.37 9.60 27.06
CHD BCL Y . -3.36 11.56 23.81
NA BCL Y . 1.67 11.41 22.73
C1A BCL Y . 1.66 12.05 21.50
C2A BCL Y . 3.05 12.35 21.03
C3A BCL Y . 3.93 11.55 22.00
C4A BCL Y . 2.99 11.12 23.05
CMA BCL Y . 4.52 10.31 21.34
CAA BCL Y . 3.39 13.84 21.01
CBA BCL Y . 4.93 14.04 21.10
CGA BCL Y . 5.75 13.43 20.01
O1A BCL Y . 5.40 13.27 18.93
O2A BCL Y . 6.97 13.12 20.40
NB BCL Y . 1.32 10.26 25.47
C1B BCL Y . 2.63 9.87 25.20
C2B BCL Y . 3.09 8.95 26.15
C3B BCL Y . 2.03 8.67 27.01
C4B BCL Y . 0.93 9.51 26.55
CMB BCL Y . 4.51 8.42 26.18
CAB BCL Y . 1.92 7.79 28.17
OBB BCL Y . 1.15 8.08 29.09
CBB BCL Y . 2.72 6.51 28.33
NC BCL Y . -1.60 10.61 25.22
C1C BCL Y . -1.56 10.07 26.48
C2C BCL Y . -2.78 10.33 27.28
C3C BCL Y . -3.77 10.78 26.21
C4C BCL Y . -2.92 10.95 24.98
CMC BCL Y . -3.17 9.08 28.03
CAC BCL Y . -4.56 12.05 26.60
CBC BCL Y . -5.91 11.68 27.14
ND BCL Y . -1.19 11.95 22.75
C1D BCL Y . -2.59 11.93 22.67
C2D BCL Y . -3.04 12.27 21.37
C3D BCL Y . -1.87 12.51 20.63
C4D BCL Y . -0.79 12.32 21.50
CMD BCL Y . -4.49 12.36 20.94
CAD BCL Y . -1.33 12.92 19.38
OBD BCL Y . -1.88 13.26 18.32
CBD BCL Y . 0.23 12.92 19.50
CGD BCL Y . 0.86 12.05 18.50
O1D BCL Y . 0.69 10.85 18.36
O2D BCL Y . 1.70 12.71 17.70
CED BCL Y . 2.38 11.95 16.68
C1 BCL Y . 7.93 12.53 19.48
C2 BCL Y . 9.29 12.58 20.12
C3 BCL Y . 10.09 11.54 19.99
C4 BCL Y . 9.72 10.26 19.26
C5 BCL Y . 11.50 11.49 20.59
C6 BCL Y . 12.65 11.15 19.65
C7 BCL Y . 12.91 12.27 18.65
C8 BCL Y . 13.83 11.81 17.53
C9 BCL Y . 15.29 11.78 18.00
C10 BCL Y . 13.71 12.77 16.34
C11 BCL Y . 14.33 12.16 15.11
C12 BCL Y . 13.30 11.76 14.06
C13 BCL Y . 13.98 11.13 12.83
C14 BCL Y . 13.77 11.93 11.55
C15 BCL Y . 13.40 9.73 12.66
C16 BCL Y . 11.90 9.63 12.47
C17 BCL Y . 11.44 8.17 12.37
C18 BCL Y . 9.94 8.05 12.19
C19 BCL Y . 9.71 6.63 11.67
C20 BCL Y . 9.37 9.06 11.20
MG BCL Z . 18.99 12.88 17.97
CHA BCL Z . 16.53 15.31 18.20
CHB BCL Z . 19.40 13.07 21.32
CHC BCL Z . 20.24 9.69 17.97
CHD BCL Z . 18.39 12.62 14.57
NA BCL Z . 18.10 14.09 19.51
C1A BCL Z . 17.06 15.00 19.42
C2A BCL Z . 16.54 15.36 20.76
C3A BCL Z . 17.60 14.80 21.73
C4A BCL Z . 18.41 13.91 20.86
CMA BCL Z . 18.50 15.88 22.30
CAA BCL Z . 15.14 14.78 21.02
CBA BCL Z . 14.55 15.15 22.37
CGA BCL Z . 13.26 14.43 22.53
O1A BCL Z . 12.44 14.40 21.72
O2A BCL Z . 13.10 13.77 23.68
NB BCL Z . 19.69 11.56 19.41
C1B BCL Z . 19.88 11.88 20.75
C2B BCL Z . 20.60 10.87 21.42
C3B BCL Z . 20.85 9.86 20.49
C4B BCL Z . 20.27 10.34 19.23
CMB BCL Z . 20.97 10.96 22.89
CAB BCL Z . 21.56 8.57 20.62
OBB BCL Z . 21.28 7.61 19.91
CBB BCL Z . 22.65 8.34 21.63
NC BCL Z . 19.24 11.38 16.49
C1C BCL Z . 19.88 10.17 16.69
C2C BCL Z . 20.26 9.51 15.41
C3C BCL Z . 19.32 10.22 14.42
C4C BCL Z . 19.04 11.52 15.13
CMC BCL Z . 21.75 9.71 15.15
CAC BCL Z . 18.02 9.43 14.07
CBC BCL Z . 17.14 9.12 15.26
ND BCL Z . 17.69 13.72 16.64
C1D BCL Z . 17.62 13.64 15.25
C2D BCL Z . 16.78 14.64 14.72
C3D BCL Z . 16.31 15.36 15.83
C4D BCL Z . 16.86 14.76 16.96
CMD BCL Z . 16.50 14.87 13.26
CAD BCL Z . 15.50 16.45 16.29
OBD BCL Z . 14.79 17.26 15.66
CBD BCL Z . 15.62 16.51 17.85
CGD BCL Z . 16.20 17.77 18.35
O1D BCL Z . 17.37 18.06 18.40
O2D BCL Z . 15.28 18.62 18.79
CED BCL Z . 15.77 19.86 19.32
C1 BCL Z . 11.87 13.00 23.87
C2 BCL Z . 10.87 13.78 24.73
C3 BCL Z . 9.60 13.36 24.68
C4 BCL Z . 9.10 12.17 23.84
C5 BCL Z . 8.50 14.03 25.48
C6 BCL Z . 7.24 13.19 25.67
C7 BCL Z . 6.16 13.99 26.40
C8 BCL Z . 5.26 13.12 27.28
C9 BCL Z . 5.88 11.73 27.51
C10 BCL Z . 3.88 12.98 26.65
C11 BCL Z . 2.98 12.17 27.56
C12 BCL Z . 2.40 13.02 28.69
C13 BCL Z . 1.80 12.17 29.81
C14 BCL Z . 1.44 13.00 31.03
C15 BCL Z . 2.91 11.20 30.20
C16 BCL Z . 2.47 10.22 31.24
C17 BCL Z . 3.31 10.19 32.52
C18 BCL Z . 4.24 8.99 32.60
C19 BCL Z . 5.65 9.43 32.15
C20 BCL Z . 3.75 7.79 31.78
C1 A1MBA AA . -1.53 4.10 20.87
C5 A1MBA AA . 3.86 3.66 19.11
C4 A1MBA AA . 0.83 4.46 20.03
C3 A1MBA AA . -0.29 4.50 21.04
C2 A1MBA AA . -2.02 3.50 19.57
C6 A1MBA AA . -2.59 4.20 21.93
C8 A1MBA AA . 2.18 4.70 20.71
C9 A1MBA AA . 3.33 4.91 19.75
C10 A1MBA AA . 3.80 6.12 19.52
C11 A1MBA AA . 4.94 6.51 18.61
C12 A1MBA AA . 5.56 7.85 19.00
C13 A1MBA AA . 6.52 8.34 17.96
C14 A1MBA AA . 6.36 9.50 17.34
C15 A1MBA AA . 7.23 10.10 16.26
C16 A1MBA AA . 7.12 11.63 16.22
C17 A1MBA AA . 8.27 12.34 15.55
C18 A1MBA AA . 8.03 13.57 15.07
C19 A1MBA AA . 8.92 14.46 14.39
C20 A1MBA AA . 8.55 15.67 13.88
C21 A1MBA AA . 9.47 16.54 13.20
C22 A1MBA AA . 9.23 17.74 12.64
C23 A1MBA AA . 10.30 18.54 11.93
C24 A1MBA AA . 9.95 18.97 10.48
C25 A1MBA AA . 11.11 19.64 9.82
C26 A1MBA AA . 11.14 20.26 8.64
C27 A1MBA AA . 12.42 20.89 8.12
C28 A1MBA AA . 12.33 21.60 6.77
C29 A1MBA AA . 13.70 22.04 6.32
C30 A1MBA AA . 14.03 23.14 5.65
C31 A1MBA AA . 15.49 23.45 5.38
C32 A1MBA AA . 15.86 23.98 3.97
C33 A1MBA AA . 17.28 23.67 3.64
C34 A1MBA AA . 17.99 24.00 2.57
C35 A1MBA AA . 19.43 23.58 2.39
C37 A1MBA AA . 7.64 7.39 17.63
C38 A1MBA AA . 9.57 11.59 15.51
C39 A1MBA AA . 7.87 18.38 12.69
C40 A1MBA AA . 9.95 20.39 7.73
C41 A1MBA AA . 13.05 24.14 5.13
C42 A1MBA AA . 17.45 24.81 1.45
MG BCL BA . -6.23 15.93 19.11
CHA BCL BA . -2.87 16.67 19.01
CHB BCL BA . -6.52 17.25 15.98
CHC BCL BA . -9.61 15.82 19.41
CHD BCL BA . -5.96 15.40 22.57
NA BCL BA . -4.85 16.83 17.71
C1A BCL BA . -3.50 17.04 17.86
C2A BCL BA . -2.87 17.47 16.58
C3A BCL BA . -4.08 17.86 15.71
C4A BCL BA . -5.23 17.27 16.45
CMA BCL BA . -4.23 19.37 15.57
CAA BCL BA . -2.06 16.33 15.96
CBA BCL BA . -1.14 16.90 14.92
CGA BCL BA . -0.52 15.83 14.12
O1A BCL BA . -1.12 15.11 13.45
O2A BCL BA . 0.78 15.75 14.25
NB BCL BA . -7.83 16.54 17.92
C1B BCL BA . -7.72 16.87 16.58
C2B BCL BA . -8.97 16.73 15.92
C3B BCL BA . -9.90 16.34 16.88
C4B BCL BA . -9.14 16.21 18.12
CMB BCL BA . -9.15 16.99 14.44
CAB BCL BA . -11.33 16.09 16.81
OBB BCL BA . -12.07 16.34 17.76
CBB BCL BA . -12.02 15.53 15.57
NC BCL BA . -7.57 15.71 20.75
C1C BCL BA . -8.92 15.57 20.61
C2C BCL BA . -9.62 15.19 21.88
C3C BCL BA . -8.44 14.73 22.74
C4C BCL BA . -7.25 15.39 22.07
CMC BCL BA . -10.34 16.38 22.45
CAC BCL BA . -8.32 13.17 22.86
CBC BCL BA . -8.36 12.47 21.51
ND BCL BA . -4.78 16.10 20.54
C1D BCL BA . -4.74 15.68 21.88
C2D BCL BA . -3.39 15.59 22.35
C3D BCL BA . -2.59 15.97 21.27
C4D BCL BA . -3.45 16.27 20.22
CMD BCL BA . -2.98 15.16 23.73
CAD BCL BA . -1.27 16.16 20.79
OBD BCL BA . -0.17 16.00 21.35
CBD BCL BA . -1.35 16.67 19.32
CGD BCL BA . -0.73 17.98 19.15
O1D BCL BA . -1.22 19.04 19.49
O2D BCL BA . 0.46 17.93 18.58
CED BCL BA . 1.19 19.17 18.44
C1 BCL BA . 1.51 14.74 13.52
C2 BCL BA . 1.65 15.21 12.07
C3 BCL BA . 2.70 15.86 11.61
C4 BCL BA . 3.91 16.27 12.43
C5 BCL BA . 2.81 16.31 10.16
C6 BCL BA . 3.09 17.78 9.92
C7 BCL BA . 1.86 18.65 10.22
C8 BCL BA . 2.27 20.12 10.30
C9 BCL BA . 3.31 20.46 9.22
C10 BCL BA . 2.86 20.35 11.68
C11 BCL BA . 3.52 21.70 11.71
C12 BCL BA . 4.72 21.69 12.65
C13 BCL BA . 5.24 23.10 12.99
C14 BCL BA . 5.82 23.15 14.39
C15 BCL BA . 4.05 24.06 12.96
C16 BCL BA . 4.44 25.50 13.07
C17 BCL BA . 3.27 26.47 12.88
C18 BCL BA . 2.48 26.62 14.15
C19 BCL BA . 1.37 27.66 13.87
C20 BCL BA . 3.36 27.12 15.30
MG BCL CA . 6.91 -5.33 25.32
CHA BCL CA . 7.61 -2.88 22.98
CHB BCL CA . 9.22 -7.31 23.79
CHC BCL CA . 5.68 -8.05 26.96
CHD BCL CA . 3.96 -3.62 26.14
NA BCL CA . 8.18 -5.12 23.58
C1A BCL CA . 8.43 -3.96 22.86
C2A BCL CA . 9.76 -4.05 22.16
C3A BCL CA . 10.14 -5.52 22.30
C4A BCL CA . 9.18 -6.03 23.30
CMA BCL CA . 9.98 -6.29 21.01
CAA BCL CA . 10.81 -3.10 22.72
CBA BCL CA . 12.24 -3.63 22.40
CGA BCL CA . 12.59 -3.77 20.94
O1A BCL CA . 12.16 -3.11 20.09
O2A BCL CA . 13.49 -4.71 20.72
NB BCL CA . 7.41 -7.36 25.42
C1B BCL CA . 8.34 -8.01 24.61
C2B BCL CA . 8.31 -9.39 24.83
C3B BCL CA . 7.28 -9.65 25.74
C4B BCL CA . 6.74 -8.34 26.09
CMB BCL CA . 9.26 -10.35 24.16
CAB BCL CA . 6.79 -10.90 26.31
OBB BCL CA . 6.29 -10.91 27.44
CBB BCL CA . 6.85 -12.23 25.60
NC BCL CA . 5.06 -5.80 26.30
C1C BCL CA . 4.88 -6.91 27.08
C2C BCL CA . 4.00 -6.69 28.24
C3C BCL CA . 3.31 -5.38 27.87
C4C BCL CA . 4.10 -4.89 26.69
CMC BCL CA . 3.07 -7.87 28.41
CAC BCL CA . 3.26 -4.38 29.03
CBC BCL CA . 1.90 -4.39 29.68
ND BCL CA . 5.97 -3.60 24.75
C1D BCL CA . 4.76 -3.01 25.12
C2D BCL CA . 4.50 -1.86 24.35
C3D BCL CA . 5.58 -1.74 23.47
C4D BCL CA . 6.45 -2.78 23.75
CMD BCL CA . 3.28 -0.98 24.50
CAD BCL CA . 6.21 -0.95 22.46
OBD BCL CA . 5.85 0.11 21.92
CBD BCL CA . 7.55 -1.64 22.07
CGD BCL CA . 7.62 -1.96 20.63
O1D BCL CA . 6.87 -2.69 20.01
O2D BCL CA . 8.65 -1.38 20.04
CED BCL CA . 8.83 -1.62 18.62
C1 BCL CA . 13.99 -4.99 19.39
C2 BCL CA . 15.23 -5.85 19.53
C3 BCL CA . 15.37 -6.89 18.72
C4 BCL CA . 14.38 -7.30 17.67
C5 BCL CA . 16.61 -7.81 18.77
C6 BCL CA . 17.40 -7.99 17.47
C7 BCL CA . 18.12 -6.71 17.08
C8 BCL CA . 18.64 -6.78 15.65
C9 BCL CA . 19.92 -7.64 15.56
C10 BCL CA . 18.94 -5.36 15.15
C11 BCL CA . 19.13 -5.38 13.65
C12 BCL CA . 18.00 -4.70 12.90
C13 BCL CA . 18.23 -4.71 11.39
C14 BCL CA . 18.41 -3.32 10.78
C15 BCL CA . 17.01 -5.39 10.76
C16 BCL CA . 15.67 -4.79 11.07
C17 BCL CA . 14.52 -5.63 10.49
C18 BCL CA . 13.16 -5.00 10.72
C19 BCL CA . 12.24 -5.66 9.69
C20 BCL CA . 13.16 -3.49 10.51
C1 A1MBA DA . 1.68 -8.09 19.70
C5 A1MBA DA . 5.95 -9.47 16.28
C4 A1MBA DA . 3.78 -8.55 18.38
C3 A1MBA DA . 2.92 -8.53 19.60
C2 A1MBA DA . 0.93 -7.49 18.54
C6 A1MBA DA . 0.88 -8.18 20.98
C8 A1MBA DA . 5.18 -9.09 18.67
C9 A1MBA DA . 6.16 -8.74 17.57
C10 A1MBA DA . 7.13 -7.85 17.77
C11 A1MBA DA . 8.27 -7.53 16.84
C12 A1MBA DA . 9.64 -7.56 17.52
C13 A1MBA DA . 10.67 -6.90 16.61
C14 A1MBA DA . 10.97 -5.61 16.72
C15 A1MBA DA . 11.93 -4.83 15.87
C16 A1MBA DA . 12.47 -3.57 16.57
C17 A1MBA DA . 13.83 -3.10 16.13
C18 A1MBA DA . 14.26 -1.87 16.46
C19 A1MBA DA . 15.47 -1.21 16.09
C20 A1MBA DA . 15.69 0.12 16.28
C21 A1MBA DA . 16.89 0.78 15.84
C22 A1MBA DA . 17.20 2.07 16.04
C23 A1MBA DA . 18.50 2.68 15.56
C24 A1MBA DA . 18.35 3.73 14.44
C25 A1MBA DA . 19.67 4.31 14.05
C26 A1MBA DA . 19.89 5.39 13.32
C27 A1MBA DA . 21.30 5.84 13.00
C28 A1MBA DA . 21.42 7.02 12.03
C29 A1MBA DA . 22.73 6.93 11.31
C30 A1MBA DA . 23.58 7.90 11.01
C31 A1MBA DA . 24.75 7.64 10.10
C32 A1MBA DA . 25.71 8.78 9.73
C33 A1MBA DA . 26.83 8.18 8.91
C34 A1MBA DA . 27.61 8.72 7.99
C35 A1MBA DA . 28.67 7.93 7.29
C37 A1MBA DA . 11.26 -7.81 15.56
C38 A1MBA DA . 14.62 -4.08 15.31
C39 A1MBA DA . 16.28 3.02 16.77
C40 A1MBA DA . 18.80 6.27 12.78
C41 A1MBA DA . 23.46 9.31 11.52
C42 A1MBA DA . 27.51 10.15 7.56
MG BCL EA . 23.65 -8.27 14.88
CHA BCL EA . 22.77 -5.67 16.99
CHB BCL EA . 24.23 -10.19 17.60
CHC BCL EA . 23.12 -11.06 12.98
CHD BCL EA . 22.87 -6.30 12.15
NA BCL EA . 23.56 -7.92 17.01
C1A BCL EA . 23.12 -6.80 17.68
C2A BCL EA . 22.91 -7.08 19.13
C3A BCL EA . 23.58 -8.45 19.33
C4A BCL EA . 23.79 -8.93 17.93
CMA BCL EA . 24.93 -8.34 20.02
CAA BCL EA . 21.42 -7.09 19.51
CBA BCL EA . 21.16 -7.22 21.01
CGA BCL EA . 19.69 -7.37 21.19
O1A BCL EA . 18.92 -6.69 20.68
O2A BCL EA . 19.29 -8.37 22.00
NB BCL EA . 23.66 -10.31 15.23
C1B BCL EA . 24.01 -10.92 16.43
C2B BCL EA . 24.12 -12.32 16.28
C3B BCL EA . 23.78 -12.62 14.95
C4B BCL EA . 23.51 -11.32 14.32
CMB BCL EA . 24.52 -13.23 17.42
CAB BCL EA . 23.72 -13.90 14.25
OBB BCL EA . 22.94 -14.07 13.31
CBB BCL EA . 24.59 -15.08 14.60
NC BCL EA . 23.04 -8.62 12.87
C1C BCL EA . 23.00 -9.85 12.27
C2C BCL EA . 22.96 -9.76 10.78
C3C BCL EA . 22.46 -8.32 10.59
C4C BCL EA . 22.91 -7.67 11.89
CMC BCL EA . 24.34 -10.04 10.21
CAC BCL EA . 20.92 -8.18 10.35
CBC BCL EA . 20.05 -8.76 11.46
ND BCL EA . 22.90 -6.40 14.59
C1D BCL EA . 22.74 -5.64 13.42
C2D BCL EA . 22.49 -4.29 13.73
C3D BCL EA . 22.48 -4.21 15.14
C4D BCL EA . 22.72 -5.49 15.61
CMD BCL EA . 22.27 -3.19 12.71
CAD BCL EA . 22.33 -3.37 16.28
OBD BCL EA . 22.08 -2.15 16.37
CBD BCL EA . 22.57 -4.25 17.56
CGD BCL EA . 23.71 -3.83 18.38
O1D BCL EA . 24.88 -4.10 18.18
O2D BCL EA . 23.36 -3.11 19.42
CED BCL EA . 24.43 -2.69 20.29
C1 BCL EA . 17.85 -8.58 22.15
C2 BCL EA . 17.34 -8.01 23.49
C3 BCL EA . 16.01 -7.86 23.51
C4 BCL EA . 15.06 -8.20 22.35
C5 BCL EA . 15.24 -7.30 24.71
C6 BCL EA . 13.76 -7.64 24.70
C7 BCL EA . 12.95 -6.73 25.61
C8 BCL EA . 12.20 -7.48 26.70
C9 BCL EA . 12.04 -8.98 26.36
C10 BCL EA . 10.85 -6.81 26.92
C11 BCL EA . 9.88 -7.76 27.57
C12 BCL EA . 9.71 -7.50 29.05
C13 BCL EA . 8.90 -8.59 29.76
C14 BCL EA . 9.14 -8.56 31.26
C15 BCL EA . 9.41 -9.92 29.22
C16 BCL EA . 8.62 -11.08 29.72
C17 BCL EA . 9.41 -12.11 30.54
C18 BCL EA . 9.54 -13.46 29.84
C19 BCL EA . 10.95 -13.53 29.22
C20 BCL EA . 8.48 -13.70 28.76
MG BCL FA . 3.49 3.32 25.19
CHA BCL FA . 6.76 2.55 24.39
CHB BCL FA . 3.76 6.11 23.26
CHC BCL FA . 0.62 4.49 26.53
CHD BCL FA . 3.56 0.83 27.66
NA BCL FA . 5.05 4.14 23.93
C1A BCL FA . 6.38 3.74 23.84
C2A BCL FA . 7.06 4.49 22.76
C3A BCL FA . 6.20 5.77 22.61
C4A BCL FA . 4.93 5.38 23.30
CMA BCL FA . 6.81 7.03 23.26
CAA BCL FA . 7.18 3.69 21.47
CBA BCL FA . 8.20 4.35 20.57
CGA BCL FA . 8.14 3.76 19.21
O1A BCL FA . 7.23 3.82 18.48
O2A BCL FA . 9.23 3.15 18.86
NB BCL FA . 2.41 5.09 25.01
C1B BCL FA . 2.57 6.00 23.98
C2B BCL FA . 1.41 6.77 23.78
C3B BCL FA . 0.46 6.33 24.70
C4B BCL FA . 1.13 5.27 25.47
CMB BCL FA . 1.33 7.86 22.72
CAB BCL FA . -0.92 6.74 24.94
OBB BCL FA . -1.41 6.65 26.07
CBB BCL FA . -1.82 7.29 23.87
NC BCL FA . 2.36 2.84 26.94
C1C BCL FA . 1.08 3.31 27.14
C2C BCL FA . 0.36 2.64 28.24
C3C BCL FA . 1.13 1.32 28.33
C4C BCL FA . 2.45 1.66 27.66
CMC BCL FA . 0.36 3.52 29.47
CAC BCL FA . 0.43 0.10 27.68
CBC BCL FA . -0.01 0.32 26.24
ND BCL FA . 4.86 2.00 25.93
C1D BCL FA . 4.75 0.94 26.85
C2D BCL FA . 5.92 0.15 26.87
C3D BCL FA . 6.77 0.72 25.91
C4D BCL FA . 6.10 1.83 25.39
CMD BCL FA . 6.16 -1.04 27.77
CAD BCL FA . 7.97 0.57 25.15
OBD BCL FA . 8.84 -0.32 25.18
CBD BCL FA . 8.08 1.77 24.17
CGD BCL FA . 9.27 2.57 24.46
O1D BCL FA . 9.34 3.33 25.40
O2D BCL FA . 10.28 2.41 23.61
CED BCL FA . 11.51 3.11 23.84
C1 BCL FA . 9.35 2.51 17.58
C2 BCL FA . 9.63 3.59 16.55
C3 BCL FA . 10.85 3.90 16.15
C4 BCL FA . 12.14 3.27 16.64
C5 BCL FA . 11.08 4.99 15.10
C6 BCL FA . 12.04 6.11 15.51
C7 BCL FA . 11.42 7.04 16.55
C8 BCL FA . 12.50 7.91 17.19
C9 BCL FA . 13.52 8.30 16.13
C10 BCL FA . 13.16 7.07 18.26
C11 BCL FA . 14.42 7.73 18.71
C12 BCL FA . 15.47 6.70 19.15
C13 BCL FA . 16.67 7.32 19.87
C14 BCL FA . 17.25 6.38 20.89
C15 BCL FA . 16.20 8.57 20.60
C16 BCL FA . 17.30 9.33 21.27
C17 BCL FA . 16.82 10.62 21.93
C18 BCL FA . 16.23 10.35 23.30
C19 BCL FA . 15.75 11.69 23.87
C20 BCL FA . 17.28 9.73 24.24
MG BCL GA . 4.29 -20.82 16.28
CHA BCL GA . 6.08 -18.03 15.28
CHB BCL GA . 5.22 -22.33 13.36
CHC BCL GA . 1.95 -23.23 16.76
CHD BCL GA . 2.67 -18.86 18.67
NA BCL GA . 5.43 -20.21 14.55
C1A BCL GA . 6.23 -19.08 14.41
C2A BCL GA . 7.30 -19.28 13.39
C3A BCL GA . 6.91 -20.60 12.71
C4A BCL GA . 5.83 -21.12 13.58
CMA BCL GA . 6.36 -20.37 11.32
CAA BCL GA . 8.71 -19.32 13.99
CBA BCL GA . 9.68 -20.07 13.03
CGA BCL GA . 9.83 -19.51 11.65
O1A BCL GA . 9.72 -18.40 11.36
O2A BCL GA . 10.15 -20.46 10.77
NB BCL GA . 3.72 -22.55 15.26
C1B BCL GA . 4.14 -22.93 14.00
C2B BCL GA . 3.43 -24.05 13.54
C3B BCL GA . 2.46 -24.35 14.50
C4B BCL GA . 2.66 -23.37 15.57
CMB BCL GA . 3.73 -24.74 12.24
CAB BCL GA . 1.44 -25.38 14.56
OBB BCL GA . 1.06 -25.83 15.64
CBB BCL GA . 0.77 -25.98 13.33
NC BCL GA . 2.52 -20.97 17.46
C1C BCL GA . 1.84 -22.15 17.64
C2C BCL GA . 1.23 -22.28 18.98
C3C BCL GA . 1.30 -20.84 19.51
C4C BCL GA . 2.16 -20.13 18.50
CMC BCL GA . -0.17 -22.84 18.86
CAC BCL GA . 1.83 -20.74 20.95
CBC BCL GA . 0.70 -20.64 21.92
ND BCL GA . 4.37 -18.89 16.91
C1D BCL GA . 3.62 -18.17 17.86
C2D BCL GA . 3.96 -16.80 17.85
C3D BCL GA . 4.92 -16.66 16.84
C4D BCL GA . 5.15 -17.93 16.32
CMD BCL GA . 3.36 -15.76 18.75
CAD BCL GA . 5.83 -15.78 16.17
OBD BCL GA . 6.03 -14.56 16.33
CBD BCL GA . 6.61 -16.60 15.11
CGD BCL GA . 6.45 -16.04 13.75
O1D BCL GA . 5.39 -15.91 13.15
O2D BCL GA . 7.59 -15.70 13.19
CED BCL GA . 7.54 -15.15 11.86
C1 BCL GA . 10.35 -20.15 9.38
C2 BCL GA . 10.98 -21.35 8.70
C3 BCL GA . 10.60 -21.65 7.48
C4 BCL GA . 9.54 -20.89 6.69
C5 BCL GA . 11.17 -22.85 6.70
C6 BCL GA . 11.69 -22.58 5.28
C7 BCL GA . 12.96 -21.75 5.30
C8 BCL GA . 13.29 -21.20 3.92
C9 BCL GA . 13.95 -22.26 3.03
C10 BCL GA . 14.22 -20.00 4.06
C11 BCL GA . 14.29 -19.25 2.76
C12 BCL GA . 13.74 -17.82 2.87
C13 BCL GA . 13.83 -17.09 1.52
C14 BCL GA . 14.61 -15.78 1.59
C15 BCL GA . 12.39 -16.79 1.07
C16 BCL GA . 11.56 -15.93 1.98
C17 BCL GA . 10.13 -15.74 1.47
C18 BCL GA . 9.28 -14.90 2.39
C19 BCL GA . 8.09 -14.44 1.55
C20 BCL GA . 10.02 -13.68 2.95
C1 A1MBA HA . -1.85 -17.56 11.92
C5 A1MBA HA . 1.02 -18.36 7.12
C4 A1MBA HA . -0.12 -17.89 10.10
C3 A1MBA HA . -0.90 -18.25 11.32
C2 A1MBA HA . -2.32 -16.24 11.41
C6 A1MBA HA . -2.55 -18.03 13.16
C8 A1MBA HA . 0.64 -19.10 9.53
C9 A1MBA HA . 1.63 -18.72 8.45
C10 A1MBA HA . 2.94 -18.71 8.70
C11 A1MBA HA . 4.04 -18.36 7.74
C12 A1MBA HA . 5.40 -18.90 8.23
C13 A1MBA HA . 6.55 -18.40 7.40
C14 A1MBA HA . 7.54 -17.70 7.96
C15 A1MBA HA . 8.76 -17.13 7.28
C16 A1MBA HA . 9.93 -17.01 8.27
C17 A1MBA HA . 11.26 -16.74 7.58
C18 A1MBA HA . 12.31 -16.20 8.22
C19 A1MBA HA . 13.55 -15.76 7.68
C20 A1MBA HA . 14.56 -15.27 8.43
C21 A1MBA HA . 15.75 -14.74 7.91
C22 A1MBA HA . 16.75 -14.19 8.60
C23 A1MBA HA . 18.08 -14.01 7.90
C24 A1MBA HA . 18.75 -12.63 7.82
C25 A1MBA HA . 20.06 -12.62 7.10
C26 A1MBA HA . 20.85 -11.56 6.93
C27 A1MBA HA . 22.15 -11.64 6.16
C28 A1MBA HA . 22.90 -10.30 6.00
C29 A1MBA HA . 24.11 -10.51 5.14
C30 A1MBA HA . 25.32 -9.95 5.25
C31 A1MBA HA . 26.44 -10.40 4.34
C32 A1MBA HA . 27.37 -9.30 3.79
C33 A1MBA HA . 27.83 -9.65 2.40
C34 A1MBA HA . 28.69 -9.02 1.62
C35 A1MBA HA . 29.06 -9.50 0.25
C37 A1MBA HA . 6.47 -18.72 5.94
C38 A1MBA HA . 11.33 -17.17 6.15
C39 A1MBA HA . 16.67 -13.65 10.00
C40 A1MBA HA . 20.51 -10.21 7.46
C41 A1MBA HA . 25.68 -8.87 6.24
C42 A1MBA HA . 29.40 -7.76 2.03
MG BCL IA . 16.80 -23.80 1.01
CHA BCL IA . 17.45 -22.72 4.24
CHB BCL IA . 16.47 -26.95 2.19
CHC BCL IA . 14.83 -24.56 -1.68
CHD BCL IA . 16.98 -20.53 -0.09
NA BCL IA . 17.00 -24.69 2.96
C1A BCL IA . 17.22 -24.07 4.17
C2A BCL IA . 16.97 -25.01 5.32
C3A BCL IA . 16.86 -26.38 4.63
C4A BCL IA . 16.74 -26.03 3.19
CMA BCL IA . 18.10 -27.24 4.82
CAA BCL IA . 15.71 -24.65 6.11
CBA BCL IA . 15.46 -25.54 7.32
CGA BCL IA . 14.14 -25.16 7.89
O1A BCL IA . 13.82 -24.07 8.09
O2A BCL IA . 13.30 -26.17 8.14
NB BCL IA . 15.78 -25.48 0.36
C1B BCL IA . 15.86 -26.73 0.96
C2B BCL IA . 15.25 -27.72 0.15
C3B BCL IA . 14.75 -27.08 -1.00
C4B BCL IA . 15.11 -25.65 -0.82
CMB BCL IA . 15.22 -29.19 0.53
CAB BCL IA . 14.03 -27.60 -2.16
OBB BCL IA . 13.24 -26.90 -2.80
CBB BCL IA . 14.19 -29.02 -2.66
NC BCL IA . 15.99 -22.70 -0.62
C1C BCL IA . 15.30 -23.23 -1.68
C2C BCL IA . 15.24 -22.33 -2.85
C3C BCL IA . 15.54 -20.97 -2.19
C4C BCL IA . 16.31 -21.39 -0.95
CMC BCL IA . 16.25 -22.75 -3.91
CAC BCL IA . 14.28 -20.11 -1.86
CBC BCL IA . 13.31 -20.78 -0.90
ND BCL IA . 17.08 -21.97 1.87
C1D BCL IA . 17.26 -20.71 1.31
C2D BCL IA . 17.76 -19.78 2.27
C3D BCL IA . 17.85 -20.51 3.47
C4D BCL IA . 17.42 -21.80 3.19
CMD BCL IA . 18.09 -18.34 2.00
CAD BCL IA . 18.22 -20.49 4.85
OBD BCL IA . 18.64 -19.54 5.57
CBD BCL IA . 18.03 -21.92 5.43
CGD BCL IA . 19.26 -22.53 5.94
O1D BCL IA . 20.11 -23.11 5.27
O2D BCL IA . 19.40 -22.43 7.24
CED BCL IA . 20.58 -23.04 7.80
C1 BCL IA . 11.95 -25.86 8.63
C2 BCL IA . 11.90 -25.99 10.17
C3 BCL IA . 10.77 -25.48 10.70
C4 BCL IA . 9.64 -24.81 9.89
C5 BCL IA . 10.48 -25.48 12.18
C6 BCL IA . 9.02 -25.33 12.53
C7 BCL IA . 8.81 -24.70 13.91
C8 BCL IA . 7.77 -25.46 14.73
C9 BCL IA . 6.81 -26.28 13.83
C10 BCL IA . 7.01 -24.45 15.60
C11 BCL IA . 5.70 -25.04 16.07
C12 BCL IA . 5.80 -25.67 17.44
C13 BCL IA . 4.57 -26.50 17.81
C14 BCL IA . 4.82 -27.39 19.01
C15 BCL IA . 4.30 -27.39 16.60
C16 BCL IA . 3.04 -28.18 16.75
C17 BCL IA . 3.22 -29.71 16.69
C18 BCL IA . 2.67 -30.31 15.40
C19 BCL IA . 3.85 -30.55 14.45
C20 BCL IA . 1.59 -29.45 14.73
MG BCL JA . 5.77 -13.13 21.29
CHA BCL JA . 8.14 -14.55 19.24
CHB BCL JA . 7.38 -10.17 20.94
CHC BCL JA . 3.77 -11.80 23.68
CHD BCL JA . 4.78 -16.32 22.29
NA BCL JA . 7.53 -12.52 20.20
C1A BCL JA . 8.37 -13.23 19.41
C2A BCL JA . 9.31 -12.34 18.66
C3A BCL JA . 9.20 -11.00 19.41
C4A BCL JA . 7.97 -11.18 20.21
CMA BCL JA . 10.39 -10.68 20.32
CAA BCL JA . 8.94 -12.19 17.19
CBA BCL JA . 10.14 -11.66 16.44
CGA BCL JA . 9.72 -11.22 15.09
O1A BCL JA . 8.92 -10.27 14.91
O2A BCL JA . 10.36 -11.96 14.18
NB BCL JA . 5.66 -11.28 22.24
C1B BCL JA . 6.31 -10.13 21.83
C2B BCL JA . 5.69 -8.98 22.38
C3B BCL JA . 4.65 -9.42 23.21
C4B BCL JA . 4.66 -10.88 23.08
CMB BCL JA . 6.11 -7.57 22.05
CAB BCL JA . 3.69 -8.73 24.07
OBB BCL JA . 3.25 -9.24 25.10
CBB BCL JA . 3.16 -7.35 23.75
NC BCL JA . 4.57 -13.93 22.86
C1C BCL JA . 3.70 -13.19 23.60
C2C BCL JA . 2.76 -14.03 24.41
C3C BCL JA . 2.80 -15.35 23.62
C4C BCL JA . 4.17 -15.26 22.95
CMC BCL JA . 3.26 -14.13 25.83
CAC BCL JA . 1.59 -15.61 22.67
CBC BCL JA . 1.23 -14.42 21.79
ND BCL JA . 6.37 -15.06 20.95
C1D BCL JA . 5.77 -16.27 21.25
C2D BCL JA . 6.27 -17.32 20.40
C3D BCL JA . 7.23 -16.71 19.59
C4D BCL JA . 7.26 -15.37 19.95
CMD BCL JA . 5.83 -18.75 20.41
CAD BCL JA . 8.17 -16.88 18.53
OBD BCL JA . 8.41 -17.86 17.80
CBD BCL JA . 8.94 -15.53 18.38
CGD BCL JA . 10.39 -15.56 18.57
O1D BCL JA . 10.98 -15.53 19.64
O2D BCL JA . 11.02 -15.64 17.42
CED BCL JA . 12.46 -15.71 17.45
C1 BCL JA . 10.09 -11.74 12.79
C2 BCL JA . 10.83 -10.49 12.36
C3 BCL JA . 12.01 -10.54 11.78
C4 BCL JA . 12.81 -11.78 11.48
C5 BCL JA . 12.73 -9.26 11.35
C6 BCL JA . 14.15 -9.10 11.89
C7 BCL JA . 14.18 -8.78 13.38
C8 BCL JA . 15.58 -8.93 13.94
C9 BCL JA . 16.63 -8.42 12.94
C10 BCL JA . 15.82 -10.41 14.21
C11 BCL JA . 17.27 -10.61 14.58
C12 BCL JA . 17.78 -11.94 14.06
C13 BCL JA . 19.14 -12.36 14.65
C14 BCL JA . 19.25 -13.86 14.81
C15 BCL JA . 19.26 -11.74 16.04
C16 BCL JA . 20.60 -11.92 16.66
C17 BCL JA . 20.79 -11.16 17.97
C18 BCL JA . 20.24 -11.92 19.13
C19 BCL JA . 20.58 -11.12 20.40
C20 BCL JA . 20.86 -13.32 19.23
C1 A1MBA KA . -9.98 -18.78 2.30
C5 A1MBA KA . -8.10 -17.74 -2.95
C4 A1MBA KA . -8.95 -18.58 -0.01
C3 A1MBA KA . -9.62 -19.29 1.12
C2 A1MBA KA . -9.71 -17.35 2.67
C6 A1MBA KA . -10.72 -19.58 3.33
C8 A1MBA KA . -8.71 -19.50 -1.22
C9 A1MBA KA . -7.67 -18.95 -2.17
C10 A1MBA KA . -6.48 -19.53 -2.30
C11 A1MBA KA . -5.41 -19.21 -3.31
C12 A1MBA KA . -4.88 -20.43 -4.08
C13 A1MBA KA . -3.61 -20.10 -4.83
C14 A1MBA KA . -2.42 -20.39 -4.31
C15 A1MBA KA . -1.06 -19.87 -4.74
C16 A1MBA KA . 0.15 -20.52 -4.03
C17 A1MBA KA . 1.30 -20.75 -4.99
C18 A1MBA KA . 2.49 -21.16 -4.53
C19 A1MBA KA . 3.72 -21.37 -5.22
C20 A1MBA KA . 4.89 -21.61 -4.55
C21 A1MBA KA . 6.14 -21.79 -5.21
C22 A1MBA KA . 7.33 -21.99 -4.62
C23 A1MBA KA . 8.63 -22.11 -5.39
C24 A1MBA KA . 9.61 -20.92 -5.19
C25 A1MBA KA . 10.87 -21.11 -5.97
C26 A1MBA KA . 12.05 -20.52 -5.81
C27 A1MBA KA . 13.26 -20.96 -6.60
C28 A1MBA KA . 14.45 -20.00 -6.42
C29 A1MBA KA . 15.25 -19.98 -7.69
C30 A1MBA KA . 16.56 -20.15 -7.86
C31 A1MBA KA . 17.15 -20.24 -9.25
C32 A1MBA KA . 18.61 -19.81 -9.55
C33 A1MBA KA . 18.78 -19.58 -11.02
C34 A1MBA KA . 19.83 -19.17 -11.74
C35 A1MBA KA . 19.74 -19.02 -13.23
C37 A1MBA KA . -3.80 -19.44 -6.16
C38 A1MBA KA . 0.99 -20.52 -6.44
C39 A1MBA KA . 7.46 -22.12 -3.13
C40 A1MBA KA . 12.30 -19.44 -4.80
C41 A1MBA KA . 17.54 -20.26 -6.73
C42 A1MBA KA . 21.18 -18.82 -11.17
MG BCL LA . -6.11 -25.97 2.44
CHA BCL LA . -3.23 -24.05 2.33
CHB BCL LA . -6.19 -25.83 -0.97
CHC BCL LA . -9.33 -27.07 2.45
CHD BCL LA . -6.43 -25.21 5.84
NA BCL LA . -4.90 -25.01 0.91
C1A BCL LA . -3.67 -24.40 1.09
C2A BCL LA . -2.88 -24.40 -0.19
C3A BCL LA . -3.92 -24.81 -1.24
C4A BCL LA . -5.06 -25.29 -0.44
CMA BCL LA . -4.37 -23.63 -2.08
CAA BCL LA . -1.66 -25.33 -0.16
CBA BCL LA . -1.20 -25.71 -1.60
CGA BCL LA . -0.93 -24.56 -2.54
O1A BCL LA . -0.46 -23.55 -2.24
O2A BCL LA . -1.27 -24.86 -3.79
NB BCL LA . -7.53 -26.44 0.98
C1B BCL LA . -7.40 -26.21 -0.40
C2B BCL LA . -8.60 -26.51 -1.07
C3B BCL LA . -9.54 -26.86 -0.10
C4B BCL LA . -8.83 -26.81 1.17
CMB BCL LA . -8.75 -26.42 -2.56
CAB BCL LA . -10.94 -27.26 -0.21
OBB BCL LA . -11.41 -28.12 0.53
CBB BCL LA . -11.88 -26.65 -1.22
NC BCL LA . -7.67 -26.03 3.90
C1C BCL LA . -8.84 -26.72 3.72
C2C BCL LA . -9.38 -27.28 4.96
C3C BCL LA . -8.61 -26.52 6.03
C4C BCL LA . -7.51 -25.85 5.26
CMC BCL LA . -10.89 -27.10 5.00
CAC BCL LA . -8.07 -27.42 7.16
CBC BCL LA . -9.07 -27.50 8.28
ND BCL LA . -5.07 -24.91 3.83
C1D BCL LA . -5.29 -24.64 5.18
C2D BCL LA . -4.31 -23.77 5.70
C3D BCL LA . -3.45 -23.49 4.63
C4D BCL LA . -3.93 -24.20 3.54
CMD BCL LA . -4.25 -23.28 7.13
CAD BCL LA . -2.26 -22.83 4.20
OBD BCL LA . -1.47 -22.10 4.83
CBD BCL LA . -2.04 -23.14 2.69
CGD BCL LA . -1.96 -21.92 1.88
O1D BCL LA . -2.81 -21.06 1.76
O2D BCL LA . -0.81 -21.82 1.23
CED BCL LA . -0.61 -20.66 0.40
C1 BCL LA . -1.08 -23.90 -4.85
C2 BCL LA . -1.07 -24.64 -6.17
C3 BCL LA . -1.67 -24.10 -7.23
C4 BCL LA . -2.39 -22.78 -7.23
C5 BCL LA . -1.68 -24.79 -8.60
C6 BCL LA . -1.06 -24.00 -9.76
C7 BCL LA . 0.42 -23.75 -9.50
C8 BCL LA . 1.04 -22.77 -10.49
C9 BCL LA . 0.97 -23.34 -11.92
C10 BCL LA . 2.49 -22.51 -10.12
C11 BCL LA . 3.05 -21.30 -10.82
C12 BCL LA . 2.63 -19.98 -10.19
C13 BCL LA . 3.15 -18.79 -11.01
C14 BCL LA . 4.58 -18.36 -10.66
C15 BCL LA . 2.19 -17.62 -10.74
C16 BCL LA . 1.96 -17.24 -9.31
C17 BCL LA . 0.92 -16.11 -9.20
C18 BCL LA . 0.63 -15.74 -7.77
C19 BCL LA . -0.29 -14.50 -7.84
C20 BCL LA . 1.88 -15.43 -6.94
MG BCL MA . 2.44 -24.59 -15.49
CHA BCL MA . 3.72 -25.90 -12.56
CHB BCL MA . 0.44 -27.33 -15.74
CHC BCL MA . 0.38 -22.88 -17.63
CHD BCL MA . 4.22 -21.66 -14.95
NA BCL MA . 2.11 -26.33 -14.25
C1A BCL MA . 2.83 -26.75 -13.16
C2A BCL MA . 2.23 -27.98 -12.57
C3A BCL MA . 1.41 -28.55 -13.75
C4A BCL MA . 1.28 -27.38 -14.66
CMA BCL MA . 2.12 -29.67 -14.50
CAA BCL MA . 1.37 -27.64 -11.35
CBA BCL MA . 0.74 -28.85 -10.69
CGA BCL MA . -0.22 -28.40 -9.65
O1A BCL MA . 0.02 -27.60 -8.86
O2A BCL MA . -1.42 -28.95 -9.72
NB BCL MA . 0.68 -25.02 -16.52
C1B BCL MA . 0.05 -26.26 -16.56
C2B BCL MA . -1.00 -26.26 -17.49
C3B BCL MA . -1.07 -24.98 -18.06
C4B BCL MA . 0.02 -24.22 -17.41
CMB BCL MA . -1.86 -27.49 -17.77
CAB BCL MA . -1.95 -24.42 -19.08
OBB BCL MA . -2.26 -23.22 -19.08
CBB BCL MA . -2.54 -25.24 -20.20
NC BCL MA . 2.34 -22.58 -16.19
C1C BCL MA . 1.40 -22.08 -17.06
C2C BCL MA . 1.74 -20.72 -17.55
C3C BCL MA . 2.67 -20.23 -16.44
C4C BCL MA . 3.19 -21.54 -15.85
CMC BCL MA . 2.38 -20.80 -18.93
CAC BCL MA . 2.00 -19.30 -15.37
CBC BCL MA . 0.86 -19.96 -14.62
ND BCL MA . 3.65 -23.87 -14.04
C1D BCL MA . 4.43 -22.71 -13.97
C2D BCL MA . 5.37 -22.77 -12.92
C3D BCL MA . 5.16 -24.02 -12.31
C4D BCL MA . 4.12 -24.64 -13.00
CMD BCL MA . 6.37 -21.69 -12.58
CAD BCL MA . 5.55 -24.92 -11.27
OBD BCL MA . 6.41 -24.79 -10.37
CBD BCL MA . 4.68 -26.21 -11.40
CGD BCL MA . 5.46 -27.44 -11.67
O1D BCL MA . 5.91 -27.79 -12.74
O2D BCL MA . 5.65 -28.17 -10.59
CED BCL MA . 6.40 -29.39 -10.78
C1 BCL MA . -2.48 -28.54 -8.79
C2 BCL MA . -2.39 -29.39 -7.51
C3 BCL MA . -3.14 -28.97 -6.48
C4 BCL MA . -4.06 -27.75 -6.49
C5 BCL MA . -3.15 -29.69 -5.15
C6 BCL MA . -4.46 -29.59 -4.38
C7 BCL MA . -4.31 -29.98 -2.90
C8 BCL MA . -5.66 -30.19 -2.23
C9 BCL MA . -6.80 -29.49 -3.01
C10 BCL MA . -5.62 -29.68 -0.79
C11 BCL MA . -6.99 -29.78 -0.15
C12 BCL MA . -7.34 -31.19 0.27
C13 BCL MA . -8.80 -31.34 0.70
C14 BCL MA . -9.06 -32.63 1.47
C15 BCL MA . -9.63 -31.34 -0.57
C16 BCL MA . -11.11 -31.37 -0.25
C17 BCL MA . -11.98 -32.27 -1.13
C18 BCL MA . -12.59 -31.60 -2.34
C19 BCL MA . -11.66 -31.81 -3.54
C20 BCL MA . -12.84 -30.10 -2.11
MG BCL NA . -0.78 -23.73 9.66
CHA BCL NA . 0.49 -24.58 6.56
CHB BCL NA . 2.09 -22.02 10.27
CHC BCL NA . -1.66 -23.46 12.93
CHD BCL NA . -3.24 -26.20 9.27
NA BCL NA . 1.03 -23.37 8.54
C1A BCL NA . 1.35 -23.80 7.27
C2A BCL NA . 2.56 -23.08 6.77
C3A BCL NA . 3.18 -22.52 8.07
C4A BCL NA . 2.06 -22.58 9.02
CMA BCL NA . 4.29 -23.39 8.64
CAA BCL NA . 2.23 -21.97 5.75
CBA BCL NA . 3.53 -21.73 4.99
CGA BCL NA . 3.34 -20.55 4.14
O1A BCL NA . 3.08 -19.50 4.54
O2A BCL NA . 3.47 -20.79 2.86
NB BCL NA . 0.12 -22.95 11.36
C1B BCL NA . 1.20 -22.08 11.34
C2B BCL NA . 1.26 -21.30 12.51
C3B BCL NA . 0.19 -21.69 13.33
C4B BCL NA . -0.51 -22.74 12.57
CMB BCL NA . 2.33 -20.25 12.75
CAB BCL NA . -0.26 -21.27 14.66
OBB BCL NA . -0.88 -22.04 15.40
CBB BCL NA . -0.02 -19.89 15.20
NC BCL NA . -2.22 -24.71 10.91
C1C BCL NA . -2.40 -24.44 12.24
C2C BCL NA . -3.61 -25.08 12.81
C3C BCL NA . -4.29 -25.65 11.55
C4C BCL NA . -3.15 -25.67 10.55
CMC BCL NA . -3.15 -26.13 13.79
CAC BCL NA . -5.53 -24.84 11.11
CBC BCL NA . -5.27 -23.36 10.88
ND BCL NA . -1.25 -25.18 8.28
C1D BCL NA . -2.37 -26.00 8.14
C2D BCL NA . -2.48 -26.50 6.80
C3D BCL NA . -1.38 -25.99 6.12
C4D BCL NA . -0.66 -25.21 7.04
CMD BCL NA . -3.58 -27.39 6.30
CAD BCL NA . -0.69 -25.87 4.87
OBD BCL NA . -0.96 -26.34 3.75
CBD BCL NA . 0.57 -25.01 5.08
CGD BCL NA . 1.79 -25.76 4.76
O1D BCL NA . 2.30 -26.56 5.52
O2D BCL NA . 2.37 -25.55 3.59
CED BCL NA . 3.62 -26.24 3.36
C1 BCL NA . 3.26 -19.71 1.92
C2 BCL NA . 4.53 -18.88 1.90
C3 BCL NA . 5.50 -19.06 1.02
C4 BCL NA . 5.51 -20.08 -0.09
C5 BCL NA . 6.75 -18.20 1.05
C6 BCL NA . 8.07 -18.98 1.14
C7 BCL NA . 8.27 -19.63 2.52
C8 BCL NA . 9.41 -20.64 2.49
C9 BCL NA . 10.55 -20.06 1.65
C10 BCL NA . 8.91 -21.93 1.87
C11 BCL NA . 10.09 -22.84 1.72
C12 BCL NA . 9.93 -23.76 0.52
C13 BCL NA . 11.03 -24.82 0.42
C14 BCL NA . 10.53 -26.09 -0.25
C15 BCL NA . 11.51 -25.19 1.83
C16 BCL NA . 12.52 -26.28 1.86
C17 BCL NA . 13.05 -26.58 3.26
C18 BCL NA . 12.22 -27.62 3.95
C19 BCL NA . 12.94 -27.95 5.26
C20 BCL NA . 12.08 -28.87 3.10
MG BCL OA . -18.31 -17.76 -8.17
CHA BCL OA . -14.86 -17.49 -8.28
CHB BCL OA . -18.45 -15.72 -10.90
CHC BCL OA . -21.63 -17.30 -7.65
CHD BCL OA . -18.05 -19.00 -4.91
NA BCL OA . -16.85 -16.71 -9.36
C1A BCL OA . -15.47 -16.87 -9.34
C2A BCL OA . -14.85 -16.48 -10.64
C3A BCL OA . -15.99 -15.76 -11.37
C4A BCL OA . -17.18 -16.10 -10.56
CMA BCL OA . -15.80 -14.25 -11.38
CAA BCL OA . -14.27 -17.66 -11.43
CBA BCL OA . -14.12 -17.30 -12.93
CGA BCL OA . -13.34 -16.07 -13.27
O1A BCL OA . -12.42 -15.68 -12.70
O2A BCL OA . -13.83 -15.46 -14.34
NB BCL OA . -19.83 -16.73 -9.16
C1B BCL OA . -19.66 -15.85 -10.22
C2B BCL OA . -20.87 -15.20 -10.53
C3B BCL OA . -21.83 -15.63 -9.60
C4B BCL OA . -21.13 -16.58 -8.75
CMB BCL OA . -21.03 -14.25 -11.69
CAB BCL OA . -23.22 -15.29 -9.44
OBB BCL OA . -24.04 -16.14 -9.07
CBB BCL OA . -23.78 -13.91 -9.70
NC BCL OA . -19.62 -18.01 -6.50
C1C BCL OA . -20.98 -17.94 -6.59
C2C BCL OA . -21.69 -18.83 -5.66
C3C BCL OA . -20.58 -19.21 -4.67
C4C BCL OA . -19.33 -18.71 -5.34
CMC BCL OA . -22.87 -18.11 -5.03
CAC BCL OA . -20.52 -20.71 -4.35
CBC BCL OA . -21.38 -21.05 -3.16
ND BCL OA . -16.81 -18.21 -6.86
C1D BCL OA . -16.81 -18.68 -5.55
C2D BCL OA . -15.50 -18.72 -5.01
C3D BCL OA . -14.67 -18.26 -6.04
C4D BCL OA . -15.49 -17.98 -7.13
CMD BCL OA . -15.15 -19.19 -3.63
CAD BCL OA . -13.33 -18.03 -6.47
OBD BCL OA . -12.26 -18.17 -5.86
CBD BCL OA . -13.36 -17.49 -7.93
CGD BCL OA . -12.70 -16.19 -8.06
O1D BCL OA . -13.01 -15.16 -7.48
O2D BCL OA . -11.69 -16.20 -8.90
CED BCL OA . -10.96 -14.98 -9.09
C1 BCL OA . -13.22 -14.24 -14.84
C2 BCL OA . -13.66 -14.03 -16.27
C3 BCL OA . -13.92 -12.80 -16.69
C4 BCL OA . -13.84 -11.56 -15.84
C5 BCL OA . -14.36 -12.50 -18.13
C6 BCL OA . -13.49 -11.52 -18.91
C7 BCL OA . -12.07 -12.06 -19.08
C8 BCL OA . -11.10 -11.04 -19.65
C9 BCL OA . -11.52 -10.65 -21.09
C10 BCL OA . -9.69 -11.62 -19.68
C11 BCL OA . -8.64 -10.55 -19.87
C12 BCL OA . -8.27 -9.82 -18.58
C13 BCL OA . -7.27 -8.70 -18.86
C14 BCL OA . -5.81 -9.14 -18.78
C15 BCL OA . -7.52 -7.62 -17.80
C16 BCL OA . -7.44 -8.02 -16.35
C17 BCL OA . -7.80 -6.85 -15.42
C18 BCL OA . -7.77 -7.25 -13.96
C19 BCL OA . -7.96 -5.93 -13.19
C20 BCL OA . -6.46 -7.92 -13.55
C1 A1MBA PA . -17.99 -10.94 -3.69
C5 A1MBA PA . -16.22 -7.93 -8.08
C4 A1MBA PA . -17.07 -10.04 -5.87
C3 A1MBA PA . -18.01 -10.83 -5.01
C2 A1MBA PA . -16.98 -10.22 -2.84
C6 A1MBA PA . -18.95 -11.81 -2.94
C8 A1MBA PA . -17.47 -10.03 -7.34
C9 A1MBA PA . -16.38 -9.43 -8.20
C10 A1MBA PA . -15.66 -10.21 -8.98
C11 A1MBA PA . -14.59 -9.83 -9.96
C12 A1MBA PA . -14.64 -10.71 -11.22
C13 A1MBA PA . -13.41 -10.51 -12.07
C14 A1MBA PA . -12.40 -11.38 -12.03
C15 A1MBA PA . -11.12 -11.34 -12.80
C16 A1MBA PA . -10.62 -12.75 -13.13
C17 A1MBA PA . -9.66 -12.78 -14.28
C18 A1MBA PA . -8.80 -13.81 -14.42
C19 A1MBA PA . -7.81 -14.01 -15.42
C20 A1MBA PA . -6.93 -15.04 -15.39
C21 A1MBA PA . -5.93 -15.26 -16.39
C22 A1MBA PA . -5.00 -16.23 -16.41
C23 A1MBA PA . -3.99 -16.36 -17.53
C24 A1MBA PA . -2.53 -16.12 -17.10
C25 A1MBA PA . -1.58 -16.41 -18.23
C26 A1MBA PA . -0.25 -16.46 -18.18
C27 A1MBA PA . 0.57 -16.78 -19.41
C28 A1MBA PA . 2.09 -16.62 -19.22
C29 A1MBA PA . 2.75 -16.24 -20.51
C30 A1MBA PA . 3.80 -16.80 -21.10
C31 A1MBA PA . 4.34 -16.21 -22.38
C32 A1MBA PA . 5.71 -16.49 -23.05
C33 A1MBA PA . 5.93 -15.59 -24.23
C34 A1MBA PA . 7.05 -15.25 -24.84
C35 A1MBA PA . 8.42 -15.74 -24.43
C37 A1MBA PA . -13.42 -9.28 -12.93
C38 A1MBA PA . -9.74 -11.62 -15.23
C39 A1MBA PA . -4.91 -17.26 -15.32
C40 A1MBA PA . 0.56 -16.17 -16.94
C41 A1MBA PA . 4.48 -18.05 -20.62
C42 A1MBA PA . 7.06 -14.33 -26.01
MG BCL QA . -11.00 -10.13 -25.07
CHA BCL QA . -10.43 -13.24 -23.64
CHB BCL QA . -14.10 -11.18 -25.95
CHC BCL QA . -12.03 -6.87 -25.32
CHD BCL QA . -7.97 -9.02 -23.78
NA BCL QA . -12.09 -11.97 -24.80
C1A BCL QA . -11.66 -13.16 -24.24
C2A BCL QA . -12.78 -14.13 -24.13
C3A BCL QA . -13.83 -13.56 -25.10
C4A BCL QA . -13.37 -12.16 -25.30
CMA BCL QA . -13.85 -14.28 -26.45
CAA BCL QA . -13.29 -14.23 -22.68
CBA BCL QA . -14.37 -15.29 -22.47
CGA BCL QA . -15.00 -15.06 -21.17
O1A BCL QA . -14.29 -15.09 -20.20
O2A BCL QA . -16.32 -14.93 -21.10
NB BCL QA . -12.79 -9.16 -25.54
C1B BCL QA . -13.95 -9.79 -25.98
C2B BCL QA . -14.90 -8.86 -26.44
C3B BCL QA . -14.34 -7.58 -26.27
C4B BCL QA . -13.00 -7.82 -25.69
CMB BCL QA . -16.25 -9.27 -26.98
CAB BCL QA . -14.87 -6.26 -26.58
OBB BCL QA . -14.52 -5.25 -25.93
CBB BCL QA . -15.86 -5.99 -27.69
NC BCL QA . -10.13 -8.23 -24.61
C1C BCL QA . -10.72 -7.01 -24.85
C2C BCL QA . -9.77 -5.88 -24.69
C3C BCL QA . -8.64 -6.53 -23.86
C4C BCL QA . -8.84 -8.01 -24.15
CMC BCL QA . -9.33 -5.36 -26.05
CAC BCL QA . -8.68 -6.21 -22.33
CBC BCL QA . -9.96 -6.63 -21.64
ND BCL QA . -9.52 -10.91 -23.90
C1D BCL QA . -8.28 -10.41 -23.53
C2D BCL QA . -7.45 -11.43 -23.00
C3D BCL QA . -8.24 -12.59 -23.00
C4D BCL QA . -9.48 -12.22 -23.53
CMD BCL QA . -6.02 -11.24 -22.52
CAD BCL QA . -8.31 -13.98 -22.71
OBD BCL QA . -7.46 -14.76 -22.22
CBD BCL QA . -9.71 -14.50 -23.12
CGD BCL QA . -9.67 -15.54 -24.16
O1D BCL QA . -9.52 -15.35 -25.35
O2D BCL QA . -9.82 -16.76 -23.70
CED BCL QA . -9.83 -17.79 -24.71
C1 BCL QA . -16.94 -14.70 -19.81
C2 BCL QA . -17.20 -16.06 -19.14
C3 BCL QA . -17.70 -16.04 -17.90
C4 BCL QA . -18.03 -14.77 -17.11
C5 BCL QA . -18.00 -17.30 -17.11
C6 BCL QA . -19.08 -17.16 -16.05
C7 BCL QA . -19.08 -18.32 -15.06
C8 BCL QA . -20.33 -18.35 -14.17
C9 BCL QA . -21.06 -16.99 -14.19
C10 BCL QA . -19.95 -18.73 -12.74
C11 BCL QA . -21.14 -18.64 -11.82
C12 BCL QA . -22.04 -19.87 -11.93
C13 BCL QA . -23.38 -19.66 -11.21
C14 BCL QA . -24.20 -20.95 -11.12
C15 BCL QA . -24.17 -18.65 -12.04
C16 BCL QA . -25.44 -18.25 -11.34
C17 BCL QA . -26.68 -18.07 -12.22
C18 BCL QA . -26.90 -16.64 -12.73
C19 BCL QA . -26.24 -16.50 -14.11
C20 BCL QA . -26.38 -15.59 -11.76
MG BCL RA . -12.27 -22.33 -2.85
CHA BCL RA . -11.71 -21.76 -6.21
CHB BCL RA . -8.91 -22.56 -2.43
CHC BCL RA . -12.79 -23.56 0.30
CHD BCL RA . -15.64 -22.81 -3.56
NA BCL RA . -10.55 -22.19 -4.16
C1A BCL RA . -10.55 -21.84 -5.50
C2A BCL RA . -9.16 -21.61 -5.99
C3A BCL RA . -8.29 -22.14 -4.83
C4A BCL RA . -9.25 -22.14 -3.68
CMA BCL RA . -7.73 -23.55 -5.08
CAA BCL RA . -8.96 -20.11 -6.27
CBA BCL RA . -7.60 -19.84 -6.88
CGA BCL RA . -7.30 -18.43 -7.08
O1A BCL RA . -6.98 -17.78 -6.22
O2A BCL RA . -7.42 -18.09 -8.32
NB BCL RA . -11.05 -23.06 -1.33
C1B BCL RA . -9.67 -22.90 -1.30
C2B BCL RA . -9.17 -23.06 0.01
C3B BCL RA . -10.26 -23.37 0.82
C4B BCL RA . -11.43 -23.36 -0.05
CMB BCL RA . -7.70 -22.89 0.35
CAB BCL RA . -10.35 -23.62 2.23
OBB BCL RA . -11.22 -24.38 2.70
CBB BCL RA . -9.40 -22.98 3.20
NC BCL RA . -13.96 -23.12 -1.82
C1C BCL RA . -13.96 -23.49 -0.49
C2C BCL RA . -15.31 -23.90 -0.01
C3C BCL RA . -16.22 -23.39 -1.14
C4C BCL RA . -15.25 -23.18 -2.28
CMC BCL RA . -15.36 -25.39 0.20
CAC BCL RA . -17.00 -22.11 -0.77
CBC BCL RA . -16.06 -21.08 -0.25
ND BCL RA . -13.45 -22.38 -4.52
C1D BCL RA . -14.83 -22.45 -4.68
C2D BCL RA . -15.24 -22.06 -5.99
C3D BCL RA . -14.05 -21.80 -6.67
C4D BCL RA . -13.01 -21.99 -5.75
CMD BCL RA . -16.66 -21.99 -6.46
CAD BCL RA . -13.46 -21.31 -7.86
OBD BCL RA . -13.99 -20.91 -8.93
CBD BCL RA . -11.92 -21.29 -7.67
CGD BCL RA . -11.25 -22.15 -8.65
O1D BCL RA . -11.15 -23.35 -8.58
O2D BCL RA . -10.72 -21.49 -9.65
CED BCL RA . -10.06 -22.27 -10.65
C1 BCL RA . -7.17 -16.71 -8.63
C2 BCL RA . -5.67 -16.54 -8.70
C3 BCL RA . -5.01 -16.60 -9.84
C4 BCL RA . -5.61 -16.87 -11.20
C5 BCL RA . -3.51 -16.43 -9.90
C6 BCL RA . -2.75 -17.61 -10.52
C7 BCL RA . -2.95 -18.94 -9.76
C8 BCL RA . -2.44 -20.13 -10.56
C9 BCL RA . -1.01 -19.82 -11.07
C10 BCL RA . -3.46 -20.40 -11.65
C11 BCL RA . -2.89 -21.49 -12.49
C12 BCL RA . -3.71 -21.63 -13.75
C13 BCL RA . -3.23 -22.77 -14.64
C14 BCL RA . -4.12 -22.97 -15.86
C15 BCL RA . -3.26 -24.05 -13.80
C16 BCL RA . -2.79 -25.25 -14.60
C17 BCL RA . -2.50 -26.47 -13.73
C18 BCL RA . -3.77 -27.24 -13.42
C19 BCL RA . -3.33 -28.48 -12.63
C20 BCL RA . -4.52 -27.65 -14.70
C1 A1MBA SA . -21.17 1.28 -2.51
C5 A1MBA SA . -18.21 5.18 -5.39
C4 A1MBA SA . -19.96 2.81 -4.14
C3 A1MBA SA . -21.16 2.14 -3.53
C2 A1MBA SA . -19.91 0.85 -1.82
C6 A1MBA SA . -22.43 0.67 -1.97
C8 A1MBA SA . -20.36 3.84 -5.21
C9 A1MBA SA . -19.20 4.28 -6.07
C10 A1MBA SA . -19.08 3.87 -7.32
C11 A1MBA SA . -17.99 4.22 -8.31
C12 A1MBA SA . -18.52 4.45 -9.74
C13 A1MBA SA . -17.43 4.65 -10.77
C14 A1MBA SA . -17.15 3.69 -11.65
C15 A1MBA SA . -15.90 3.49 -12.45
C16 A1MBA SA . -15.90 2.20 -13.32
C17 A1MBA SA . -15.30 2.51 -14.67
C18 A1MBA SA . -15.11 1.54 -15.58
C19 A1MBA SA . -14.50 1.57 -16.87
C20 A1MBA SA . -14.20 0.43 -17.56
C21 A1MBA SA . -13.54 0.42 -18.83
C22 A1MBA SA . -13.20 -0.65 -19.57
C23 A1MBA SA . -12.44 -0.57 -20.88
C24 A1MBA SA . -11.02 -1.19 -20.87
C25 A1MBA SA . -10.32 -1.00 -22.20
C26 A1MBA SA . -9.24 -1.61 -22.66
C27 A1MBA SA . -8.74 -1.32 -24.06
C28 A1MBA SA . -7.47 -2.11 -24.45
C29 A1MBA SA . -6.66 -1.39 -25.49
C30 A1MBA SA . -6.02 -1.90 -26.54
C31 A1MBA SA . -5.30 -1.01 -27.54
C32 A1MBA SA . -4.23 -1.54 -28.53
C33 A1MBA SA . -3.65 -0.35 -29.25
C34 A1MBA SA . -2.53 -0.08 -29.91
C35 A1MBA SA . -2.24 1.29 -30.46
C37 A1MBA SA . -16.74 5.98 -10.72
C38 A1MBA SA . -14.99 3.95 -14.92
C39 A1MBA SA . -13.58 -2.04 -19.14
C40 A1MBA SA . -8.44 -2.63 -21.89
C41 A1MBA SA . -5.97 -3.37 -26.84
C42 A1MBA SA . -1.45 -1.09 -30.17
MG BCL TA . -25.11 -0.97 -9.28
CHA BCL TA . -22.00 -2.12 -10.33
CHB BCL TA . -24.28 2.09 -10.53
CHC BCL TA . -27.70 0.41 -7.60
CHD BCL TA . -25.40 -3.81 -7.25
NA BCL TA . -23.35 -0.15 -10.23
C1A BCL TA . -22.25 -0.82 -10.72
C2A BCL TA . -21.56 -0.05 -11.80
C3A BCL TA . -22.23 1.32 -11.73
C4A BCL TA . -23.37 1.12 -10.81
CMA BCL TA . -21.30 2.38 -11.13
CAA BCL TA . -21.69 -0.69 -13.20
CBA BCL TA . -21.48 0.38 -14.31
CGA BCL TA . -20.18 1.13 -14.29
O1A BCL TA . -19.17 0.70 -13.93
O2A BCL TA . -20.28 2.36 -14.77
NB BCL TA . -25.92 0.93 -9.14
C1B BCL TA . -25.35 2.10 -9.64
C2B BCL TA . -26.06 3.24 -9.20
C3B BCL TA . -27.08 2.79 -8.34
C4B BCL TA . -26.94 1.34 -8.33
CMB BCL TA . -25.74 4.64 -9.65
CAB BCL TA . -28.10 3.51 -7.60
OBB BCL TA . -29.19 2.99 -7.40
CBB BCL TA . -27.92 4.91 -7.05
NC BCL TA . -26.30 -1.57 -7.61
C1C BCL TA . -27.44 -0.92 -7.23
C2C BCL TA . -28.48 -1.81 -6.68
C3C BCL TA . -27.69 -3.07 -6.40
C4C BCL TA . -26.37 -2.84 -7.07
CMC BCL TA . -29.11 -1.16 -5.45
CAC BCL TA . -28.39 -4.35 -6.90
CBC BCL TA . -29.07 -5.05 -5.76
ND BCL TA . -24.00 -2.65 -8.88
C1D BCL TA . -24.19 -3.73 -8.01
C2D BCL TA . -23.06 -4.58 -8.00
C3D BCL TA . -22.14 -4.01 -8.89
C4D BCL TA . -22.75 -2.86 -9.41
CMD BCL TA . -22.94 -5.84 -7.18
CAD BCL TA . -20.88 -4.14 -9.55
OBD BCL TA . -20.01 -5.02 -9.45
CBD BCL TA . -20.70 -2.92 -10.50
CGD BCL TA . -19.49 -2.15 -10.21
O1D BCL TA . -19.21 -1.60 -9.16
O2D BCL TA . -18.66 -2.10 -11.24
CED BCL TA . -17.44 -1.36 -11.07
C1 BCL TA . -19.12 3.22 -14.86
C2 BCL TA . -19.46 4.39 -15.78
C3 BCL TA . -19.10 5.61 -15.43
C4 BCL TA . -18.38 5.96 -14.15
C5 BCL TA . -19.40 6.84 -16.30
C6 BCL TA . -18.18 7.66 -16.76
C7 BCL TA . -17.30 6.84 -17.71
C8 BCL TA . -15.96 7.52 -17.95
C9 BCL TA . -16.13 8.79 -18.79
C10 BCL TA . -15.02 6.55 -18.66
C11 BCL TA . -13.59 7.05 -18.64
C12 BCL TA . -12.78 6.50 -17.46
C13 BCL TA . -11.37 7.09 -17.44
C14 BCL TA . -10.30 6.16 -18.00
C15 BCL TA . -11.05 7.42 -15.98
C16 BCL TA . -11.20 6.31 -14.99
C17 BCL TA . -10.93 6.80 -13.56
C18 BCL TA . -11.03 5.69 -12.53
C19 BCL TA . -10.35 6.25 -11.27
C20 BCL TA . -10.34 4.40 -12.97
MG BCL UA . -15.61 11.08 -21.96
CHA BCL UA . -16.65 7.83 -22.42
CHB BCL UA . -18.82 12.07 -22.34
CHC BCL UA . -14.85 14.00 -20.38
CHD BCL UA . -12.39 9.96 -21.34
NA BCL UA . -17.45 10.05 -22.38
C1A BCL UA . -17.68 8.70 -22.47
C2A BCL UA . -19.14 8.40 -22.44
C3A BCL UA . -19.80 9.76 -22.63
C4A BCL UA . -18.67 10.71 -22.42
CMA BCL UA . -20.37 9.91 -24.02
CAA BCL UA . -19.57 7.73 -21.12
CBA BCL UA . -21.04 7.32 -21.03
CGA BCL UA . -21.29 6.80 -19.65
O1A BCL UA . -20.60 6.10 -19.13
O2A BCL UA . -22.44 7.25 -19.11
NB BCL UA . -16.66 12.78 -21.41
C1B BCL UA . -18.00 13.02 -21.72
C2B BCL UA . -18.36 14.33 -21.35
C3B BCL UA . -17.25 14.93 -20.76
C4B BCL UA . -16.18 13.91 -20.83
CMB BCL UA . -19.75 14.89 -21.62
CAB BCL UA . -17.05 16.25 -20.17
OBB BCL UA . -16.27 16.43 -19.24
CBB BCL UA . -17.80 17.48 -20.64
NC BCL UA . -13.92 11.80 -20.89
C1C BCL UA . -13.77 13.10 -20.50
C2C BCL UA . -12.38 13.46 -20.17
C3C BCL UA . -11.71 12.08 -20.13
C4C BCL UA . -12.65 11.26 -20.97
CMC BCL UA . -11.85 14.40 -21.23
CAC BCL UA . -11.52 11.43 -18.71
CBC BCL UA . -12.81 11.30 -17.90
ND BCL UA . -14.69 9.27 -21.83
C1D BCL UA . -13.34 8.94 -21.71
C2D BCL UA . -13.12 7.58 -22.02
C3D BCL UA . -14.39 7.06 -22.31
C4D BCL UA . -15.29 8.11 -22.17
CMD BCL UA . -11.78 6.87 -22.01
CAD BCL UA . -15.16 5.91 -22.66
OBD BCL UA . -14.81 4.74 -22.77
CBD BCL UA . -16.64 6.38 -22.91
CGD BCL UA . -17.21 6.21 -24.28
O1D BCL UA . -17.13 6.93 -25.26
O2D BCL UA . -17.90 5.08 -24.27
CED BCL UA . -18.49 4.51 -25.45
C1 BCL UA . -22.77 6.85 -17.74
C2 BCL UA . -23.81 5.68 -17.69
C3 BCL UA . -23.82 5.15 -16.41
C4 BCL UA . -22.97 5.61 -15.25
C5 BCL UA . -24.68 4.00 -15.97
C6 BCL UA . -24.40 3.28 -14.68
C7 BCL UA . -25.51 2.25 -14.63
C8 BCL UA . -26.84 2.30 -13.88
C9 BCL UA . -26.81 3.59 -13.12
C10 BCL UA . -26.90 1.16 -12.88
C11 BCL UA . -27.93 1.48 -11.79
C12 BCL UA . -29.29 0.90 -12.09
C13 BCL UA . -30.34 1.27 -11.02
C14 BCL UA . -31.73 0.74 -11.38
C15 BCL UA . -30.39 2.80 -10.98
C16 BCL UA . -31.33 3.28 -9.89
C17 BCL UA . -32.41 4.26 -10.35
C18 BCL UA . -32.16 5.70 -9.89
C19 BCL UA . -31.54 6.46 -11.06
C20 BCL UA . -31.27 5.78 -8.64
MG BCL VA . -21.99 -9.72 -8.91
CHA BCL VA . -21.36 -7.61 -11.56
CHB BCL VA . -19.22 -11.51 -9.77
CHC BCL VA . -22.92 -12.17 -6.75
CHD BCL VA . -25.23 -8.38 -8.70
NA BCL VA . -20.51 -9.55 -10.47
C1A BCL VA . -20.41 -8.60 -11.46
C2A BCL VA . -19.11 -8.69 -12.17
C3A BCL VA . -18.56 -10.06 -11.74
C4A BCL VA . -19.42 -10.41 -10.58
CMA BCL VA . -18.66 -11.11 -12.83
CAA BCL VA . -18.19 -7.54 -11.78
CBA BCL VA . -16.96 -7.56 -12.64
CGA BCL VA . -15.98 -6.55 -12.20
O1A BCL VA . -15.31 -6.66 -11.27
O2A BCL VA . -15.95 -5.51 -12.97
NB BCL VA . -21.25 -11.60 -8.42
C1B BCL VA . -19.98 -12.05 -8.73
C2B BCL VA . -19.56 -13.08 -7.85
C3B BCL VA . -20.62 -13.32 -6.97
C4B BCL VA . -21.66 -12.36 -7.35
CMB BCL VA . -18.20 -13.73 -7.94
CAB BCL VA . -20.79 -14.27 -5.89
OBB BCL VA . -21.90 -14.73 -5.60
CBB BCL VA . -19.64 -14.76 -5.02
NC BCL VA . -23.82 -10.21 -7.91
C1C BCL VA . -23.94 -11.22 -6.99
C2C BCL VA . -25.28 -11.28 -6.35
C3C BCL VA . -25.84 -9.89 -6.70
C4C BCL VA . -25.00 -9.49 -7.90
CMC BCL VA . -26.08 -12.44 -6.90
CAC BCL VA . -25.76 -8.86 -5.53
CBC BCL VA . -24.36 -8.68 -4.98
ND BCL VA . -23.13 -8.37 -9.95
C1D BCL VA . -24.37 -7.77 -9.66
C2D BCL VA . -24.55 -6.58 -10.42
C3D BCL VA . -23.40 -6.45 -11.19
C4D BCL VA . -22.59 -7.54 -10.90
CMD BCL VA . -25.77 -5.68 -10.35
CAD BCL VA . -22.72 -5.67 -12.17
OBD BCL VA . -23.03 -4.60 -12.73
CBD BCL VA . -21.37 -6.39 -12.50
CGD BCL VA . -21.27 -6.74 -13.92
O1D BCL VA . -21.83 -7.69 -14.44
O2D BCL VA . -20.51 -5.92 -14.61
CED BCL VA . -20.38 -6.19 -16.02
C1 BCL VA . -15.04 -4.41 -12.65
C2 BCL VA . -13.66 -4.81 -13.12
C3 BCL VA . -13.17 -4.50 -14.30
C4 BCL VA . -13.89 -3.71 -15.38
C5 BCL VA . -11.77 -4.93 -14.71
C6 BCL VA . -11.70 -5.76 -15.99
C7 BCL VA . -12.44 -7.09 -15.83
C8 BCL VA . -12.67 -7.75 -17.17
C9 BCL VA . -11.39 -7.72 -18.02
C10 BCL VA . -13.78 -6.98 -17.90
C11 BCL VA . -13.92 -7.46 -19.32
C12 BCL VA . -14.78 -6.51 -20.15
C13 BCL VA . -14.95 -6.99 -21.59
C14 BCL VA . -15.91 -6.10 -22.37
C15 BCL VA . -15.53 -8.40 -21.56
C16 BCL VA . -15.74 -8.96 -22.94
C17 BCL VA . -16.08 -10.45 -22.97
C18 BCL VA . -17.53 -10.71 -22.65
C19 BCL VA . -17.73 -12.23 -22.71
C20 BCL VA . -18.47 -10.02 -23.64
#